data_2M4E
#
_entry.id   2M4E
#
_entity_poly.entity_id   1
_entity_poly.type   'polypeptide(L)'
_entity_poly.pdbx_seq_one_letter_code
;MHHHHHHSSGVDLGTENLYFQSNAMSKTAKLNNEEKLVKKALEIGGKMAKMQGFDLPQSPQPVRVKAVYLFLVDAKQIAP
LPDSKLDGANIKHRLALWIHAALPDNDPLK
;
_entity_poly.pdbx_strand_id   A
#
# COMPACT_ATOMS: atom_id res chain seq x y z
N MET A 25 -3.65 4.06 -22.45
CA MET A 25 -2.81 4.22 -21.25
C MET A 25 -1.91 2.99 -21.07
N SER A 26 -0.62 3.13 -21.43
CA SER A 26 0.40 2.11 -21.14
C SER A 26 0.84 2.22 -19.66
N LYS A 27 1.20 1.08 -19.06
CA LYS A 27 1.59 1.00 -17.63
C LYS A 27 2.92 1.77 -17.39
N THR A 28 2.82 2.87 -16.63
CA THR A 28 3.93 3.79 -16.37
C THR A 28 5.00 3.15 -15.46
N ALA A 29 6.26 3.11 -15.98
CA ALA A 29 7.48 2.73 -15.25
C ALA A 29 7.53 1.24 -14.87
N LYS A 30 8.70 0.82 -14.33
CA LYS A 30 8.93 -0.57 -13.85
C LYS A 30 8.90 -0.60 -12.31
N LEU A 31 8.62 -1.80 -11.77
CA LEU A 31 8.48 -2.05 -10.31
C LEU A 31 9.48 -3.15 -9.92
N ASN A 32 10.62 -2.73 -9.30
CA ASN A 32 11.75 -3.63 -9.01
C ASN A 32 11.58 -4.30 -7.63
N ASN A 33 12.13 -3.68 -6.56
CA ASN A 33 12.01 -4.21 -5.19
C ASN A 33 10.68 -3.74 -4.59
N GLU A 34 9.65 -4.61 -4.70
CA GLU A 34 8.28 -4.36 -4.19
C GLU A 34 8.31 -3.91 -2.72
N GLU A 35 9.24 -4.49 -1.96
CA GLU A 35 9.41 -4.26 -0.51
C GLU A 35 9.45 -2.74 -0.15
N LYS A 36 10.16 -1.95 -0.97
CA LYS A 36 10.33 -0.50 -0.73
C LYS A 36 9.00 0.25 -0.96
N LEU A 37 8.24 -0.23 -1.95
CA LEU A 37 6.93 0.34 -2.32
C LEU A 37 5.87 0.01 -1.23
N VAL A 38 5.98 -1.20 -0.66
CA VAL A 38 5.13 -1.64 0.46
C VAL A 38 5.34 -0.73 1.67
N LYS A 39 6.64 -0.52 2.02
CA LYS A 39 7.07 0.35 3.14
C LYS A 39 6.58 1.80 2.93
N LYS A 40 6.69 2.29 1.69
CA LYS A 40 6.28 3.67 1.34
C LYS A 40 4.76 3.82 1.42
N ALA A 41 4.04 2.71 1.16
CA ALA A 41 2.58 2.67 1.31
C ALA A 41 2.18 2.59 2.80
N LEU A 42 3.07 2.01 3.64
CA LEU A 42 2.90 2.02 5.11
C LEU A 42 3.09 3.46 5.63
N GLU A 43 4.01 4.20 4.98
CA GLU A 43 4.30 5.61 5.29
C GLU A 43 3.11 6.51 4.92
N ILE A 44 2.72 6.50 3.63
CA ILE A 44 1.68 7.39 3.09
C ILE A 44 0.30 6.96 3.64
N GLY A 45 -0.01 5.65 3.53
CA GLY A 45 -1.27 5.11 4.04
C GLY A 45 -1.40 5.22 5.56
N GLY A 46 -0.27 5.07 6.27
CA GLY A 46 -0.23 5.17 7.73
C GLY A 46 -0.46 6.60 8.22
N LYS A 47 0.27 7.56 7.62
CA LYS A 47 0.18 8.99 8.00
C LYS A 47 -1.18 9.58 7.59
N MET A 48 -1.71 9.13 6.43
CA MET A 48 -3.03 9.57 5.93
C MET A 48 -4.10 9.12 6.91
N ALA A 49 -4.10 7.81 7.26
CA ALA A 49 -5.05 7.23 8.25
C ALA A 49 -5.04 8.04 9.56
N LYS A 50 -3.83 8.32 10.04
CA LYS A 50 -3.60 9.06 11.28
C LYS A 50 -4.27 10.46 11.21
N MET A 51 -3.93 11.23 10.15
CA MET A 51 -4.49 12.57 9.88
C MET A 51 -6.02 12.56 9.60
N GLN A 52 -6.53 11.44 9.05
CA GLN A 52 -7.97 11.26 8.78
C GLN A 52 -8.72 11.00 10.10
N GLY A 53 -7.97 10.57 11.12
CA GLY A 53 -8.47 10.49 12.50
C GLY A 53 -8.37 9.09 13.06
N PHE A 54 -7.27 8.41 12.73
CA PHE A 54 -7.06 6.97 13.08
C PHE A 54 -5.66 6.76 13.65
N ASP A 55 -5.31 5.51 13.93
CA ASP A 55 -3.95 5.12 14.34
C ASP A 55 -3.77 3.63 14.03
N LEU A 56 -3.02 3.34 12.96
CA LEU A 56 -2.63 1.97 12.61
C LEU A 56 -1.59 1.47 13.64
N PRO A 57 -1.72 0.21 14.16
CA PRO A 57 -0.89 -0.27 15.29
C PRO A 57 0.55 -0.65 14.87
N GLN A 58 1.53 -0.37 15.74
CA GLN A 58 2.93 -0.79 15.56
C GLN A 58 3.05 -2.26 16.02
N SER A 59 2.61 -3.16 15.13
CA SER A 59 2.53 -4.61 15.35
C SER A 59 3.37 -5.32 14.27
N PRO A 60 3.87 -6.61 14.48
CA PRO A 60 5.00 -7.25 13.74
C PRO A 60 5.44 -6.57 12.40
N GLN A 61 4.67 -6.78 11.30
CA GLN A 61 4.85 -6.10 9.99
C GLN A 61 3.65 -6.39 9.03
N PRO A 62 3.34 -7.71 8.65
CA PRO A 62 2.31 -8.00 7.61
C PRO A 62 0.88 -7.61 8.06
N VAL A 63 0.71 -7.52 9.39
CA VAL A 63 -0.51 -7.00 10.02
C VAL A 63 -0.73 -5.51 9.73
N ARG A 64 0.37 -4.72 9.73
CA ARG A 64 0.34 -3.27 9.43
C ARG A 64 0.08 -3.05 7.94
N VAL A 65 0.69 -3.93 7.14
CA VAL A 65 0.53 -3.98 5.67
C VAL A 65 -0.96 -4.18 5.30
N LYS A 66 -1.61 -5.11 6.01
CA LYS A 66 -3.03 -5.45 5.80
C LYS A 66 -3.94 -4.31 6.34
N ALA A 67 -3.51 -3.68 7.45
CA ALA A 67 -4.22 -2.50 8.04
C ALA A 67 -4.30 -1.32 7.06
N VAL A 68 -3.13 -1.01 6.44
CA VAL A 68 -2.98 0.05 5.41
C VAL A 68 -3.90 -0.27 4.21
N TYR A 69 -3.85 -1.53 3.77
CA TYR A 69 -4.70 -2.06 2.69
C TYR A 69 -6.20 -1.76 2.93
N LEU A 70 -6.72 -2.14 4.11
CA LEU A 70 -8.15 -1.93 4.48
C LEU A 70 -8.53 -0.44 4.41
N PHE A 71 -7.64 0.40 4.97
CA PHE A 71 -7.78 1.86 4.93
C PHE A 71 -7.85 2.38 3.47
N LEU A 72 -6.96 1.87 2.60
CA LEU A 72 -6.87 2.28 1.18
C LEU A 72 -8.08 1.81 0.34
N VAL A 73 -8.62 0.62 0.65
CA VAL A 73 -9.83 0.11 -0.04
C VAL A 73 -11.05 0.95 0.36
N ASP A 74 -11.07 1.36 1.65
CA ASP A 74 -12.09 2.29 2.21
C ASP A 74 -11.98 3.66 1.54
N ALA A 75 -10.75 4.11 1.34
CA ALA A 75 -10.42 5.42 0.76
C ALA A 75 -10.47 5.39 -0.78
N LYS A 76 -10.82 4.20 -1.34
CA LYS A 76 -11.02 3.96 -2.80
C LYS A 76 -9.71 4.18 -3.59
N GLN A 77 -8.58 4.07 -2.87
CA GLN A 77 -7.23 4.14 -3.40
C GLN A 77 -6.90 2.85 -4.19
N ILE A 78 -7.41 1.71 -3.69
CA ILE A 78 -7.27 0.39 -4.35
C ILE A 78 -8.61 -0.38 -4.26
N ALA A 79 -8.75 -1.41 -5.13
CA ALA A 79 -9.95 -2.28 -5.20
C ALA A 79 -9.81 -3.49 -4.25
N PRO A 80 -10.94 -3.96 -3.62
CA PRO A 80 -10.91 -5.09 -2.66
C PRO A 80 -10.58 -6.44 -3.33
N LEU A 81 -9.51 -7.07 -2.87
CA LEU A 81 -9.17 -8.46 -3.20
C LEU A 81 -10.20 -9.43 -2.56
N PRO A 82 -10.56 -10.56 -3.25
CA PRO A 82 -11.41 -11.63 -2.65
C PRO A 82 -10.67 -12.35 -1.49
N ASP A 83 -11.40 -13.15 -0.70
CA ASP A 83 -10.80 -13.91 0.43
C ASP A 83 -9.76 -14.95 -0.03
N SER A 84 -9.86 -15.35 -1.31
CA SER A 84 -8.87 -16.22 -1.96
C SER A 84 -7.55 -15.47 -2.24
N LYS A 85 -7.66 -14.17 -2.62
CA LYS A 85 -6.48 -13.31 -2.87
C LYS A 85 -6.24 -12.36 -1.68
N LEU A 86 -6.86 -12.64 -0.53
CA LEU A 86 -6.58 -11.93 0.73
C LEU A 86 -5.42 -12.67 1.40
N ASP A 87 -4.23 -12.38 0.88
CA ASP A 87 -2.97 -13.06 1.23
C ASP A 87 -1.85 -12.02 1.27
N GLY A 88 -0.85 -12.26 2.14
CA GLY A 88 0.24 -11.32 2.40
C GLY A 88 0.93 -10.77 1.15
N ALA A 89 1.16 -11.66 0.16
CA ALA A 89 1.79 -11.28 -1.13
C ALA A 89 0.89 -10.32 -1.93
N ASN A 90 -0.40 -10.68 -2.04
CA ASN A 90 -1.40 -9.91 -2.82
C ASN A 90 -1.66 -8.52 -2.20
N ILE A 91 -1.64 -8.46 -0.86
CA ILE A 91 -1.82 -7.21 -0.09
C ILE A 91 -0.66 -6.24 -0.41
N LYS A 92 0.57 -6.76 -0.28
CA LYS A 92 1.82 -6.01 -0.55
C LYS A 92 1.89 -5.52 -2.00
N HIS A 93 1.32 -6.34 -2.91
CA HIS A 93 1.29 -6.06 -4.34
C HIS A 93 0.31 -4.90 -4.63
N ARG A 94 -0.83 -4.89 -3.92
CA ARG A 94 -1.83 -3.79 -3.98
C ARG A 94 -1.19 -2.46 -3.57
N LEU A 95 -0.50 -2.49 -2.42
CA LEU A 95 0.18 -1.32 -1.85
C LEU A 95 1.30 -0.81 -2.79
N ALA A 96 1.97 -1.78 -3.44
CA ALA A 96 3.09 -1.52 -4.37
C ALA A 96 2.66 -0.70 -5.59
N LEU A 97 1.68 -1.24 -6.36
CA LEU A 97 1.20 -0.56 -7.59
C LEU A 97 0.43 0.72 -7.27
N TRP A 98 -0.16 0.76 -6.05
CA TRP A 98 -0.83 1.97 -5.55
C TRP A 98 0.15 3.15 -5.50
N ILE A 99 1.23 2.98 -4.72
CA ILE A 99 2.22 4.06 -4.48
C ILE A 99 3.07 4.32 -5.73
N HIS A 100 3.21 3.28 -6.58
CA HIS A 100 3.92 3.39 -7.87
C HIS A 100 3.16 4.34 -8.82
N ALA A 101 1.82 4.29 -8.72
CA ALA A 101 0.92 5.23 -9.44
C ALA A 101 0.79 6.58 -8.69
N ALA A 102 0.82 6.52 -7.35
CA ALA A 102 0.56 7.68 -6.47
C ALA A 102 1.66 8.75 -6.58
N LEU A 103 2.92 8.29 -6.71
CA LEU A 103 4.05 9.18 -7.00
C LEU A 103 3.86 9.77 -8.42
N PRO A 104 3.92 11.13 -8.59
CA PRO A 104 3.61 11.79 -9.90
C PRO A 104 4.64 11.45 -11.00
N ASP A 105 5.88 11.16 -10.57
CA ASP A 105 6.98 10.75 -11.45
C ASP A 105 6.98 9.23 -11.67
N ASN A 106 6.10 8.53 -10.91
CA ASN A 106 5.90 7.06 -10.98
C ASN A 106 7.22 6.31 -10.69
N ASP A 107 7.98 6.87 -9.73
CA ASP A 107 9.35 6.44 -9.35
C ASP A 107 9.35 4.95 -8.89
N PRO A 108 10.42 4.13 -9.24
CA PRO A 108 10.51 2.69 -8.84
C PRO A 108 11.01 2.50 -7.39
N LEU A 109 11.35 3.62 -6.72
CA LEU A 109 11.87 3.68 -5.33
C LEU A 109 13.25 3.06 -5.17
N LYS A 110 13.90 2.74 -6.29
CA LYS A 110 15.22 2.10 -6.33
C LYS A 110 16.30 2.98 -5.63
N MET A 25 -3.49 7.67 -12.40
CA MET A 25 -2.88 8.25 -13.62
C MET A 25 -1.71 7.39 -14.14
N SER A 26 -1.15 6.53 -13.27
CA SER A 26 0.02 5.69 -13.61
C SER A 26 -0.13 4.26 -13.05
N LYS A 27 0.13 3.28 -13.92
CA LYS A 27 0.25 1.86 -13.55
C LYS A 27 1.55 1.33 -14.21
N THR A 28 2.64 2.10 -14.03
CA THR A 28 3.98 1.77 -14.59
C THR A 28 4.49 0.40 -14.11
N ALA A 29 5.27 -0.28 -14.97
CA ALA A 29 5.68 -1.68 -14.77
C ALA A 29 7.03 -1.82 -14.04
N LYS A 30 7.72 -0.70 -13.76
CA LYS A 30 9.02 -0.70 -13.05
C LYS A 30 8.79 -0.88 -11.52
N LEU A 31 8.26 -2.06 -11.14
CA LEU A 31 7.81 -2.36 -9.77
C LEU A 31 8.89 -3.22 -9.06
N ASN A 32 10.16 -2.98 -9.44
CA ASN A 32 11.33 -3.75 -9.00
C ASN A 32 11.51 -3.64 -7.46
N ASN A 33 11.52 -4.81 -6.80
CA ASN A 33 11.60 -4.95 -5.32
C ASN A 33 10.35 -4.34 -4.68
N GLU A 34 9.24 -5.09 -4.79
CA GLU A 34 7.90 -4.70 -4.30
C GLU A 34 7.92 -4.25 -2.83
N GLU A 35 8.70 -4.97 -2.00
CA GLU A 35 8.88 -4.72 -0.55
C GLU A 35 9.09 -3.24 -0.20
N LYS A 36 9.98 -2.56 -0.95
CA LYS A 36 10.29 -1.13 -0.73
C LYS A 36 9.03 -0.25 -0.90
N LEU A 37 8.28 -0.51 -1.98
CA LEU A 37 7.05 0.24 -2.30
C LEU A 37 5.97 0.02 -1.24
N VAL A 38 5.89 -1.23 -0.74
CA VAL A 38 5.00 -1.61 0.36
C VAL A 38 5.30 -0.79 1.63
N LYS A 39 6.60 -0.70 1.98
CA LYS A 39 7.06 0.05 3.16
C LYS A 39 6.75 1.55 3.03
N LYS A 40 6.83 2.09 1.79
CA LYS A 40 6.48 3.49 1.51
C LYS A 40 4.95 3.69 1.57
N ALA A 41 4.20 2.62 1.27
CA ALA A 41 2.73 2.63 1.40
C ALA A 41 2.34 2.54 2.88
N LEU A 42 3.22 1.95 3.72
CA LEU A 42 3.03 1.93 5.19
C LEU A 42 3.27 3.34 5.75
N GLU A 43 4.28 4.04 5.19
CA GLU A 43 4.62 5.42 5.57
C GLU A 43 3.50 6.39 5.19
N ILE A 44 3.21 6.48 3.88
CA ILE A 44 2.22 7.39 3.31
C ILE A 44 0.81 6.99 3.76
N GLY A 45 0.44 5.72 3.53
CA GLY A 45 -0.89 5.20 3.90
C GLY A 45 -1.14 5.24 5.41
N GLY A 46 -0.06 5.03 6.20
CA GLY A 46 -0.13 5.14 7.67
C GLY A 46 -0.48 6.54 8.15
N LYS A 47 0.31 7.55 7.69
CA LYS A 47 0.11 8.95 8.09
C LYS A 47 -1.22 9.51 7.51
N MET A 48 -1.59 9.05 6.29
CA MET A 48 -2.82 9.44 5.61
C MET A 48 -4.04 9.04 6.44
N ALA A 49 -4.06 7.76 6.85
CA ALA A 49 -5.11 7.20 7.73
C ALA A 49 -5.23 8.01 9.01
N LYS A 50 -4.08 8.23 9.64
CA LYS A 50 -3.97 8.97 10.89
C LYS A 50 -4.68 10.34 10.79
N MET A 51 -4.32 11.10 9.74
CA MET A 51 -4.91 12.43 9.43
C MET A 51 -6.43 12.35 9.07
N GLN A 52 -6.84 11.24 8.42
CA GLN A 52 -8.26 10.99 8.06
C GLN A 52 -9.11 10.74 9.34
N GLY A 53 -8.45 10.28 10.40
CA GLY A 53 -9.09 10.06 11.71
C GLY A 53 -8.86 8.66 12.24
N PHE A 54 -7.66 8.13 11.98
CA PHE A 54 -7.28 6.72 12.32
C PHE A 54 -5.91 6.72 13.01
N ASP A 55 -5.32 5.53 13.17
CA ASP A 55 -3.92 5.37 13.63
C ASP A 55 -3.42 3.95 13.26
N LEU A 56 -2.69 3.87 12.12
CA LEU A 56 -2.07 2.62 11.69
C LEU A 56 -0.71 2.46 12.40
N PRO A 57 -0.53 1.40 13.28
CA PRO A 57 0.66 1.28 14.15
C PRO A 57 1.90 0.75 13.42
N GLN A 58 3.02 0.64 14.17
CA GLN A 58 4.29 0.06 13.70
C GLN A 58 4.50 -1.36 14.27
N SER A 59 3.37 -2.04 14.50
CA SER A 59 3.30 -3.45 14.95
C SER A 59 4.02 -4.40 13.94
N PRO A 60 4.55 -5.61 14.38
CA PRO A 60 5.64 -6.39 13.74
C PRO A 60 6.07 -5.95 12.31
N GLN A 61 5.20 -6.23 11.30
CA GLN A 61 5.45 -5.85 9.89
C GLN A 61 4.17 -6.15 9.04
N PRO A 62 3.70 -7.45 8.92
CA PRO A 62 2.63 -7.81 7.94
C PRO A 62 1.23 -7.32 8.37
N VAL A 63 1.05 -7.11 9.69
CA VAL A 63 -0.16 -6.52 10.27
C VAL A 63 -0.36 -5.07 9.77
N ARG A 64 0.76 -4.32 9.60
CA ARG A 64 0.73 -2.96 9.04
C ARG A 64 0.28 -3.00 7.58
N VAL A 65 0.86 -3.96 6.84
CA VAL A 65 0.61 -4.17 5.40
C VAL A 65 -0.90 -4.34 5.12
N LYS A 66 -1.54 -5.23 5.89
CA LYS A 66 -2.98 -5.53 5.75
C LYS A 66 -3.83 -4.35 6.29
N ALA A 67 -3.36 -3.68 7.37
CA ALA A 67 -4.03 -2.49 7.95
C ALA A 67 -4.12 -1.31 6.95
N VAL A 68 -3.01 -1.08 6.22
CA VAL A 68 -2.92 -0.02 5.20
C VAL A 68 -3.84 -0.36 4.02
N TYR A 69 -3.84 -1.64 3.62
CA TYR A 69 -4.77 -2.18 2.61
C TYR A 69 -6.24 -1.83 2.94
N LEU A 70 -6.66 -2.16 4.18
CA LEU A 70 -8.04 -1.91 4.66
C LEU A 70 -8.40 -0.43 4.54
N PHE A 71 -7.48 0.43 5.02
CA PHE A 71 -7.61 1.89 4.91
C PHE A 71 -7.79 2.33 3.44
N LEU A 72 -6.90 1.87 2.56
CA LEU A 72 -6.86 2.31 1.15
C LEU A 72 -8.13 1.92 0.38
N VAL A 73 -8.66 0.71 0.63
CA VAL A 73 -9.92 0.23 0.00
C VAL A 73 -11.11 1.07 0.54
N ASP A 74 -11.06 1.37 1.85
CA ASP A 74 -12.06 2.20 2.55
C ASP A 74 -12.01 3.68 2.08
N ALA A 75 -10.80 4.14 1.74
CA ALA A 75 -10.53 5.55 1.40
C ALA A 75 -10.53 5.78 -0.11
N LYS A 76 -11.13 4.83 -0.88
CA LYS A 76 -11.36 4.95 -2.35
C LYS A 76 -10.05 4.98 -3.17
N GLN A 77 -8.94 4.57 -2.52
CA GLN A 77 -7.58 4.60 -3.11
C GLN A 77 -7.33 3.41 -4.04
N ILE A 78 -7.73 2.19 -3.60
CA ILE A 78 -7.55 0.93 -4.38
C ILE A 78 -8.82 0.06 -4.35
N ALA A 79 -8.76 -1.05 -5.11
CA ALA A 79 -9.80 -2.08 -5.20
C ALA A 79 -9.54 -3.16 -4.13
N PRO A 80 -10.62 -3.86 -3.61
CA PRO A 80 -10.45 -5.00 -2.69
C PRO A 80 -10.00 -6.28 -3.43
N LEU A 81 -9.31 -7.14 -2.69
CA LEU A 81 -8.93 -8.49 -3.12
C LEU A 81 -10.00 -9.51 -2.70
N PRO A 82 -10.12 -10.67 -3.42
CA PRO A 82 -10.90 -11.82 -2.92
C PRO A 82 -10.27 -12.43 -1.65
N ASP A 83 -11.09 -13.14 -0.84
CA ASP A 83 -10.66 -13.80 0.40
C ASP A 83 -9.64 -14.92 0.11
N SER A 84 -9.77 -15.51 -1.08
CA SER A 84 -8.86 -16.56 -1.58
C SER A 84 -7.46 -15.99 -1.89
N LYS A 85 -7.40 -14.67 -2.19
CA LYS A 85 -6.13 -13.95 -2.47
C LYS A 85 -5.93 -12.80 -1.46
N LEU A 86 -6.40 -13.04 -0.22
CA LEU A 86 -6.18 -12.12 0.92
C LEU A 86 -4.88 -12.56 1.64
N ASP A 87 -3.84 -12.71 0.82
CA ASP A 87 -2.50 -13.19 1.21
C ASP A 87 -1.55 -12.00 1.25
N GLY A 88 -0.52 -12.09 2.12
CA GLY A 88 0.44 -11.01 2.37
C GLY A 88 1.04 -10.41 1.11
N ALA A 89 1.51 -11.26 0.18
CA ALA A 89 2.15 -10.81 -1.07
C ALA A 89 1.14 -10.14 -2.03
N ASN A 90 -0.12 -10.62 -1.99
CA ASN A 90 -1.22 -10.02 -2.81
C ASN A 90 -1.63 -8.65 -2.26
N ILE A 91 -1.60 -8.52 -0.91
CA ILE A 91 -1.88 -7.25 -0.21
C ILE A 91 -0.80 -6.23 -0.58
N LYS A 92 0.45 -6.71 -0.54
CA LYS A 92 1.64 -5.95 -0.93
C LYS A 92 1.55 -5.42 -2.36
N HIS A 93 0.96 -6.23 -3.25
CA HIS A 93 0.80 -5.89 -4.68
C HIS A 93 -0.14 -4.68 -4.85
N ARG A 94 -1.26 -4.69 -4.12
CA ARG A 94 -2.22 -3.54 -4.06
C ARG A 94 -1.52 -2.26 -3.58
N LEU A 95 -0.76 -2.39 -2.48
CA LEU A 95 -0.01 -1.26 -1.86
C LEU A 95 1.06 -0.71 -2.82
N ALA A 96 1.73 -1.65 -3.52
CA ALA A 96 2.85 -1.35 -4.40
C ALA A 96 2.42 -0.52 -5.62
N LEU A 97 1.33 -0.96 -6.28
CA LEU A 97 0.77 -0.25 -7.44
C LEU A 97 0.14 1.09 -7.05
N TRP A 98 -0.45 1.15 -5.83
CA TRP A 98 -1.02 2.39 -5.29
C TRP A 98 0.05 3.50 -5.18
N ILE A 99 1.13 3.19 -4.45
CA ILE A 99 2.20 4.15 -4.19
C ILE A 99 3.04 4.41 -5.46
N HIS A 100 3.09 3.41 -6.37
CA HIS A 100 3.79 3.54 -7.67
C HIS A 100 3.05 4.54 -8.57
N ALA A 101 1.72 4.60 -8.38
CA ALA A 101 0.87 5.63 -8.99
C ALA A 101 1.00 6.98 -8.23
N ALA A 102 1.02 6.90 -6.89
CA ALA A 102 0.99 8.08 -5.99
C ALA A 102 2.24 8.95 -6.12
N LEU A 103 3.39 8.33 -6.46
CA LEU A 103 4.64 9.04 -6.71
C LEU A 103 4.57 9.71 -8.11
N PRO A 104 4.66 11.09 -8.19
CA PRO A 104 4.60 11.84 -9.47
C PRO A 104 5.54 11.32 -10.57
N ASP A 105 6.78 10.99 -10.15
CA ASP A 105 7.85 10.54 -11.06
C ASP A 105 7.81 9.00 -11.27
N ASN A 106 6.89 8.32 -10.54
CA ASN A 106 6.59 6.88 -10.68
C ASN A 106 7.79 6.02 -10.21
N ASP A 107 8.48 6.49 -9.16
CA ASP A 107 9.77 5.92 -8.69
C ASP A 107 9.68 4.42 -8.32
N PRO A 108 10.75 3.62 -8.65
CA PRO A 108 10.91 2.22 -8.17
C PRO A 108 11.52 2.15 -6.75
N LEU A 109 11.80 3.35 -6.16
CA LEU A 109 12.42 3.52 -4.81
C LEU A 109 13.86 2.98 -4.75
N LYS A 110 14.51 2.96 -5.92
CA LYS A 110 15.93 2.58 -6.06
C LYS A 110 16.80 3.76 -5.58
N MET A 25 -0.79 9.92 -12.20
CA MET A 25 -1.09 8.47 -12.03
C MET A 25 -0.10 7.66 -12.88
N SER A 26 1.07 7.32 -12.27
CA SER A 26 2.16 6.60 -12.94
C SER A 26 1.91 5.08 -12.83
N LYS A 27 0.94 4.59 -13.62
CA LYS A 27 0.47 3.19 -13.59
C LYS A 27 1.33 2.31 -14.55
N THR A 28 2.65 2.61 -14.61
CA THR A 28 3.63 1.84 -15.39
C THR A 28 3.93 0.49 -14.69
N ALA A 29 4.53 -0.45 -15.44
CA ALA A 29 4.85 -1.81 -14.96
C ALA A 29 6.32 -1.91 -14.44
N LYS A 30 6.99 -0.76 -14.24
CA LYS A 30 8.37 -0.70 -13.71
C LYS A 30 8.38 -0.85 -12.15
N LEU A 31 7.83 -1.97 -11.65
CA LEU A 31 7.75 -2.24 -10.20
C LEU A 31 9.12 -2.77 -9.70
N ASN A 32 10.05 -1.84 -9.44
CA ASN A 32 11.43 -2.14 -9.03
C ASN A 32 11.49 -2.39 -7.51
N ASN A 33 11.64 -3.67 -7.14
CA ASN A 33 11.73 -4.16 -5.73
C ASN A 33 10.50 -3.74 -4.91
N GLU A 34 9.47 -4.61 -4.94
CA GLU A 34 8.16 -4.41 -4.28
C GLU A 34 8.29 -3.92 -2.83
N GLU A 35 9.28 -4.47 -2.10
CA GLU A 35 9.53 -4.20 -0.66
C GLU A 35 9.54 -2.69 -0.32
N LYS A 36 10.31 -1.90 -1.10
CA LYS A 36 10.47 -0.44 -0.87
C LYS A 36 9.13 0.28 -1.01
N LEU A 37 8.33 -0.19 -1.99
CA LEU A 37 7.02 0.38 -2.29
C LEU A 37 5.97 0.02 -1.21
N VAL A 38 6.07 -1.22 -0.67
CA VAL A 38 5.21 -1.68 0.43
C VAL A 38 5.43 -0.77 1.65
N LYS A 39 6.71 -0.59 2.01
CA LYS A 39 7.15 0.28 3.12
C LYS A 39 6.70 1.73 2.90
N LYS A 40 6.79 2.19 1.64
CA LYS A 40 6.42 3.57 1.25
C LYS A 40 4.90 3.76 1.32
N ALA A 41 4.15 2.67 1.12
CA ALA A 41 2.69 2.65 1.25
C ALA A 41 2.28 2.59 2.72
N LEU A 42 3.16 2.00 3.57
CA LEU A 42 2.96 2.02 5.04
C LEU A 42 3.18 3.44 5.57
N GLU A 43 4.13 4.16 4.94
CA GLU A 43 4.42 5.57 5.23
C GLU A 43 3.23 6.47 4.86
N ILE A 44 2.88 6.48 3.56
CA ILE A 44 1.86 7.41 3.01
C ILE A 44 0.45 6.98 3.44
N GLY A 45 0.14 5.68 3.29
CA GLY A 45 -1.14 5.12 3.72
C GLY A 45 -1.32 5.19 5.23
N GLY A 46 -0.21 4.99 5.98
CA GLY A 46 -0.24 5.03 7.44
C GLY A 46 -0.43 6.44 7.99
N LYS A 47 0.25 7.44 7.38
CA LYS A 47 0.17 8.86 7.83
C LYS A 47 -1.19 9.46 7.46
N MET A 48 -1.71 9.08 6.26
CA MET A 48 -3.00 9.56 5.78
C MET A 48 -4.11 9.01 6.68
N ALA A 49 -4.07 7.69 6.95
CA ALA A 49 -5.01 7.01 7.87
C ALA A 49 -5.02 7.72 9.23
N LYS A 50 -3.82 7.91 9.77
CA LYS A 50 -3.56 8.60 11.05
C LYS A 50 -4.34 9.92 11.14
N MET A 51 -4.10 10.80 10.14
CA MET A 51 -4.73 12.13 10.03
C MET A 51 -6.27 12.04 9.82
N GLN A 52 -6.71 11.01 9.08
CA GLN A 52 -8.16 10.73 8.84
C GLN A 52 -8.84 10.27 10.15
N GLY A 53 -8.03 9.77 11.09
CA GLY A 53 -8.48 9.41 12.44
C GLY A 53 -8.23 7.94 12.74
N PHE A 54 -7.09 7.41 12.22
CA PHE A 54 -6.80 5.95 12.27
C PHE A 54 -5.31 5.70 12.56
N ASP A 55 -4.95 5.71 13.85
CA ASP A 55 -3.61 5.32 14.31
C ASP A 55 -3.44 3.80 14.12
N LEU A 56 -2.90 3.43 12.93
CA LEU A 56 -2.74 2.02 12.52
C LEU A 56 -1.69 1.30 13.41
N PRO A 57 -1.94 -0.02 13.77
CA PRO A 57 -0.99 -0.81 14.59
C PRO A 57 0.40 -0.94 13.92
N GLN A 58 1.47 -0.82 14.73
CA GLN A 58 2.85 -0.67 14.22
C GLN A 58 3.78 -1.77 14.73
N SER A 59 3.81 -1.95 16.08
CA SER A 59 4.89 -2.69 16.79
C SER A 59 5.24 -4.11 16.21
N PRO A 60 4.28 -5.06 15.94
CA PRO A 60 4.64 -6.42 15.46
C PRO A 60 5.17 -6.43 14.00
N GLN A 61 4.69 -5.43 13.18
CA GLN A 61 5.09 -5.14 11.75
C GLN A 61 4.10 -5.61 10.64
N PRO A 62 3.71 -6.95 10.50
CA PRO A 62 2.85 -7.41 9.35
C PRO A 62 1.44 -6.79 9.36
N VAL A 63 0.99 -6.40 10.56
CA VAL A 63 -0.33 -5.79 10.79
C VAL A 63 -0.47 -4.43 10.07
N ARG A 64 0.69 -3.72 9.89
CA ARG A 64 0.74 -2.43 9.19
C ARG A 64 0.25 -2.61 7.75
N VAL A 65 0.79 -3.64 7.09
CA VAL A 65 0.54 -3.94 5.67
C VAL A 65 -0.98 -4.16 5.40
N LYS A 66 -1.59 -5.01 6.22
CA LYS A 66 -3.02 -5.38 6.09
C LYS A 66 -3.93 -4.17 6.46
N ALA A 67 -3.53 -3.41 7.50
CA ALA A 67 -4.27 -2.23 8.00
C ALA A 67 -4.33 -1.10 6.95
N VAL A 68 -3.16 -0.83 6.33
CA VAL A 68 -3.01 0.18 5.27
C VAL A 68 -3.91 -0.20 4.07
N TYR A 69 -3.86 -1.49 3.69
CA TYR A 69 -4.73 -2.06 2.63
C TYR A 69 -6.22 -1.71 2.87
N LEU A 70 -6.74 -2.04 4.07
CA LEU A 70 -8.14 -1.78 4.45
C LEU A 70 -8.50 -0.30 4.27
N PHE A 71 -7.63 0.56 4.83
CA PHE A 71 -7.77 2.02 4.74
C PHE A 71 -7.84 2.48 3.27
N LEU A 72 -6.91 2.00 2.43
CA LEU A 72 -6.79 2.41 1.02
C LEU A 72 -8.03 2.01 0.21
N VAL A 73 -8.61 0.84 0.51
CA VAL A 73 -9.83 0.37 -0.17
C VAL A 73 -11.03 1.28 0.17
N ASP A 74 -11.19 1.60 1.47
CA ASP A 74 -12.25 2.51 1.95
C ASP A 74 -12.01 3.98 1.53
N ALA A 75 -10.74 4.35 1.32
CA ALA A 75 -10.34 5.69 0.85
C ALA A 75 -10.40 5.78 -0.70
N LYS A 76 -10.83 4.65 -1.33
CA LYS A 76 -11.05 4.53 -2.80
C LYS A 76 -9.75 4.71 -3.61
N GLN A 77 -8.62 4.45 -2.92
CA GLN A 77 -7.27 4.49 -3.49
C GLN A 77 -7.02 3.22 -4.33
N ILE A 78 -7.36 2.05 -3.75
CA ILE A 78 -7.30 0.74 -4.46
C ILE A 78 -8.63 -0.01 -4.30
N ALA A 79 -8.90 -0.91 -5.26
CA ALA A 79 -9.99 -1.89 -5.16
C ALA A 79 -9.56 -3.03 -4.20
N PRO A 80 -10.51 -3.81 -3.60
CA PRO A 80 -10.17 -4.92 -2.68
C PRO A 80 -9.72 -6.19 -3.42
N LEU A 81 -9.19 -7.13 -2.65
CA LEU A 81 -8.92 -8.50 -3.04
C LEU A 81 -10.10 -9.39 -2.60
N PRO A 82 -10.45 -10.47 -3.35
CA PRO A 82 -11.44 -11.48 -2.89
C PRO A 82 -10.84 -12.34 -1.76
N ASP A 83 -11.70 -13.12 -1.08
CA ASP A 83 -11.29 -13.95 0.09
C ASP A 83 -10.20 -14.98 -0.31
N SER A 84 -10.29 -15.49 -1.55
CA SER A 84 -9.32 -16.45 -2.11
C SER A 84 -7.92 -15.82 -2.33
N LYS A 85 -7.90 -14.50 -2.64
CA LYS A 85 -6.64 -13.74 -2.89
C LYS A 85 -6.33 -12.78 -1.75
N LEU A 86 -7.01 -12.97 -0.61
CA LEU A 86 -6.73 -12.22 0.62
C LEU A 86 -5.56 -12.94 1.33
N ASP A 87 -4.36 -12.67 0.83
CA ASP A 87 -3.10 -13.28 1.27
C ASP A 87 -2.07 -12.17 1.46
N GLY A 88 -1.14 -12.35 2.43
CA GLY A 88 -0.18 -11.32 2.86
C GLY A 88 0.66 -10.74 1.71
N ALA A 89 1.13 -11.61 0.81
CA ALA A 89 1.96 -11.20 -0.36
C ALA A 89 1.11 -10.40 -1.37
N ASN A 90 -0.16 -10.81 -1.53
CA ASN A 90 -1.14 -10.13 -2.40
C ASN A 90 -1.45 -8.71 -1.88
N ILE A 91 -1.60 -8.59 -0.55
CA ILE A 91 -1.78 -7.30 0.14
C ILE A 91 -0.60 -6.34 -0.18
N LYS A 92 0.64 -6.85 -0.01
CA LYS A 92 1.89 -6.11 -0.27
C LYS A 92 1.93 -5.61 -1.73
N HIS A 93 1.46 -6.45 -2.65
CA HIS A 93 1.43 -6.17 -4.08
C HIS A 93 0.42 -5.04 -4.42
N ARG A 94 -0.72 -5.00 -3.68
CA ARG A 94 -1.74 -3.91 -3.84
C ARG A 94 -1.16 -2.56 -3.40
N LEU A 95 -0.45 -2.59 -2.26
CA LEU A 95 0.19 -1.40 -1.66
C LEU A 95 1.28 -0.86 -2.59
N ALA A 96 2.04 -1.80 -3.17
CA ALA A 96 3.16 -1.52 -4.08
C ALA A 96 2.69 -0.79 -5.34
N LEU A 97 1.66 -1.35 -6.00
CA LEU A 97 1.09 -0.80 -7.24
C LEU A 97 0.37 0.54 -6.99
N TRP A 98 -0.25 0.66 -5.78
CA TRP A 98 -0.92 1.89 -5.36
C TRP A 98 0.08 3.06 -5.36
N ILE A 99 1.11 2.93 -4.49
CA ILE A 99 2.10 3.98 -4.29
C ILE A 99 2.90 4.19 -5.58
N HIS A 100 3.07 3.13 -6.40
CA HIS A 100 3.76 3.20 -7.71
C HIS A 100 3.05 4.21 -8.63
N ALA A 101 1.71 4.18 -8.58
CA ALA A 101 0.85 5.12 -9.34
C ALA A 101 0.67 6.46 -8.58
N ALA A 102 0.81 6.43 -7.25
CA ALA A 102 0.62 7.60 -6.37
C ALA A 102 1.87 8.51 -6.32
N LEU A 103 3.04 7.95 -6.73
CA LEU A 103 4.29 8.71 -6.88
C LEU A 103 4.20 9.61 -8.14
N PRO A 104 4.16 10.99 -7.97
CA PRO A 104 3.92 11.95 -9.08
C PRO A 104 4.88 11.80 -10.28
N ASP A 105 6.16 11.48 -9.99
CA ASP A 105 7.22 11.33 -11.01
C ASP A 105 7.71 9.86 -11.10
N ASN A 106 7.02 8.96 -10.37
CA ASN A 106 7.44 7.55 -10.19
C ASN A 106 8.84 7.52 -9.53
N ASP A 107 8.87 7.92 -8.25
CA ASP A 107 10.10 8.09 -7.45
C ASP A 107 10.92 6.78 -7.38
N PRO A 108 12.30 6.86 -7.26
CA PRO A 108 13.17 5.67 -7.19
C PRO A 108 13.06 4.90 -5.84
N LEU A 109 12.37 5.54 -4.85
CA LEU A 109 12.11 4.97 -3.50
C LEU A 109 13.42 4.62 -2.76
N LYS A 110 14.50 5.35 -3.08
CA LYS A 110 15.83 5.17 -2.51
C LYS A 110 15.96 6.00 -1.21
N MET A 25 2.97 8.13 -11.69
CA MET A 25 1.68 7.54 -12.11
C MET A 25 1.89 6.68 -13.38
N SER A 26 2.36 5.44 -13.16
CA SER A 26 2.59 4.43 -14.23
C SER A 26 2.63 3.02 -13.60
N LYS A 27 2.35 2.02 -14.44
CA LYS A 27 2.39 0.59 -14.08
C LYS A 27 3.31 -0.14 -15.06
N THR A 28 3.89 -1.27 -14.59
CA THR A 28 4.80 -2.14 -15.38
C THR A 28 6.07 -1.38 -15.81
N ALA A 29 6.45 -0.39 -14.99
CA ALA A 29 7.70 0.38 -15.14
C ALA A 29 8.71 -0.09 -14.05
N LYS A 30 9.60 0.80 -13.58
CA LYS A 30 10.58 0.46 -12.52
C LYS A 30 9.87 0.21 -11.16
N LEU A 31 9.51 -1.07 -10.96
CA LEU A 31 9.00 -1.61 -9.68
C LEU A 31 9.80 -2.90 -9.45
N ASN A 32 10.95 -2.77 -8.77
CA ASN A 32 11.90 -3.87 -8.56
C ASN A 32 11.56 -4.61 -7.25
N ASN A 33 11.93 -3.99 -6.12
CA ASN A 33 11.67 -4.56 -4.78
C ASN A 33 10.30 -4.08 -4.30
N GLU A 34 9.26 -4.89 -4.60
CA GLU A 34 7.85 -4.60 -4.26
C GLU A 34 7.70 -4.22 -2.78
N GLU A 35 8.47 -4.93 -1.94
CA GLU A 35 8.50 -4.76 -0.47
C GLU A 35 8.75 -3.30 -0.05
N LYS A 36 9.66 -2.62 -0.77
CA LYS A 36 10.03 -1.22 -0.46
C LYS A 36 8.88 -0.25 -0.79
N LEU A 37 8.18 -0.51 -1.91
CA LEU A 37 7.00 0.26 -2.32
C LEU A 37 5.87 0.09 -1.29
N VAL A 38 5.76 -1.13 -0.75
CA VAL A 38 4.84 -1.46 0.34
C VAL A 38 5.13 -0.61 1.58
N LYS A 39 6.43 -0.50 1.94
CA LYS A 39 6.90 0.32 3.08
C LYS A 39 6.56 1.81 2.88
N LYS A 40 6.70 2.27 1.62
CA LYS A 40 6.35 3.65 1.22
C LYS A 40 4.83 3.87 1.33
N ALA A 41 4.06 2.81 1.04
CA ALA A 41 2.59 2.81 1.17
C ALA A 41 2.19 2.75 2.65
N LEU A 42 3.08 2.22 3.52
CA LEU A 42 2.88 2.23 4.98
C LEU A 42 3.12 3.65 5.52
N GLU A 43 4.08 4.36 4.90
CA GLU A 43 4.37 5.76 5.23
C GLU A 43 3.20 6.68 4.82
N ILE A 44 2.85 6.66 3.52
CA ILE A 44 1.80 7.53 2.95
C ILE A 44 0.42 7.10 3.44
N GLY A 45 0.08 5.82 3.26
CA GLY A 45 -1.21 5.27 3.70
C GLY A 45 -1.38 5.29 5.21
N GLY A 46 -0.26 5.08 5.93
CA GLY A 46 -0.28 5.11 7.40
C GLY A 46 -0.42 6.52 7.97
N LYS A 47 0.24 7.52 7.33
CA LYS A 47 0.16 8.92 7.80
C LYS A 47 -1.21 9.53 7.43
N MET A 48 -1.73 9.14 6.26
CA MET A 48 -3.05 9.58 5.80
C MET A 48 -4.13 9.01 6.72
N ALA A 49 -3.99 7.72 7.08
CA ALA A 49 -4.86 7.05 8.07
C ALA A 49 -4.77 7.77 9.42
N LYS A 50 -3.53 8.10 9.82
CA LYS A 50 -3.25 8.73 11.11
C LYS A 50 -4.02 10.06 11.22
N MET A 51 -3.87 10.90 10.18
CA MET A 51 -4.55 12.20 10.07
C MET A 51 -6.09 12.03 9.93
N GLN A 52 -6.54 10.95 9.25
CA GLN A 52 -7.99 10.61 9.13
C GLN A 52 -8.58 10.20 10.49
N GLY A 53 -7.70 9.86 11.45
CA GLY A 53 -8.08 9.67 12.85
C GLY A 53 -7.78 8.26 13.32
N PHE A 54 -6.59 7.76 12.92
CA PHE A 54 -6.16 6.37 13.20
C PHE A 54 -4.70 6.35 13.65
N ASP A 55 -4.18 5.14 13.84
CA ASP A 55 -2.75 4.83 13.93
C ASP A 55 -2.66 3.29 13.92
N LEU A 56 -2.11 2.74 12.84
CA LEU A 56 -2.20 1.31 12.53
C LEU A 56 -1.29 0.48 13.47
N PRO A 57 -1.76 -0.75 13.92
CA PRO A 57 -1.10 -1.56 14.99
C PRO A 57 0.42 -1.71 14.80
N GLN A 58 1.18 -0.91 15.56
CA GLN A 58 2.62 -0.68 15.34
C GLN A 58 3.52 -1.68 16.08
N SER A 59 2.94 -2.47 17.00
CA SER A 59 3.72 -3.41 17.85
C SER A 59 4.19 -4.70 17.10
N PRO A 60 3.34 -5.41 16.26
CA PRO A 60 3.81 -6.57 15.46
C PRO A 60 4.78 -6.14 14.34
N GLN A 61 4.38 -5.03 13.64
CA GLN A 61 5.03 -4.43 12.44
C GLN A 61 4.32 -4.81 11.10
N PRO A 62 4.35 -6.11 10.57
CA PRO A 62 3.84 -6.44 9.20
C PRO A 62 2.30 -6.35 9.06
N VAL A 63 1.59 -6.29 10.19
CA VAL A 63 0.10 -6.17 10.19
C VAL A 63 -0.37 -4.84 9.60
N ARG A 64 0.53 -3.82 9.63
CA ARG A 64 0.26 -2.48 9.11
C ARG A 64 0.11 -2.50 7.58
N VAL A 65 0.74 -3.50 6.93
CA VAL A 65 0.55 -3.77 5.48
C VAL A 65 -0.95 -3.96 5.14
N LYS A 66 -1.57 -4.91 5.84
CA LYS A 66 -3.00 -5.26 5.63
C LYS A 66 -3.90 -4.12 6.18
N ALA A 67 -3.43 -3.43 7.21
CA ALA A 67 -4.14 -2.27 7.82
C ALA A 67 -4.25 -1.09 6.83
N VAL A 68 -3.12 -0.81 6.14
CA VAL A 68 -3.05 0.24 5.09
C VAL A 68 -4.00 -0.12 3.94
N TYR A 69 -3.97 -1.40 3.53
CA TYR A 69 -4.89 -1.95 2.51
C TYR A 69 -6.35 -1.64 2.85
N LEU A 70 -6.79 -1.98 4.08
CA LEU A 70 -8.19 -1.77 4.54
C LEU A 70 -8.57 -0.30 4.46
N PHE A 71 -7.65 0.57 4.92
CA PHE A 71 -7.81 2.03 4.88
C PHE A 71 -7.94 2.53 3.41
N LEU A 72 -7.09 2.02 2.52
CA LEU A 72 -7.06 2.44 1.11
C LEU A 72 -8.33 2.01 0.34
N VAL A 73 -8.82 0.78 0.59
CA VAL A 73 -10.06 0.27 -0.04
C VAL A 73 -11.27 1.08 0.47
N ASP A 74 -11.22 1.42 1.78
CA ASP A 74 -12.20 2.30 2.45
C ASP A 74 -12.21 3.70 1.81
N ALA A 75 -11.00 4.20 1.54
CA ALA A 75 -10.78 5.55 0.97
C ALA A 75 -10.89 5.52 -0.57
N LYS A 76 -11.23 4.33 -1.14
CA LYS A 76 -11.44 4.11 -2.59
C LYS A 76 -10.18 4.40 -3.43
N GLN A 77 -9.02 4.30 -2.76
CA GLN A 77 -7.69 4.41 -3.38
C GLN A 77 -7.38 3.17 -4.24
N ILE A 78 -7.69 1.97 -3.69
CA ILE A 78 -7.52 0.67 -4.38
C ILE A 78 -8.80 -0.17 -4.30
N ALA A 79 -8.88 -1.16 -5.19
CA ALA A 79 -9.91 -2.19 -5.20
C ALA A 79 -9.52 -3.33 -4.23
N PRO A 80 -10.49 -4.07 -3.63
CA PRO A 80 -10.19 -5.19 -2.72
C PRO A 80 -9.77 -6.47 -3.49
N LEU A 81 -9.02 -7.32 -2.80
CA LEU A 81 -8.70 -8.67 -3.25
C LEU A 81 -9.84 -9.63 -2.85
N PRO A 82 -10.17 -10.66 -3.69
CA PRO A 82 -11.06 -11.77 -3.28
C PRO A 82 -10.44 -12.57 -2.10
N ASP A 83 -11.28 -13.33 -1.38
CA ASP A 83 -10.88 -14.08 -0.17
C ASP A 83 -9.68 -15.04 -0.43
N SER A 84 -9.68 -15.67 -1.61
CA SER A 84 -8.61 -16.57 -2.05
C SER A 84 -7.27 -15.81 -2.22
N LYS A 85 -7.36 -14.54 -2.70
CA LYS A 85 -6.17 -13.68 -2.93
C LYS A 85 -5.94 -12.73 -1.74
N LEU A 86 -6.73 -12.88 -0.66
CA LEU A 86 -6.58 -12.07 0.55
C LEU A 86 -5.47 -12.71 1.42
N ASP A 87 -4.23 -12.48 0.99
CA ASP A 87 -3.01 -12.94 1.65
C ASP A 87 -2.04 -11.76 1.71
N GLY A 88 -1.19 -11.72 2.76
CA GLY A 88 -0.29 -10.59 3.03
C GLY A 88 0.62 -10.18 1.87
N ALA A 89 1.13 -11.18 1.15
CA ALA A 89 2.03 -10.97 -0.01
C ALA A 89 1.25 -10.40 -1.24
N ASN A 90 -0.05 -10.71 -1.30
CA ASN A 90 -0.95 -10.20 -2.37
C ASN A 90 -1.46 -8.78 -2.02
N ILE A 91 -1.62 -8.52 -0.70
CA ILE A 91 -1.92 -7.19 -0.15
C ILE A 91 -0.81 -6.21 -0.57
N LYS A 92 0.43 -6.71 -0.46
CA LYS A 92 1.66 -5.98 -0.84
C LYS A 92 1.63 -5.55 -2.32
N HIS A 93 1.04 -6.39 -3.18
CA HIS A 93 0.92 -6.10 -4.62
C HIS A 93 -0.01 -4.88 -4.84
N ARG A 94 -1.17 -4.87 -4.15
CA ARG A 94 -2.12 -3.73 -4.16
C ARG A 94 -1.42 -2.41 -3.76
N LEU A 95 -0.70 -2.46 -2.63
CA LEU A 95 -0.01 -1.30 -2.04
C LEU A 95 1.09 -0.77 -2.97
N ALA A 96 1.81 -1.71 -3.63
CA ALA A 96 2.97 -1.39 -4.48
C ALA A 96 2.55 -0.63 -5.74
N LEU A 97 1.52 -1.14 -6.44
CA LEU A 97 1.00 -0.50 -7.67
C LEU A 97 0.25 0.81 -7.34
N TRP A 98 -0.37 0.87 -6.13
CA TRP A 98 -1.02 2.10 -5.65
C TRP A 98 0.00 3.23 -5.52
N ILE A 99 1.08 2.97 -4.76
CA ILE A 99 2.08 3.96 -4.44
C ILE A 99 2.98 4.26 -5.66
N HIS A 100 3.08 3.29 -6.60
CA HIS A 100 3.80 3.51 -7.87
C HIS A 100 3.00 4.50 -8.74
N ALA A 101 1.65 4.38 -8.66
CA ALA A 101 0.72 5.34 -9.27
C ALA A 101 0.70 6.68 -8.51
N ALA A 102 0.92 6.63 -7.18
CA ALA A 102 0.89 7.83 -6.30
C ALA A 102 2.20 8.62 -6.40
N LEU A 103 3.31 7.93 -6.76
CA LEU A 103 4.60 8.58 -7.06
C LEU A 103 4.56 9.13 -8.49
N PRO A 104 4.53 10.50 -8.66
CA PRO A 104 4.30 11.15 -9.99
C PRO A 104 5.47 10.90 -10.97
N ASP A 105 6.69 10.75 -10.43
CA ASP A 105 7.91 10.48 -11.20
C ASP A 105 8.13 8.95 -11.34
N ASN A 106 7.35 8.17 -10.55
CA ASN A 106 7.45 6.70 -10.48
C ASN A 106 8.83 6.25 -9.99
N ASP A 107 9.25 6.88 -8.88
CA ASP A 107 10.53 6.58 -8.20
C ASP A 107 10.70 5.05 -7.98
N PRO A 108 11.90 4.45 -8.30
CA PRO A 108 12.12 2.98 -8.18
C PRO A 108 12.32 2.52 -6.72
N LEU A 109 12.49 3.51 -5.81
CA LEU A 109 12.83 3.28 -4.39
C LEU A 109 14.14 2.49 -4.27
N LYS A 110 15.19 3.01 -4.90
CA LYS A 110 16.54 2.45 -4.79
C LYS A 110 17.15 2.82 -3.43
N MET A 25 -0.26 8.08 -19.70
CA MET A 25 0.66 6.96 -19.42
C MET A 25 1.20 7.07 -17.97
N SER A 26 0.63 6.25 -17.05
CA SER A 26 1.04 6.23 -15.63
C SER A 26 1.98 5.05 -15.35
N LYS A 27 1.42 3.82 -15.41
CA LYS A 27 2.15 2.59 -15.09
C LYS A 27 2.94 2.13 -16.32
N THR A 28 4.17 2.65 -16.46
CA THR A 28 5.06 2.36 -17.59
C THR A 28 6.50 2.12 -17.11
N ALA A 29 6.82 2.60 -15.90
CA ALA A 29 8.16 2.46 -15.29
C ALA A 29 8.29 1.15 -14.50
N LYS A 30 9.53 0.78 -14.20
CA LYS A 30 9.88 -0.54 -13.62
C LYS A 30 9.44 -0.67 -12.14
N LEU A 31 8.90 -1.86 -11.81
CA LEU A 31 8.59 -2.28 -10.42
C LEU A 31 9.52 -3.44 -10.08
N ASN A 32 10.57 -3.15 -9.30
CA ASN A 32 11.61 -4.14 -8.96
C ASN A 32 11.42 -4.64 -7.52
N ASN A 33 11.94 -3.87 -6.54
CA ASN A 33 11.89 -4.26 -5.12
C ASN A 33 10.56 -3.78 -4.53
N GLU A 34 9.53 -4.66 -4.64
CA GLU A 34 8.16 -4.41 -4.17
C GLU A 34 8.14 -3.95 -2.71
N GLU A 35 9.08 -4.49 -1.91
CA GLU A 35 9.24 -4.18 -0.48
C GLU A 35 9.28 -2.66 -0.20
N LYS A 36 10.01 -1.90 -1.04
CA LYS A 36 10.15 -0.42 -0.88
C LYS A 36 8.83 0.30 -1.17
N LEU A 37 8.07 -0.27 -2.11
CA LEU A 37 6.74 0.23 -2.47
C LEU A 37 5.75 -0.01 -1.32
N VAL A 38 5.85 -1.19 -0.70
CA VAL A 38 5.05 -1.58 0.47
C VAL A 38 5.33 -0.62 1.64
N LYS A 39 6.63 -0.40 1.93
CA LYS A 39 7.10 0.49 3.01
C LYS A 39 6.56 1.92 2.84
N LYS A 40 6.75 2.49 1.64
CA LYS A 40 6.27 3.86 1.34
C LYS A 40 4.74 3.94 1.37
N ALA A 41 4.07 2.83 1.05
CA ALA A 41 2.60 2.74 1.16
C ALA A 41 2.15 2.64 2.62
N LEU A 42 3.02 2.07 3.49
CA LEU A 42 2.79 2.06 4.96
C LEU A 42 2.99 3.46 5.54
N GLU A 43 3.92 4.22 4.93
CA GLU A 43 4.27 5.59 5.35
C GLU A 43 3.17 6.58 4.94
N ILE A 44 2.73 6.52 3.67
CA ILE A 44 1.70 7.42 3.13
C ILE A 44 0.31 6.97 3.63
N GLY A 45 0.00 5.67 3.47
CA GLY A 45 -1.26 5.10 3.96
C GLY A 45 -1.40 5.18 5.48
N GLY A 46 -0.25 5.07 6.18
CA GLY A 46 -0.21 5.17 7.64
C GLY A 46 -0.39 6.60 8.14
N LYS A 47 0.31 7.58 7.50
CA LYS A 47 0.21 9.01 7.90
C LYS A 47 -1.20 9.56 7.56
N MET A 48 -1.76 9.09 6.41
CA MET A 48 -3.08 9.53 5.95
C MET A 48 -4.15 8.98 6.88
N ALA A 49 -4.07 7.67 7.22
CA ALA A 49 -4.98 7.03 8.21
C ALA A 49 -4.96 7.80 9.53
N LYS A 50 -3.73 8.12 9.97
CA LYS A 50 -3.48 8.88 11.21
C LYS A 50 -4.28 10.18 11.20
N MET A 51 -4.05 11.01 10.15
CA MET A 51 -4.68 12.34 9.96
C MET A 51 -6.22 12.23 9.85
N GLN A 52 -6.70 11.20 9.12
CA GLN A 52 -8.16 10.94 8.94
C GLN A 52 -8.83 10.58 10.28
N GLY A 53 -8.01 10.08 11.22
CA GLY A 53 -8.43 9.89 12.62
C GLY A 53 -8.32 8.45 13.03
N PHE A 54 -7.16 7.84 12.73
CA PHE A 54 -6.93 6.39 12.97
C PHE A 54 -5.52 6.16 13.53
N ASP A 55 -5.30 4.99 14.16
CA ASP A 55 -3.97 4.52 14.54
C ASP A 55 -3.96 2.99 14.34
N LEU A 56 -3.22 2.55 13.31
CA LEU A 56 -3.15 1.14 12.90
C LEU A 56 -2.19 0.36 13.84
N PRO A 57 -2.45 -0.95 14.13
CA PRO A 57 -1.56 -1.76 15.02
C PRO A 57 -0.15 -1.94 14.39
N GLN A 58 0.87 -1.39 15.08
CA GLN A 58 2.26 -1.40 14.60
C GLN A 58 3.11 -2.49 15.29
N SER A 59 2.52 -3.18 16.30
CA SER A 59 3.27 -4.04 17.23
C SER A 59 3.88 -5.33 16.56
N PRO A 60 3.09 -6.31 15.99
CA PRO A 60 3.69 -7.55 15.43
C PRO A 60 4.38 -7.33 14.05
N GLN A 61 3.91 -6.29 13.30
CA GLN A 61 4.49 -5.75 12.02
C GLN A 61 3.72 -6.17 10.71
N PRO A 62 3.50 -7.50 10.34
CA PRO A 62 2.76 -7.88 9.10
C PRO A 62 1.33 -7.29 9.02
N VAL A 63 0.71 -7.09 10.20
CA VAL A 63 -0.66 -6.55 10.31
C VAL A 63 -0.75 -5.10 9.82
N ARG A 64 0.39 -4.36 9.86
CA ARG A 64 0.47 -2.96 9.37
C ARG A 64 0.12 -2.90 7.89
N VAL A 65 0.69 -3.86 7.14
CA VAL A 65 0.52 -3.99 5.68
C VAL A 65 -0.98 -4.20 5.33
N LYS A 66 -1.60 -5.13 6.05
CA LYS A 66 -3.01 -5.51 5.84
C LYS A 66 -3.96 -4.38 6.31
N ALA A 67 -3.56 -3.68 7.39
CA ALA A 67 -4.35 -2.57 7.98
C ALA A 67 -4.37 -1.33 7.06
N VAL A 68 -3.20 -1.02 6.48
CA VAL A 68 -3.04 0.06 5.49
C VAL A 68 -3.90 -0.24 4.26
N TYR A 69 -3.86 -1.50 3.80
CA TYR A 69 -4.69 -2.01 2.71
C TYR A 69 -6.19 -1.72 2.96
N LEU A 70 -6.68 -2.11 4.17
CA LEU A 70 -8.10 -1.91 4.56
C LEU A 70 -8.48 -0.42 4.50
N PHE A 71 -7.56 0.43 5.00
CA PHE A 71 -7.71 1.89 4.95
C PHE A 71 -7.84 2.37 3.49
N LEU A 72 -6.89 1.95 2.63
CA LEU A 72 -6.81 2.40 1.23
C LEU A 72 -8.06 1.99 0.41
N VAL A 73 -8.60 0.79 0.67
CA VAL A 73 -9.82 0.30 -0.01
C VAL A 73 -11.05 1.13 0.43
N ASP A 74 -11.11 1.41 1.75
CA ASP A 74 -12.16 2.25 2.38
C ASP A 74 -12.08 3.70 1.87
N ALA A 75 -10.84 4.18 1.70
CA ALA A 75 -10.52 5.56 1.33
C ALA A 75 -10.49 5.72 -0.20
N LYS A 76 -10.89 4.66 -0.95
CA LYS A 76 -11.07 4.66 -2.42
C LYS A 76 -9.75 4.92 -3.18
N GLN A 77 -8.64 4.62 -2.49
CA GLN A 77 -7.28 4.68 -3.06
C GLN A 77 -7.04 3.48 -3.99
N ILE A 78 -7.53 2.29 -3.57
CA ILE A 78 -7.46 1.03 -4.35
C ILE A 78 -8.80 0.27 -4.23
N ALA A 79 -8.96 -0.72 -5.12
CA ALA A 79 -10.05 -1.70 -5.08
C ALA A 79 -9.58 -2.93 -4.27
N PRO A 80 -10.51 -3.73 -3.64
CA PRO A 80 -10.12 -4.89 -2.80
C PRO A 80 -9.62 -6.09 -3.62
N LEU A 81 -9.28 -7.16 -2.88
CA LEU A 81 -8.88 -8.47 -3.41
C LEU A 81 -10.02 -9.47 -3.17
N PRO A 82 -10.09 -10.60 -3.94
CA PRO A 82 -10.96 -11.74 -3.59
C PRO A 82 -10.45 -12.46 -2.32
N ASP A 83 -11.33 -13.22 -1.66
CA ASP A 83 -11.04 -13.90 -0.39
C ASP A 83 -9.85 -14.89 -0.54
N SER A 84 -9.77 -15.51 -1.73
CA SER A 84 -8.67 -16.42 -2.09
C SER A 84 -7.31 -15.69 -2.10
N LYS A 85 -7.29 -14.47 -2.66
CA LYS A 85 -6.06 -13.64 -2.79
C LYS A 85 -5.94 -12.64 -1.65
N LEU A 86 -6.75 -12.82 -0.59
CA LEU A 86 -6.59 -12.02 0.64
C LEU A 86 -5.48 -12.70 1.48
N ASP A 87 -4.25 -12.42 1.05
CA ASP A 87 -3.01 -12.98 1.62
C ASP A 87 -1.95 -11.88 1.61
N GLY A 88 -1.06 -11.89 2.62
CA GLY A 88 -0.10 -10.82 2.88
C GLY A 88 0.75 -10.42 1.68
N ALA A 89 1.14 -11.40 0.84
CA ALA A 89 1.96 -11.15 -0.37
C ALA A 89 1.15 -10.36 -1.43
N ASN A 90 -0.15 -10.69 -1.55
CA ASN A 90 -1.09 -10.04 -2.49
C ASN A 90 -1.51 -8.64 -1.98
N ILE A 91 -1.55 -8.50 -0.64
CA ILE A 91 -1.78 -7.22 0.04
C ILE A 91 -0.64 -6.24 -0.29
N LYS A 92 0.61 -6.74 -0.14
CA LYS A 92 1.85 -6.00 -0.47
C LYS A 92 1.85 -5.55 -1.94
N HIS A 93 1.26 -6.39 -2.79
CA HIS A 93 1.13 -6.14 -4.24
C HIS A 93 0.16 -4.95 -4.51
N ARG A 94 -0.96 -4.91 -3.77
CA ARG A 94 -1.94 -3.80 -3.84
C ARG A 94 -1.28 -2.46 -3.43
N LEU A 95 -0.55 -2.50 -2.31
CA LEU A 95 0.15 -1.32 -1.77
C LEU A 95 1.24 -0.84 -2.76
N ALA A 96 1.88 -1.83 -3.42
CA ALA A 96 2.95 -1.62 -4.37
C ALA A 96 2.49 -0.78 -5.57
N LEU A 97 1.53 -1.33 -6.34
CA LEU A 97 1.01 -0.67 -7.55
C LEU A 97 0.29 0.64 -7.23
N TRP A 98 -0.26 0.74 -5.99
CA TRP A 98 -0.88 1.97 -5.49
C TRP A 98 0.13 3.13 -5.51
N ILE A 99 1.20 3.00 -4.70
CA ILE A 99 2.20 4.08 -4.54
C ILE A 99 3.04 4.25 -5.84
N HIS A 100 3.18 3.15 -6.60
CA HIS A 100 3.92 3.13 -7.89
C HIS A 100 3.27 4.10 -8.88
N ALA A 101 1.93 4.02 -8.98
CA ALA A 101 1.13 4.91 -9.85
C ALA A 101 0.85 6.27 -9.17
N ALA A 102 0.81 6.29 -7.82
CA ALA A 102 0.52 7.50 -7.02
C ALA A 102 1.63 8.55 -7.15
N LEU A 103 2.87 8.06 -7.37
CA LEU A 103 4.01 8.92 -7.74
C LEU A 103 3.87 9.32 -9.23
N PRO A 104 3.80 10.66 -9.56
CA PRO A 104 3.58 11.16 -10.95
C PRO A 104 4.67 10.72 -11.95
N ASP A 105 5.93 10.61 -11.47
CA ASP A 105 7.06 10.12 -12.29
C ASP A 105 7.04 8.59 -12.38
N ASN A 106 6.34 7.96 -11.41
CA ASN A 106 6.22 6.49 -11.27
C ASN A 106 7.62 5.90 -11.01
N ASP A 107 8.13 6.15 -9.81
CA ASP A 107 9.52 5.77 -9.42
C ASP A 107 9.64 4.27 -9.12
N PRO A 108 10.89 3.69 -9.15
CA PRO A 108 11.15 2.33 -8.62
C PRO A 108 11.32 2.33 -7.07
N LEU A 109 11.33 3.57 -6.48
CA LEU A 109 11.45 3.84 -5.03
C LEU A 109 12.81 3.39 -4.45
N LYS A 110 13.79 3.20 -5.33
CA LYS A 110 15.16 2.77 -4.95
C LYS A 110 15.87 3.95 -4.27
N MET A 25 -2.34 7.51 -17.24
CA MET A 25 -1.61 8.66 -16.65
C MET A 25 -0.21 8.23 -16.17
N SER A 26 -0.18 7.43 -15.09
CA SER A 26 1.06 7.01 -14.43
C SER A 26 0.95 5.54 -13.99
N LYS A 27 2.08 4.80 -14.10
CA LYS A 27 2.20 3.37 -13.73
C LYS A 27 1.38 2.49 -14.70
N THR A 28 2.07 1.80 -15.62
CA THR A 28 1.45 0.90 -16.60
C THR A 28 1.46 -0.56 -16.06
N ALA A 29 2.67 -1.05 -15.72
CA ALA A 29 2.88 -2.42 -15.20
C ALA A 29 4.28 -2.58 -14.58
N LYS A 30 5.23 -1.71 -15.00
CA LYS A 30 6.61 -1.70 -14.49
C LYS A 30 6.61 -1.47 -12.97
N LEU A 31 7.23 -2.41 -12.24
CA LEU A 31 7.43 -2.33 -10.79
C LEU A 31 8.39 -3.44 -10.35
N ASN A 32 9.49 -3.05 -9.68
CA ASN A 32 10.49 -3.97 -9.10
C ASN A 32 10.88 -3.48 -7.71
N ASN A 33 11.45 -4.40 -6.90
CA ASN A 33 11.90 -4.13 -5.52
C ASN A 33 10.70 -3.73 -4.65
N GLU A 34 9.62 -4.52 -4.80
CA GLU A 34 8.30 -4.28 -4.18
C GLU A 34 8.37 -3.91 -2.69
N GLU A 35 9.31 -4.54 -1.97
CA GLU A 35 9.53 -4.35 -0.51
C GLU A 35 9.58 -2.85 -0.11
N LYS A 36 10.32 -2.08 -0.90
CA LYS A 36 10.56 -0.64 -0.67
C LYS A 36 9.25 0.17 -0.82
N LEU A 37 8.44 -0.24 -1.81
CA LEU A 37 7.16 0.42 -2.14
C LEU A 37 6.07 0.06 -1.11
N VAL A 38 6.11 -1.18 -0.59
CA VAL A 38 5.18 -1.64 0.48
C VAL A 38 5.43 -0.83 1.75
N LYS A 39 6.72 -0.74 2.15
CA LYS A 39 7.14 0.05 3.32
C LYS A 39 6.75 1.53 3.17
N LYS A 40 6.91 2.05 1.94
CA LYS A 40 6.50 3.43 1.61
C LYS A 40 4.98 3.61 1.74
N ALA A 41 4.23 2.57 1.34
CA ALA A 41 2.75 2.58 1.42
C ALA A 41 2.30 2.44 2.88
N LEU A 42 3.14 1.82 3.72
CA LEU A 42 2.90 1.74 5.18
C LEU A 42 3.08 3.12 5.81
N GLU A 43 4.09 3.86 5.31
CA GLU A 43 4.38 5.23 5.75
C GLU A 43 3.28 6.21 5.31
N ILE A 44 3.03 6.26 3.99
CA ILE A 44 2.08 7.20 3.38
C ILE A 44 0.65 6.85 3.80
N GLY A 45 0.25 5.58 3.62
CA GLY A 45 -1.07 5.10 4.02
C GLY A 45 -1.29 5.21 5.54
N GLY A 46 -0.21 4.98 6.31
CA GLY A 46 -0.24 5.14 7.77
C GLY A 46 -0.49 6.58 8.22
N LYS A 47 0.25 7.55 7.63
CA LYS A 47 0.15 8.97 8.01
C LYS A 47 -1.12 9.61 7.46
N MET A 48 -1.56 9.14 6.28
CA MET A 48 -2.83 9.57 5.68
C MET A 48 -3.99 9.20 6.62
N ALA A 49 -4.05 7.89 6.99
CA ALA A 49 -5.04 7.37 7.95
C ALA A 49 -5.03 8.17 9.26
N LYS A 50 -3.80 8.39 9.77
CA LYS A 50 -3.55 9.16 11.00
C LYS A 50 -4.32 10.50 11.00
N MET A 51 -3.98 11.34 10.01
CA MET A 51 -4.47 12.72 9.88
C MET A 51 -5.98 12.78 9.58
N GLN A 52 -6.48 11.77 8.84
CA GLN A 52 -7.92 11.59 8.57
C GLN A 52 -8.68 11.29 9.89
N GLY A 53 -7.98 10.63 10.84
CA GLY A 53 -8.50 10.42 12.20
C GLY A 53 -8.44 8.96 12.62
N PHE A 54 -7.32 8.29 12.27
CA PHE A 54 -7.17 6.82 12.49
C PHE A 54 -5.79 6.49 13.09
N ASP A 55 -5.59 5.21 13.42
CA ASP A 55 -4.31 4.71 13.94
C ASP A 55 -4.18 3.22 13.56
N LEU A 56 -3.37 2.94 12.53
CA LEU A 56 -3.17 1.58 12.02
C LEU A 56 -2.13 0.83 12.88
N PRO A 57 -2.45 -0.41 13.39
CA PRO A 57 -1.50 -1.27 14.16
C PRO A 57 -0.11 -1.39 13.48
N GLN A 58 0.96 -1.04 14.23
CA GLN A 58 2.30 -0.85 13.67
C GLN A 58 3.39 -1.71 14.36
N SER A 59 3.19 -2.02 15.65
CA SER A 59 4.25 -2.55 16.53
C SER A 59 4.85 -3.93 16.07
N PRO A 60 4.05 -5.00 15.69
CA PRO A 60 4.65 -6.28 15.24
C PRO A 60 5.26 -6.24 13.82
N GLN A 61 4.70 -5.34 12.95
CA GLN A 61 5.11 -5.06 11.53
C GLN A 61 4.19 -5.68 10.41
N PRO A 62 3.91 -7.05 10.32
CA PRO A 62 3.13 -7.63 9.18
C PRO A 62 1.66 -7.14 9.13
N VAL A 63 1.12 -6.79 10.31
CA VAL A 63 -0.28 -6.31 10.43
C VAL A 63 -0.46 -4.92 9.80
N ARG A 64 0.65 -4.16 9.65
CA ARG A 64 0.64 -2.84 8.99
C ARG A 64 0.16 -2.98 7.55
N VAL A 65 0.75 -3.95 6.84
CA VAL A 65 0.51 -4.23 5.42
C VAL A 65 -1.01 -4.44 5.15
N LYS A 66 -1.60 -5.30 6.00
CA LYS A 66 -3.01 -5.67 5.97
C LYS A 66 -3.91 -4.43 6.27
N ALA A 67 -3.62 -3.76 7.40
CA ALA A 67 -4.33 -2.56 7.90
C ALA A 67 -4.35 -1.39 6.90
N VAL A 68 -3.19 -1.13 6.27
CA VAL A 68 -3.02 -0.05 5.28
C VAL A 68 -3.89 -0.36 4.05
N TYR A 69 -3.83 -1.62 3.58
CA TYR A 69 -4.68 -2.11 2.49
C TYR A 69 -6.18 -1.82 2.76
N LEU A 70 -6.64 -2.17 3.98
CA LEU A 70 -8.05 -1.95 4.39
C LEU A 70 -8.44 -0.47 4.30
N PHE A 71 -7.54 0.40 4.80
CA PHE A 71 -7.69 1.86 4.74
C PHE A 71 -7.80 2.34 3.28
N LEU A 72 -6.90 1.86 2.42
CA LEU A 72 -6.81 2.29 1.01
C LEU A 72 -8.07 1.91 0.22
N VAL A 73 -8.57 0.67 0.38
CA VAL A 73 -9.78 0.19 -0.33
C VAL A 73 -11.02 0.98 0.13
N ASP A 74 -11.08 1.23 1.46
CA ASP A 74 -12.13 2.05 2.10
C ASP A 74 -12.10 3.51 1.58
N ALA A 75 -10.88 4.02 1.39
CA ALA A 75 -10.63 5.40 0.92
C ALA A 75 -10.56 5.47 -0.62
N LYS A 76 -10.97 4.37 -1.29
CA LYS A 76 -11.15 4.27 -2.76
C LYS A 76 -9.83 4.50 -3.55
N GLN A 77 -8.71 4.31 -2.84
CA GLN A 77 -7.35 4.41 -3.38
C GLN A 77 -7.03 3.22 -4.30
N ILE A 78 -7.48 2.02 -3.87
CA ILE A 78 -7.31 0.75 -4.62
C ILE A 78 -8.59 -0.11 -4.56
N ALA A 79 -8.68 -1.06 -5.48
CA ALA A 79 -9.77 -2.05 -5.56
C ALA A 79 -9.53 -3.19 -4.53
N PRO A 80 -10.59 -3.90 -4.07
CA PRO A 80 -10.45 -5.04 -3.13
C PRO A 80 -9.93 -6.32 -3.82
N LEU A 81 -9.44 -7.24 -3.00
CA LEU A 81 -8.99 -8.58 -3.40
C LEU A 81 -10.07 -9.60 -2.98
N PRO A 82 -10.17 -10.77 -3.69
CA PRO A 82 -10.99 -11.90 -3.20
C PRO A 82 -10.40 -12.49 -1.90
N ASP A 83 -11.25 -13.15 -1.10
CA ASP A 83 -10.84 -13.78 0.18
C ASP A 83 -9.77 -14.86 -0.03
N SER A 84 -9.78 -15.47 -1.22
CA SER A 84 -8.77 -16.46 -1.64
C SER A 84 -7.38 -15.77 -1.81
N LYS A 85 -7.38 -14.53 -2.36
CA LYS A 85 -6.15 -13.72 -2.56
C LYS A 85 -6.01 -12.64 -1.48
N LEU A 86 -6.72 -12.81 -0.35
CA LEU A 86 -6.60 -11.90 0.80
C LEU A 86 -5.47 -12.46 1.69
N ASP A 87 -4.26 -12.33 1.17
CA ASP A 87 -3.04 -12.92 1.75
C ASP A 87 -1.88 -11.93 1.57
N GLY A 88 -0.94 -11.94 2.54
CA GLY A 88 0.18 -10.98 2.62
C GLY A 88 0.86 -10.68 1.29
N ALA A 89 1.11 -11.74 0.49
CA ALA A 89 1.74 -11.64 -0.85
C ALA A 89 0.97 -10.68 -1.78
N ASN A 90 -0.35 -10.90 -1.86
CA ASN A 90 -1.25 -10.17 -2.76
C ASN A 90 -1.52 -8.74 -2.26
N ILE A 91 -1.61 -8.60 -0.91
CA ILE A 91 -1.81 -7.32 -0.23
C ILE A 91 -0.65 -6.36 -0.56
N LYS A 92 0.59 -6.89 -0.48
CA LYS A 92 1.83 -6.15 -0.77
C LYS A 92 1.85 -5.60 -2.20
N HIS A 93 1.28 -6.38 -3.14
CA HIS A 93 1.22 -5.99 -4.57
C HIS A 93 0.26 -4.79 -4.74
N ARG A 94 -0.88 -4.84 -4.03
CA ARG A 94 -1.86 -3.72 -3.98
C ARG A 94 -1.21 -2.41 -3.48
N LEU A 95 -0.45 -2.53 -2.37
CA LEU A 95 0.21 -1.37 -1.73
C LEU A 95 1.30 -0.76 -2.64
N ALA A 96 2.06 -1.66 -3.28
CA ALA A 96 3.20 -1.30 -4.14
C ALA A 96 2.74 -0.51 -5.37
N LEU A 97 1.72 -1.05 -6.07
CA LEU A 97 1.15 -0.39 -7.27
C LEU A 97 0.40 0.89 -6.89
N TRP A 98 -0.24 0.89 -5.69
CA TRP A 98 -0.91 2.09 -5.19
C TRP A 98 0.07 3.26 -5.15
N ILE A 99 1.16 3.08 -4.37
CA ILE A 99 2.12 4.15 -4.11
C ILE A 99 2.93 4.49 -5.39
N HIS A 100 3.08 3.51 -6.30
CA HIS A 100 3.80 3.74 -7.58
C HIS A 100 2.98 4.66 -8.50
N ALA A 101 1.65 4.62 -8.35
CA ALA A 101 0.72 5.56 -9.02
C ALA A 101 0.45 6.82 -8.15
N ALA A 102 0.56 6.66 -6.81
CA ALA A 102 0.25 7.74 -5.83
C ALA A 102 1.39 8.77 -5.76
N LEU A 103 2.56 8.37 -6.26
CA LEU A 103 3.63 9.28 -6.64
C LEU A 103 3.36 9.69 -8.10
N PRO A 104 2.83 10.95 -8.37
CA PRO A 104 2.51 11.44 -9.74
C PRO A 104 3.76 11.49 -10.65
N ASP A 105 4.93 11.64 -10.02
CA ASP A 105 6.24 11.60 -10.69
C ASP A 105 6.58 10.17 -11.17
N ASN A 106 5.99 9.17 -10.48
CA ASN A 106 6.24 7.73 -10.66
C ASN A 106 7.73 7.44 -10.35
N ASP A 107 8.04 7.38 -9.06
CA ASP A 107 9.41 7.22 -8.56
C ASP A 107 9.71 5.73 -8.32
N PRO A 108 10.93 5.22 -8.70
CA PRO A 108 11.33 3.79 -8.43
C PRO A 108 11.70 3.53 -6.95
N LEU A 109 11.90 4.62 -6.16
CA LEU A 109 12.33 4.59 -4.74
C LEU A 109 13.74 4.03 -4.55
N LYS A 110 14.44 3.80 -5.68
CA LYS A 110 15.69 3.07 -5.73
C LYS A 110 16.81 3.82 -4.96
N MET A 25 -1.37 10.10 -14.00
CA MET A 25 -1.15 8.99 -13.05
C MET A 25 -1.03 7.67 -13.84
N SER A 26 0.22 7.21 -14.04
CA SER A 26 0.53 5.98 -14.80
C SER A 26 1.73 5.27 -14.12
N LYS A 27 2.33 4.28 -14.83
CA LYS A 27 3.63 3.68 -14.46
C LYS A 27 4.62 3.94 -15.60
N THR A 28 5.77 4.57 -15.28
CA THR A 28 6.81 4.94 -16.27
C THR A 28 7.45 3.69 -16.92
N ALA A 29 7.50 2.58 -16.15
CA ALA A 29 8.06 1.30 -16.62
C ALA A 29 7.27 0.14 -15.97
N LYS A 30 7.82 -0.47 -14.89
CA LYS A 30 7.24 -1.64 -14.20
C LYS A 30 7.67 -1.66 -12.73
N LEU A 31 6.99 -2.50 -11.94
CA LEU A 31 7.25 -2.69 -10.51
C LEU A 31 8.62 -3.37 -10.29
N ASN A 32 9.40 -2.86 -9.34
CA ASN A 32 10.76 -3.36 -9.05
C ASN A 32 11.03 -3.28 -7.53
N ASN A 33 11.42 -4.43 -6.94
CA ASN A 33 11.63 -4.63 -5.49
C ASN A 33 10.39 -4.14 -4.69
N GLU A 34 9.35 -4.98 -4.70
CA GLU A 34 8.01 -4.67 -4.15
C GLU A 34 8.07 -4.16 -2.69
N GLU A 35 8.97 -4.74 -1.89
CA GLU A 35 9.17 -4.43 -0.44
C GLU A 35 9.36 -2.91 -0.17
N LYS A 36 10.09 -2.22 -1.06
CA LYS A 36 10.32 -0.74 -0.97
C LYS A 36 8.98 0.00 -1.01
N LEU A 37 8.14 -0.41 -1.94
CA LEU A 37 6.84 0.21 -2.20
C LEU A 37 5.80 -0.14 -1.13
N VAL A 38 5.89 -1.36 -0.60
CA VAL A 38 5.04 -1.83 0.51
C VAL A 38 5.24 -0.94 1.73
N LYS A 39 6.51 -0.81 2.15
CA LYS A 39 6.90 -0.05 3.34
C LYS A 39 6.63 1.45 3.16
N LYS A 40 6.80 1.96 1.92
CA LYS A 40 6.50 3.36 1.60
C LYS A 40 4.98 3.61 1.66
N ALA A 41 4.19 2.59 1.31
CA ALA A 41 2.73 2.65 1.39
C ALA A 41 2.28 2.54 2.86
N LEU A 42 3.11 1.89 3.71
CA LEU A 42 2.89 1.88 5.18
C LEU A 42 3.10 3.29 5.75
N GLU A 43 4.11 4.00 5.21
CA GLU A 43 4.42 5.38 5.59
C GLU A 43 3.29 6.35 5.17
N ILE A 44 3.00 6.40 3.86
CA ILE A 44 2.02 7.32 3.27
C ILE A 44 0.59 6.94 3.70
N GLY A 45 0.23 5.66 3.56
CA GLY A 45 -1.07 5.16 4.00
C GLY A 45 -1.29 5.28 5.51
N GLY A 46 -0.19 5.08 6.27
CA GLY A 46 -0.21 5.23 7.73
C GLY A 46 -0.44 6.66 8.18
N LYS A 47 0.28 7.62 7.57
CA LYS A 47 0.20 9.06 7.95
C LYS A 47 -1.14 9.66 7.49
N MET A 48 -1.61 9.23 6.31
CA MET A 48 -2.91 9.66 5.76
C MET A 48 -4.04 9.21 6.69
N ALA A 49 -4.05 7.91 7.06
CA ALA A 49 -5.03 7.31 7.98
C ALA A 49 -5.08 8.07 9.30
N LYS A 50 -3.89 8.26 9.88
CA LYS A 50 -3.68 8.95 11.16
C LYS A 50 -4.40 10.31 11.18
N MET A 51 -4.04 11.16 10.20
CA MET A 51 -4.53 12.55 10.08
C MET A 51 -6.04 12.62 9.71
N GLN A 52 -6.52 11.63 8.92
CA GLN A 52 -7.96 11.50 8.59
C GLN A 52 -8.77 11.13 9.85
N GLY A 53 -8.10 10.50 10.81
CA GLY A 53 -8.67 10.17 12.11
C GLY A 53 -8.67 8.68 12.35
N PHE A 54 -7.48 8.06 12.23
CA PHE A 54 -7.31 6.60 12.44
C PHE A 54 -6.02 6.31 13.23
N ASP A 55 -5.84 5.04 13.60
CA ASP A 55 -4.64 4.55 14.26
C ASP A 55 -4.38 3.12 13.77
N LEU A 56 -3.45 2.98 12.82
CA LEU A 56 -3.02 1.68 12.30
C LEU A 56 -1.98 1.09 13.27
N PRO A 57 -1.98 -0.26 13.51
CA PRO A 57 -1.05 -0.89 14.49
C PRO A 57 0.44 -0.83 14.06
N GLN A 58 1.32 -0.74 15.05
CA GLN A 58 2.78 -0.94 14.90
C GLN A 58 3.14 -2.41 15.27
N SER A 59 2.07 -3.21 15.56
CA SER A 59 2.13 -4.66 15.80
C SER A 59 2.86 -5.42 14.63
N PRO A 60 3.35 -6.71 14.84
CA PRO A 60 4.39 -7.39 14.02
C PRO A 60 4.72 -6.80 12.61
N GLN A 61 4.14 -7.37 11.51
CA GLN A 61 4.41 -6.94 10.12
C GLN A 61 3.12 -7.04 9.24
N PRO A 62 2.47 -8.27 9.05
CA PRO A 62 1.35 -8.42 8.07
C PRO A 62 0.08 -7.68 8.51
N VAL A 63 -0.03 -7.46 9.83
CA VAL A 63 -1.12 -6.68 10.45
C VAL A 63 -1.07 -5.20 10.01
N ARG A 64 0.16 -4.66 9.85
CA ARG A 64 0.38 -3.27 9.42
C ARG A 64 0.09 -3.13 7.92
N VAL A 65 0.65 -4.09 7.15
CA VAL A 65 0.52 -4.15 5.68
C VAL A 65 -0.97 -4.22 5.27
N LYS A 66 -1.71 -5.12 5.93
CA LYS A 66 -3.13 -5.31 5.66
C LYS A 66 -3.97 -4.12 6.23
N ALA A 67 -3.57 -3.57 7.40
CA ALA A 67 -4.24 -2.37 7.98
C ALA A 67 -4.26 -1.19 6.99
N VAL A 68 -3.12 -0.99 6.31
CA VAL A 68 -2.98 0.03 5.27
C VAL A 68 -3.86 -0.32 4.04
N TYR A 69 -3.90 -1.62 3.67
CA TYR A 69 -4.76 -2.11 2.57
C TYR A 69 -6.24 -1.79 2.83
N LEU A 70 -6.73 -2.20 4.02
CA LEU A 70 -8.13 -2.01 4.47
C LEU A 70 -8.51 -0.52 4.44
N PHE A 71 -7.60 0.32 4.98
CA PHE A 71 -7.72 1.77 4.95
C PHE A 71 -7.86 2.28 3.49
N LEU A 72 -6.94 1.86 2.61
CA LEU A 72 -6.85 2.37 1.22
C LEU A 72 -8.06 1.94 0.37
N VAL A 73 -8.59 0.72 0.56
CA VAL A 73 -9.79 0.26 -0.16
C VAL A 73 -11.01 1.12 0.24
N ASP A 74 -11.15 1.33 1.56
CA ASP A 74 -12.19 2.22 2.13
C ASP A 74 -11.94 3.70 1.75
N ALA A 75 -10.67 4.07 1.51
CA ALA A 75 -10.26 5.45 1.13
C ALA A 75 -10.39 5.66 -0.39
N LYS A 76 -10.92 4.63 -1.10
CA LYS A 76 -11.24 4.66 -2.55
C LYS A 76 -9.95 4.78 -3.40
N GLN A 77 -8.84 4.31 -2.83
CA GLN A 77 -7.50 4.31 -3.44
C GLN A 77 -7.30 3.04 -4.29
N ILE A 78 -7.52 1.86 -3.68
CA ILE A 78 -7.30 0.54 -4.33
C ILE A 78 -8.56 -0.34 -4.24
N ALA A 79 -8.57 -1.44 -5.04
CA ALA A 79 -9.70 -2.37 -5.16
C ALA A 79 -9.53 -3.57 -4.17
N PRO A 80 -10.68 -4.16 -3.65
CA PRO A 80 -10.64 -5.24 -2.63
C PRO A 80 -10.36 -6.63 -3.24
N LEU A 81 -9.28 -7.25 -2.78
CA LEU A 81 -8.90 -8.63 -3.11
C LEU A 81 -9.88 -9.64 -2.43
N PRO A 82 -10.22 -10.79 -3.09
CA PRO A 82 -11.08 -11.84 -2.48
C PRO A 82 -10.31 -12.65 -1.41
N ASP A 83 -11.01 -13.59 -0.75
CA ASP A 83 -10.42 -14.42 0.34
C ASP A 83 -9.27 -15.31 -0.16
N SER A 84 -9.33 -15.67 -1.46
CA SER A 84 -8.29 -16.45 -2.13
C SER A 84 -6.98 -15.63 -2.23
N LYS A 85 -7.14 -14.32 -2.48
CA LYS A 85 -6.01 -13.38 -2.67
C LYS A 85 -5.91 -12.40 -1.50
N LEU A 86 -6.55 -12.75 -0.37
CA LEU A 86 -6.39 -12.00 0.88
C LEU A 86 -5.22 -12.65 1.64
N ASP A 87 -4.03 -12.35 1.13
CA ASP A 87 -2.76 -12.96 1.52
C ASP A 87 -1.69 -11.87 1.43
N GLY A 88 -0.71 -11.92 2.34
CA GLY A 88 0.32 -10.89 2.51
C GLY A 88 0.95 -10.39 1.22
N ALA A 89 1.37 -11.32 0.34
CA ALA A 89 2.05 -10.99 -0.94
C ALA A 89 1.13 -10.21 -1.91
N ASN A 90 -0.16 -10.58 -1.91
CA ASN A 90 -1.18 -9.94 -2.78
C ASN A 90 -1.56 -8.55 -2.25
N ILE A 91 -1.61 -8.43 -0.90
CA ILE A 91 -1.86 -7.15 -0.20
C ILE A 91 -0.75 -6.15 -0.57
N LYS A 92 0.50 -6.65 -0.48
CA LYS A 92 1.72 -5.91 -0.83
C LYS A 92 1.67 -5.38 -2.27
N HIS A 93 1.11 -6.19 -3.17
CA HIS A 93 1.00 -5.87 -4.60
C HIS A 93 0.07 -4.66 -4.84
N ARG A 94 -1.08 -4.65 -4.11
CA ARG A 94 -2.02 -3.50 -4.13
C ARG A 94 -1.35 -2.21 -3.64
N LEU A 95 -0.64 -2.32 -2.49
CA LEU A 95 0.09 -1.19 -1.89
C LEU A 95 1.19 -0.66 -2.83
N ALA A 96 1.84 -1.62 -3.53
CA ALA A 96 2.98 -1.36 -4.41
C ALA A 96 2.59 -0.51 -5.62
N LEU A 97 1.58 -0.98 -6.39
CA LEU A 97 1.07 -0.26 -7.58
C LEU A 97 0.43 1.07 -7.20
N TRP A 98 -0.19 1.11 -6.02
CA TRP A 98 -0.81 2.34 -5.48
C TRP A 98 0.22 3.47 -5.37
N ILE A 99 1.26 3.24 -4.53
CA ILE A 99 2.31 4.24 -4.24
C ILE A 99 3.19 4.50 -5.49
N HIS A 100 3.26 3.49 -6.39
CA HIS A 100 4.03 3.62 -7.64
C HIS A 100 3.37 4.65 -8.57
N ALA A 101 2.04 4.62 -8.64
CA ALA A 101 1.25 5.57 -9.45
C ALA A 101 1.05 6.91 -8.70
N ALA A 102 1.13 6.86 -7.35
CA ALA A 102 0.99 8.04 -6.47
C ALA A 102 2.20 8.98 -6.60
N LEU A 103 3.40 8.37 -6.77
CA LEU A 103 4.63 9.12 -7.09
C LEU A 103 4.59 9.57 -8.57
N PRO A 104 4.72 10.92 -8.85
CA PRO A 104 4.67 11.47 -10.23
C PRO A 104 5.66 10.82 -11.21
N ASP A 105 6.89 10.55 -10.72
CA ASP A 105 7.98 9.96 -11.55
C ASP A 105 7.84 8.44 -11.66
N ASN A 106 7.04 7.83 -10.74
CA ASN A 106 6.85 6.36 -10.66
C ASN A 106 8.22 5.69 -10.37
N ASP A 107 8.86 6.17 -9.29
CA ASP A 107 10.27 5.89 -8.94
C ASP A 107 10.56 4.39 -8.64
N PRO A 108 11.87 3.98 -8.50
CA PRO A 108 12.25 2.70 -7.85
C PRO A 108 12.11 2.77 -6.29
N LEU A 109 11.85 4.01 -5.78
CA LEU A 109 11.66 4.32 -4.33
C LEU A 109 12.93 4.07 -3.51
N LYS A 110 14.08 3.93 -4.21
CA LYS A 110 15.38 3.53 -3.64
C LYS A 110 15.79 4.48 -2.48
N MET A 25 -5.36 3.25 -17.76
CA MET A 25 -3.96 3.69 -17.51
C MET A 25 -3.02 2.49 -17.61
N SER A 26 -1.80 2.75 -18.11
CA SER A 26 -0.72 1.74 -18.23
C SER A 26 -0.15 1.38 -16.84
N LYS A 27 0.58 0.25 -16.79
CA LYS A 27 1.33 -0.16 -15.59
C LYS A 27 2.48 0.83 -15.33
N THR A 28 2.58 1.28 -14.08
CA THR A 28 3.53 2.32 -13.65
C THR A 28 4.99 1.85 -13.81
N ALA A 29 5.62 2.27 -14.93
CA ALA A 29 7.01 1.95 -15.29
C ALA A 29 7.32 0.43 -15.23
N LYS A 30 7.94 -0.03 -14.12
CA LYS A 30 8.44 -1.41 -13.98
C LYS A 30 7.89 -2.06 -12.70
N LEU A 31 8.40 -1.58 -11.52
CA LEU A 31 8.10 -2.13 -10.17
C LEU A 31 8.73 -3.54 -10.02
N ASN A 32 9.82 -3.62 -9.25
CA ASN A 32 10.61 -4.86 -9.06
C ASN A 32 10.96 -5.03 -7.57
N ASN A 33 11.41 -3.92 -6.94
CA ASN A 33 11.78 -3.89 -5.50
C ASN A 33 10.51 -3.64 -4.67
N GLU A 34 9.53 -4.57 -4.78
CA GLU A 34 8.16 -4.41 -4.25
C GLU A 34 8.15 -3.97 -2.78
N GLU A 35 9.01 -4.62 -1.96
CA GLU A 35 9.09 -4.39 -0.50
C GLU A 35 9.35 -2.91 -0.14
N LYS A 36 10.16 -2.23 -0.97
CA LYS A 36 10.46 -0.79 -0.82
C LYS A 36 9.18 0.06 -0.98
N LEU A 37 8.38 -0.30 -1.97
CA LEU A 37 7.10 0.37 -2.27
C LEU A 37 6.06 0.06 -1.18
N VAL A 38 6.12 -1.17 -0.64
CA VAL A 38 5.27 -1.59 0.49
C VAL A 38 5.53 -0.69 1.71
N LYS A 39 6.84 -0.47 2.01
CA LYS A 39 7.28 0.41 3.12
C LYS A 39 6.75 1.83 2.93
N LYS A 40 6.88 2.36 1.70
CA LYS A 40 6.46 3.72 1.36
C LYS A 40 4.92 3.85 1.40
N ALA A 41 4.22 2.75 1.12
CA ALA A 41 2.74 2.69 1.21
C ALA A 41 2.30 2.64 2.68
N LEU A 42 3.16 2.06 3.54
CA LEU A 42 2.96 2.05 5.01
C LEU A 42 3.18 3.47 5.57
N GLU A 43 4.15 4.19 4.98
CA GLU A 43 4.50 5.56 5.38
C GLU A 43 3.35 6.52 5.01
N ILE A 44 3.05 6.61 3.70
CA ILE A 44 2.03 7.53 3.17
C ILE A 44 0.62 7.10 3.65
N GLY A 45 0.29 5.81 3.47
CA GLY A 45 -1.00 5.27 3.89
C GLY A 45 -1.20 5.32 5.41
N GLY A 46 -0.09 5.18 6.17
CA GLY A 46 -0.12 5.24 7.63
C GLY A 46 -0.39 6.65 8.18
N LYS A 47 0.30 7.66 7.60
CA LYS A 47 0.16 9.07 8.05
C LYS A 47 -1.15 9.70 7.52
N MET A 48 -1.61 9.23 6.35
CA MET A 48 -2.92 9.61 5.81
C MET A 48 -4.02 9.06 6.71
N ALA A 49 -3.91 7.76 7.07
CA ALA A 49 -4.82 7.10 8.02
C ALA A 49 -4.90 7.89 9.33
N LYS A 50 -3.72 8.25 9.84
CA LYS A 50 -3.55 9.09 11.03
C LYS A 50 -4.46 10.34 10.96
N MET A 51 -4.25 11.16 9.90
CA MET A 51 -4.95 12.44 9.66
C MET A 51 -6.46 12.24 9.40
N GLN A 52 -6.84 11.09 8.83
CA GLN A 52 -8.24 10.71 8.60
C GLN A 52 -8.91 10.40 9.96
N GLY A 53 -8.10 9.91 10.90
CA GLY A 53 -8.54 9.65 12.27
C GLY A 53 -8.33 8.21 12.66
N PHE A 54 -7.13 7.68 12.34
CA PHE A 54 -6.80 6.25 12.58
C PHE A 54 -5.46 6.11 13.29
N ASP A 55 -5.27 4.97 13.95
CA ASP A 55 -3.98 4.57 14.53
C ASP A 55 -3.78 3.07 14.25
N LEU A 56 -3.06 2.79 13.16
CA LEU A 56 -2.78 1.42 12.72
C LEU A 56 -1.67 0.80 13.59
N PRO A 57 -1.73 -0.54 13.93
CA PRO A 57 -0.69 -1.22 14.76
C PRO A 57 0.70 -1.19 14.06
N GLN A 58 1.57 -0.29 14.55
CA GLN A 58 2.87 0.01 13.92
C GLN A 58 3.97 -0.97 14.36
N SER A 59 4.02 -1.21 15.68
CA SER A 59 5.11 -1.97 16.34
C SER A 59 5.31 -3.43 15.82
N PRO A 60 4.23 -4.27 15.52
CA PRO A 60 4.45 -5.64 15.00
C PRO A 60 5.18 -5.68 13.64
N GLN A 61 4.71 -4.83 12.68
CA GLN A 61 5.20 -4.67 11.26
C GLN A 61 4.29 -5.35 10.18
N PRO A 62 4.06 -6.72 10.15
CA PRO A 62 3.29 -7.38 9.03
C PRO A 62 1.79 -7.00 9.03
N VAL A 63 1.29 -6.65 10.24
CA VAL A 63 -0.10 -6.23 10.45
C VAL A 63 -0.37 -4.85 9.80
N ARG A 64 0.69 -4.01 9.70
CA ARG A 64 0.60 -2.67 9.09
C ARG A 64 0.15 -2.77 7.64
N VAL A 65 0.73 -3.76 6.95
CA VAL A 65 0.54 -3.98 5.51
C VAL A 65 -0.97 -4.20 5.19
N LYS A 66 -1.59 -5.13 5.94
CA LYS A 66 -3.02 -5.47 5.79
C LYS A 66 -3.91 -4.29 6.28
N ALA A 67 -3.46 -3.59 7.33
CA ALA A 67 -4.19 -2.44 7.92
C ALA A 67 -4.28 -1.25 6.94
N VAL A 68 -3.15 -0.96 6.27
CA VAL A 68 -3.05 0.11 5.26
C VAL A 68 -3.90 -0.25 4.04
N TYR A 69 -3.88 -1.54 3.65
CA TYR A 69 -4.75 -2.09 2.60
C TYR A 69 -6.24 -1.77 2.87
N LEU A 70 -6.71 -2.14 4.09
CA LEU A 70 -8.12 -1.92 4.51
C LEU A 70 -8.48 -0.44 4.42
N PHE A 71 -7.56 0.40 4.89
CA PHE A 71 -7.69 1.86 4.84
C PHE A 71 -7.82 2.36 3.38
N LEU A 72 -6.96 1.88 2.47
CA LEU A 72 -6.91 2.32 1.06
C LEU A 72 -8.16 1.87 0.28
N VAL A 73 -8.64 0.64 0.53
CA VAL A 73 -9.87 0.11 -0.09
C VAL A 73 -11.09 0.93 0.39
N ASP A 74 -11.09 1.23 1.70
CA ASP A 74 -12.15 2.01 2.36
C ASP A 74 -12.16 3.46 1.82
N ALA A 75 -10.94 3.99 1.59
CA ALA A 75 -10.72 5.36 1.09
C ALA A 75 -10.82 5.40 -0.45
N LYS A 76 -11.12 4.24 -1.08
CA LYS A 76 -11.36 4.10 -2.55
C LYS A 76 -10.10 4.44 -3.38
N GLN A 77 -8.93 4.32 -2.74
CA GLN A 77 -7.61 4.44 -3.38
C GLN A 77 -7.33 3.20 -4.27
N ILE A 78 -7.62 2.00 -3.71
CA ILE A 78 -7.49 0.72 -4.43
C ILE A 78 -8.79 -0.10 -4.30
N ALA A 79 -8.88 -1.18 -5.10
CA ALA A 79 -10.02 -2.11 -5.13
C ALA A 79 -9.76 -3.33 -4.22
N PRO A 80 -10.82 -3.91 -3.57
CA PRO A 80 -10.67 -5.07 -2.64
C PRO A 80 -10.28 -6.39 -3.35
N LEU A 81 -9.25 -7.04 -2.81
CA LEU A 81 -8.86 -8.41 -3.17
C LEU A 81 -9.92 -9.42 -2.71
N PRO A 82 -10.25 -10.48 -3.53
CA PRO A 82 -11.20 -11.55 -3.13
C PRO A 82 -10.63 -12.47 -2.03
N ASP A 83 -11.46 -13.43 -1.57
CA ASP A 83 -11.14 -14.29 -0.42
C ASP A 83 -9.94 -15.23 -0.69
N SER A 84 -9.67 -15.51 -1.98
CA SER A 84 -8.52 -16.33 -2.40
C SER A 84 -7.23 -15.49 -2.43
N LYS A 85 -7.37 -14.18 -2.69
CA LYS A 85 -6.24 -13.24 -2.82
C LYS A 85 -6.08 -12.36 -1.58
N LEU A 86 -6.81 -12.67 -0.51
CA LEU A 86 -6.68 -11.95 0.77
C LEU A 86 -5.57 -12.65 1.59
N ASP A 87 -4.33 -12.38 1.16
CA ASP A 87 -3.11 -12.94 1.75
C ASP A 87 -2.02 -11.87 1.69
N GLY A 88 -1.14 -11.85 2.72
CA GLY A 88 -0.12 -10.80 2.91
C GLY A 88 0.68 -10.45 1.66
N ALA A 89 0.96 -11.47 0.82
CA ALA A 89 1.72 -11.31 -0.44
C ALA A 89 0.96 -10.41 -1.44
N ASN A 90 -0.33 -10.72 -1.66
CA ASN A 90 -1.23 -9.99 -2.59
C ASN A 90 -1.49 -8.56 -2.09
N ILE A 91 -1.63 -8.45 -0.75
CA ILE A 91 -1.82 -7.17 -0.04
C ILE A 91 -0.66 -6.20 -0.37
N LYS A 92 0.59 -6.71 -0.22
CA LYS A 92 1.84 -5.96 -0.51
C LYS A 92 1.85 -5.45 -1.96
N HIS A 93 1.36 -6.28 -2.88
CA HIS A 93 1.36 -6.00 -4.32
C HIS A 93 0.41 -4.83 -4.66
N ARG A 94 -0.76 -4.80 -3.99
CA ARG A 94 -1.75 -3.71 -4.15
C ARG A 94 -1.22 -2.38 -3.59
N LEU A 95 -0.55 -2.46 -2.43
CA LEU A 95 0.12 -1.31 -1.80
C LEU A 95 1.23 -0.74 -2.71
N ALA A 96 1.98 -1.68 -3.34
CA ALA A 96 3.11 -1.36 -4.20
C ALA A 96 2.67 -0.58 -5.46
N LEU A 97 1.64 -1.09 -6.16
CA LEU A 97 1.10 -0.44 -7.38
C LEU A 97 0.38 0.89 -7.04
N TRP A 98 -0.27 0.93 -5.85
CA TRP A 98 -0.94 2.15 -5.37
C TRP A 98 0.07 3.30 -5.25
N ILE A 99 1.15 3.06 -4.48
CA ILE A 99 2.16 4.08 -4.18
C ILE A 99 3.02 4.38 -5.43
N HIS A 100 3.11 3.41 -6.35
CA HIS A 100 3.84 3.60 -7.61
C HIS A 100 3.04 4.51 -8.56
N ALA A 101 1.70 4.51 -8.40
CA ALA A 101 0.80 5.46 -9.08
C ALA A 101 0.75 6.80 -8.32
N ALA A 102 0.90 6.74 -6.98
CA ALA A 102 0.89 7.91 -6.09
C ALA A 102 2.20 8.72 -6.25
N LEU A 103 3.27 8.04 -6.67
CA LEU A 103 4.51 8.67 -7.12
C LEU A 103 4.41 8.81 -8.66
N PRO A 104 4.08 10.04 -9.20
CA PRO A 104 3.86 10.26 -10.65
C PRO A 104 5.16 10.13 -11.47
N ASP A 105 6.31 10.19 -10.76
CA ASP A 105 7.65 9.96 -11.33
C ASP A 105 7.87 8.47 -11.68
N ASN A 106 7.06 7.59 -11.05
CA ASN A 106 7.14 6.13 -11.21
C ASN A 106 8.52 5.61 -10.74
N ASP A 107 8.93 6.06 -9.53
CA ASP A 107 10.25 5.80 -8.94
C ASP A 107 10.49 4.28 -8.72
N PRO A 108 11.76 3.78 -8.85
CA PRO A 108 12.12 2.38 -8.54
C PRO A 108 12.17 2.12 -7.01
N LEU A 109 12.42 3.21 -6.24
CA LEU A 109 12.72 3.16 -4.79
C LEU A 109 13.90 2.19 -4.53
N LYS A 110 14.89 2.22 -5.43
CA LYS A 110 16.02 1.29 -5.42
C LYS A 110 16.89 1.51 -4.16
N MET A 25 -2.05 9.50 -14.01
CA MET A 25 -0.77 8.94 -13.54
C MET A 25 -0.48 7.63 -14.26
N SER A 26 0.82 7.27 -14.31
CA SER A 26 1.30 6.06 -15.00
C SER A 26 1.11 4.81 -14.11
N LYS A 27 1.11 3.65 -14.77
CA LYS A 27 0.91 2.34 -14.11
C LYS A 27 1.53 1.26 -15.01
N THR A 28 1.91 0.12 -14.40
CA THR A 28 2.60 -1.00 -15.07
C THR A 28 3.96 -0.49 -15.65
N ALA A 29 4.90 -0.24 -14.73
CA ALA A 29 6.19 0.41 -15.06
C ALA A 29 7.30 -0.08 -14.10
N LYS A 30 8.47 0.60 -14.13
CA LYS A 30 9.70 0.24 -13.35
C LYS A 30 9.40 -0.07 -11.86
N LEU A 31 9.27 -1.37 -11.55
CA LEU A 31 8.93 -1.88 -10.21
C LEU A 31 9.68 -3.22 -10.02
N ASN A 32 10.83 -3.16 -9.32
CA ASN A 32 11.69 -4.33 -9.06
C ASN A 32 11.38 -4.90 -7.67
N ASN A 33 11.96 -4.31 -6.62
CA ASN A 33 11.78 -4.76 -5.24
C ASN A 33 10.47 -4.17 -4.70
N GLU A 34 9.42 -4.99 -4.70
CA GLU A 34 8.08 -4.63 -4.24
C GLU A 34 8.11 -4.13 -2.78
N GLU A 35 9.03 -4.69 -1.99
CA GLU A 35 9.26 -4.36 -0.59
C GLU A 35 9.43 -2.84 -0.36
N LYS A 36 10.21 -2.19 -1.25
CA LYS A 36 10.46 -0.71 -1.22
C LYS A 36 9.13 0.07 -1.21
N LEU A 37 8.26 -0.37 -2.12
CA LEU A 37 6.96 0.26 -2.39
C LEU A 37 5.96 0.00 -1.25
N VAL A 38 6.00 -1.22 -0.70
CA VAL A 38 5.18 -1.60 0.46
C VAL A 38 5.50 -0.69 1.66
N LYS A 39 6.81 -0.50 1.92
CA LYS A 39 7.32 0.38 3.00
C LYS A 39 6.78 1.80 2.86
N LYS A 40 6.90 2.36 1.64
CA LYS A 40 6.46 3.74 1.35
C LYS A 40 4.93 3.86 1.44
N ALA A 41 4.22 2.78 1.14
CA ALA A 41 2.76 2.70 1.26
C ALA A 41 2.34 2.62 2.73
N LEU A 42 3.21 2.03 3.58
CA LEU A 42 3.01 2.00 5.05
C LEU A 42 3.19 3.40 5.64
N GLU A 43 4.14 4.16 5.06
CA GLU A 43 4.44 5.55 5.48
C GLU A 43 3.28 6.49 5.11
N ILE A 44 2.95 6.53 3.81
CA ILE A 44 1.91 7.42 3.26
C ILE A 44 0.53 6.96 3.76
N GLY A 45 0.19 5.68 3.51
CA GLY A 45 -1.12 5.11 3.93
C GLY A 45 -1.31 5.10 5.44
N GLY A 46 -0.20 4.93 6.18
CA GLY A 46 -0.21 4.96 7.65
C GLY A 46 -0.53 6.36 8.21
N LYS A 47 0.19 7.38 7.71
CA LYS A 47 -0.01 8.79 8.14
C LYS A 47 -1.38 9.31 7.66
N MET A 48 -1.83 8.84 6.48
CA MET A 48 -3.11 9.24 5.87
C MET A 48 -4.28 8.72 6.72
N ALA A 49 -4.17 7.45 7.16
CA ALA A 49 -5.13 6.83 8.09
C ALA A 49 -5.15 7.61 9.41
N LYS A 50 -3.96 7.94 9.91
CA LYS A 50 -3.78 8.68 11.16
C LYS A 50 -4.52 10.03 11.11
N MET A 51 -4.28 10.79 10.03
CA MET A 51 -4.90 12.11 9.77
C MET A 51 -6.42 12.02 9.54
N GLN A 52 -6.89 10.88 8.99
CA GLN A 52 -8.35 10.57 8.88
C GLN A 52 -8.95 10.35 10.28
N GLY A 53 -8.09 9.94 11.23
CA GLY A 53 -8.46 9.84 12.65
C GLY A 53 -8.29 8.44 13.17
N PHE A 54 -7.16 7.81 12.80
CA PHE A 54 -6.89 6.39 13.13
C PHE A 54 -5.46 6.22 13.67
N ASP A 55 -5.07 4.96 13.92
CA ASP A 55 -3.70 4.58 14.31
C ASP A 55 -3.52 3.09 14.00
N LEU A 56 -2.65 2.80 13.02
CA LEU A 56 -2.40 1.42 12.55
C LEU A 56 -1.34 0.74 13.44
N PRO A 57 -1.57 -0.56 13.86
CA PRO A 57 -0.67 -1.28 14.81
C PRO A 57 0.74 -1.51 14.23
N GLN A 58 1.77 -0.99 14.93
CA GLN A 58 3.17 -0.97 14.44
C GLN A 58 3.98 -2.19 14.93
N SER A 59 3.76 -2.59 16.21
CA SER A 59 4.61 -3.60 16.89
C SER A 59 4.52 -5.06 16.31
N PRO A 60 3.30 -5.62 15.91
CA PRO A 60 3.22 -7.00 15.34
C PRO A 60 4.03 -7.15 14.04
N GLN A 61 3.88 -6.12 13.16
CA GLN A 61 4.58 -5.92 11.84
C GLN A 61 3.65 -6.21 10.61
N PRO A 62 3.20 -7.50 10.30
CA PRO A 62 2.40 -7.80 9.06
C PRO A 62 1.03 -7.10 9.04
N VAL A 63 0.51 -6.79 10.23
CA VAL A 63 -0.79 -6.14 10.41
C VAL A 63 -0.77 -4.70 9.86
N ARG A 64 0.43 -4.07 9.80
CA ARG A 64 0.60 -2.73 9.19
C ARG A 64 0.19 -2.76 7.72
N VAL A 65 0.72 -3.78 7.02
CA VAL A 65 0.52 -3.99 5.57
C VAL A 65 -0.98 -4.16 5.24
N LYS A 66 -1.64 -5.06 5.98
CA LYS A 66 -3.05 -5.41 5.77
C LYS A 66 -3.98 -4.24 6.21
N ALA A 67 -3.55 -3.50 7.25
CA ALA A 67 -4.30 -2.34 7.78
C ALA A 67 -4.31 -1.16 6.79
N VAL A 68 -3.13 -0.90 6.18
CA VAL A 68 -2.97 0.15 5.15
C VAL A 68 -3.86 -0.19 3.95
N TYR A 69 -3.85 -1.47 3.53
CA TYR A 69 -4.73 -2.00 2.48
C TYR A 69 -6.22 -1.66 2.76
N LEU A 70 -6.70 -2.04 3.97
CA LEU A 70 -8.12 -1.84 4.38
C LEU A 70 -8.50 -0.35 4.31
N PHE A 71 -7.59 0.50 4.80
CA PHE A 71 -7.74 1.95 4.77
C PHE A 71 -7.88 2.45 3.30
N LEU A 72 -6.98 1.99 2.42
CA LEU A 72 -6.93 2.45 1.02
C LEU A 72 -8.18 2.02 0.23
N VAL A 73 -8.69 0.81 0.50
CA VAL A 73 -9.93 0.30 -0.14
C VAL A 73 -11.14 1.16 0.31
N ASP A 74 -11.15 1.48 1.61
CA ASP A 74 -12.18 2.35 2.23
C ASP A 74 -12.12 3.78 1.64
N ALA A 75 -10.88 4.27 1.45
CA ALA A 75 -10.60 5.65 1.02
C ALA A 75 -10.58 5.78 -0.51
N LYS A 76 -11.15 4.77 -1.22
CA LYS A 76 -11.40 4.79 -2.70
C LYS A 76 -10.08 4.82 -3.51
N GLN A 77 -8.97 4.47 -2.86
CA GLN A 77 -7.62 4.48 -3.45
C GLN A 77 -7.39 3.22 -4.30
N ILE A 78 -7.62 2.04 -3.71
CA ILE A 78 -7.46 0.73 -4.40
C ILE A 78 -8.74 -0.11 -4.29
N ALA A 79 -8.86 -1.09 -5.19
CA ALA A 79 -9.94 -2.08 -5.20
C ALA A 79 -9.58 -3.24 -4.24
N PRO A 80 -10.59 -3.94 -3.64
CA PRO A 80 -10.32 -5.07 -2.74
C PRO A 80 -9.96 -6.37 -3.49
N LEU A 81 -9.19 -7.21 -2.81
CA LEU A 81 -8.89 -8.58 -3.22
C LEU A 81 -9.95 -9.53 -2.66
N PRO A 82 -10.29 -10.67 -3.35
CA PRO A 82 -11.16 -11.72 -2.77
C PRO A 82 -10.50 -12.35 -1.51
N ASP A 83 -11.30 -12.99 -0.65
CA ASP A 83 -10.81 -13.64 0.60
C ASP A 83 -9.80 -14.76 0.27
N SER A 84 -9.92 -15.32 -0.94
CA SER A 84 -9.00 -16.33 -1.48
C SER A 84 -7.61 -15.72 -1.80
N LYS A 85 -7.59 -14.45 -2.25
CA LYS A 85 -6.34 -13.72 -2.55
C LYS A 85 -6.08 -12.63 -1.50
N LEU A 86 -6.75 -12.74 -0.35
CA LEU A 86 -6.50 -11.87 0.80
C LEU A 86 -5.33 -12.48 1.58
N ASP A 87 -4.15 -12.31 1.00
CA ASP A 87 -2.89 -12.90 1.47
C ASP A 87 -1.82 -11.83 1.47
N GLY A 88 -0.85 -11.94 2.41
CA GLY A 88 0.20 -10.93 2.64
C GLY A 88 0.89 -10.45 1.37
N ALA A 89 1.27 -11.40 0.49
CA ALA A 89 1.97 -11.10 -0.77
C ALA A 89 1.09 -10.30 -1.76
N ASN A 90 -0.20 -10.65 -1.81
CA ASN A 90 -1.19 -10.00 -2.70
C ASN A 90 -1.56 -8.60 -2.18
N ILE A 91 -1.60 -8.46 -0.85
CA ILE A 91 -1.84 -7.18 -0.16
C ILE A 91 -0.71 -6.18 -0.49
N LYS A 92 0.53 -6.68 -0.37
CA LYS A 92 1.77 -5.93 -0.68
C LYS A 92 1.80 -5.46 -2.14
N HIS A 93 1.22 -6.29 -3.02
CA HIS A 93 1.12 -6.00 -4.45
C HIS A 93 0.15 -4.80 -4.70
N ARG A 94 -1.00 -4.80 -3.98
CA ARG A 94 -1.97 -3.66 -4.00
C ARG A 94 -1.28 -2.35 -3.57
N LEU A 95 -0.54 -2.44 -2.45
CA LEU A 95 0.16 -1.28 -1.86
C LEU A 95 1.26 -0.75 -2.80
N ALA A 96 1.92 -1.71 -3.48
CA ALA A 96 3.03 -1.42 -4.40
C ALA A 96 2.57 -0.58 -5.60
N LEU A 97 1.56 -1.10 -6.32
CA LEU A 97 1.03 -0.41 -7.52
C LEU A 97 0.27 0.88 -7.15
N TRP A 98 -0.30 0.93 -5.93
CA TRP A 98 -0.93 2.16 -5.41
C TRP A 98 0.10 3.29 -5.34
N ILE A 99 1.14 3.07 -4.50
CA ILE A 99 2.15 4.11 -4.23
C ILE A 99 2.96 4.42 -5.50
N HIS A 100 3.15 3.41 -6.38
CA HIS A 100 3.90 3.57 -7.63
C HIS A 100 3.17 4.56 -8.56
N ALA A 101 1.84 4.37 -8.68
CA ALA A 101 0.97 5.25 -9.46
C ALA A 101 0.76 6.60 -8.73
N ALA A 102 0.87 6.59 -7.38
CA ALA A 102 0.73 7.80 -6.56
C ALA A 102 1.90 8.76 -6.83
N LEU A 103 3.10 8.17 -7.02
CA LEU A 103 4.30 8.90 -7.41
C LEU A 103 4.12 9.47 -8.84
N PRO A 104 4.19 10.83 -9.05
CA PRO A 104 3.90 11.48 -10.36
C PRO A 104 4.89 11.11 -11.48
N ASP A 105 5.99 10.43 -11.11
CA ASP A 105 7.03 9.97 -12.06
C ASP A 105 7.14 8.44 -12.08
N ASN A 106 6.37 7.76 -11.19
CA ASN A 106 6.49 6.30 -10.97
C ASN A 106 7.94 5.92 -10.60
N ASP A 107 8.44 6.58 -9.53
CA ASP A 107 9.83 6.45 -9.05
C ASP A 107 10.20 4.99 -8.70
N PRO A 108 11.53 4.61 -8.73
CA PRO A 108 12.00 3.27 -8.31
C PRO A 108 12.14 3.15 -6.77
N LEU A 109 11.91 4.30 -6.07
CA LEU A 109 12.02 4.43 -4.61
C LEU A 109 13.46 4.12 -4.12
N LYS A 110 14.43 4.32 -5.03
CA LYS A 110 15.85 3.95 -4.85
C LYS A 110 16.44 4.55 -3.54
N MET A 25 5.74 10.32 -18.33
CA MET A 25 5.72 9.67 -17.01
C MET A 25 4.28 9.21 -16.68
N SER A 26 4.15 7.93 -16.26
CA SER A 26 2.86 7.28 -15.92
C SER A 26 3.05 6.36 -14.70
N LYS A 27 2.10 5.43 -14.47
CA LYS A 27 2.20 4.39 -13.43
C LYS A 27 3.36 3.42 -13.75
N THR A 28 3.50 3.07 -15.06
CA THR A 28 4.62 2.28 -15.64
C THR A 28 4.76 0.86 -15.01
N ALA A 29 5.94 0.22 -15.18
CA ALA A 29 6.24 -1.13 -14.66
C ALA A 29 7.48 -1.14 -13.74
N LYS A 30 7.93 0.06 -13.29
CA LYS A 30 9.10 0.21 -12.38
C LYS A 30 8.78 -0.33 -10.96
N LEU A 31 8.84 -1.66 -10.82
CA LEU A 31 8.47 -2.36 -9.60
C LEU A 31 9.26 -3.66 -9.53
N ASN A 32 10.50 -3.57 -9.02
CA ASN A 32 11.40 -4.72 -8.83
C ASN A 32 11.39 -5.10 -7.35
N ASN A 33 11.95 -4.22 -6.51
CA ASN A 33 11.98 -4.38 -5.05
C ASN A 33 10.64 -3.91 -4.47
N GLU A 34 9.68 -4.86 -4.41
CA GLU A 34 8.32 -4.58 -3.92
C GLU A 34 8.35 -4.03 -2.47
N GLU A 35 9.31 -4.54 -1.65
CA GLU A 35 9.60 -4.07 -0.27
C GLU A 35 9.58 -2.53 -0.16
N LYS A 36 10.31 -1.87 -1.09
CA LYS A 36 10.43 -0.41 -1.15
C LYS A 36 9.05 0.27 -1.27
N LEU A 37 8.28 -0.17 -2.27
CA LEU A 37 6.99 0.43 -2.60
C LEU A 37 5.96 0.19 -1.48
N VAL A 38 5.94 -1.03 -0.92
CA VAL A 38 5.01 -1.40 0.17
C VAL A 38 5.24 -0.50 1.40
N LYS A 39 6.51 -0.37 1.81
CA LYS A 39 6.90 0.40 3.01
C LYS A 39 6.65 1.91 2.83
N LYS A 40 6.77 2.40 1.58
CA LYS A 40 6.40 3.80 1.23
C LYS A 40 4.87 3.99 1.28
N ALA A 41 4.13 2.94 0.91
CA ALA A 41 2.67 2.93 0.99
C ALA A 41 2.20 2.85 2.46
N LEU A 42 3.06 2.26 3.33
CA LEU A 42 2.84 2.26 4.79
C LEU A 42 3.06 3.68 5.34
N GLU A 43 4.04 4.41 4.76
CA GLU A 43 4.32 5.81 5.12
C GLU A 43 3.11 6.72 4.79
N ILE A 44 2.73 6.75 3.51
CA ILE A 44 1.67 7.62 3.00
C ILE A 44 0.30 7.19 3.57
N GLY A 45 -0.03 5.90 3.43
CA GLY A 45 -1.27 5.34 3.96
C GLY A 45 -1.38 5.46 5.47
N GLY A 46 -0.22 5.37 6.15
CA GLY A 46 -0.14 5.51 7.60
C GLY A 46 -0.47 6.92 8.09
N LYS A 47 0.23 7.91 7.53
CA LYS A 47 0.07 9.33 7.94
C LYS A 47 -1.30 9.88 7.51
N MET A 48 -1.80 9.42 6.34
CA MET A 48 -3.14 9.79 5.85
C MET A 48 -4.21 9.28 6.82
N ALA A 49 -4.13 7.97 7.17
CA ALA A 49 -5.04 7.32 8.14
C ALA A 49 -5.08 8.10 9.45
N LYS A 50 -3.88 8.43 9.92
CA LYS A 50 -3.67 9.19 11.15
C LYS A 50 -4.49 10.50 11.14
N MET A 51 -4.28 11.30 10.06
CA MET A 51 -4.98 12.59 9.83
C MET A 51 -6.51 12.43 9.74
N GLN A 52 -6.95 11.33 9.08
CA GLN A 52 -8.38 11.01 8.92
C GLN A 52 -9.01 10.75 10.31
N GLY A 53 -8.18 10.23 11.22
CA GLY A 53 -8.57 10.00 12.62
C GLY A 53 -8.35 8.57 13.00
N PHE A 54 -7.16 8.04 12.70
CA PHE A 54 -6.82 6.61 12.96
C PHE A 54 -5.43 6.50 13.61
N ASP A 55 -5.13 5.28 14.07
CA ASP A 55 -3.83 4.91 14.62
C ASP A 55 -3.61 3.43 14.25
N LEU A 56 -2.86 3.20 13.16
CA LEU A 56 -2.61 1.85 12.64
C LEU A 56 -1.64 1.07 13.55
N PRO A 57 -1.93 -0.24 13.86
CA PRO A 57 -1.08 -1.08 14.75
C PRO A 57 0.40 -1.12 14.34
N GLN A 58 1.29 -1.06 15.36
CA GLN A 58 2.75 -1.09 15.17
C GLN A 58 3.30 -2.53 15.32
N SER A 59 2.37 -3.50 15.28
CA SER A 59 2.63 -4.96 15.32
C SER A 59 3.59 -5.41 14.15
N PRO A 60 4.26 -6.64 14.21
CA PRO A 60 5.38 -7.09 13.32
C PRO A 60 5.64 -6.28 12.02
N GLN A 61 5.09 -6.73 10.86
CA GLN A 61 5.24 -6.07 9.54
C GLN A 61 4.00 -6.32 8.63
N PRO A 62 3.64 -7.62 8.26
CA PRO A 62 2.55 -7.87 7.25
C PRO A 62 1.16 -7.52 7.78
N VAL A 63 1.02 -7.52 9.12
CA VAL A 63 -0.17 -7.04 9.83
C VAL A 63 -0.40 -5.52 9.62
N ARG A 64 0.71 -4.76 9.55
CA ARG A 64 0.67 -3.30 9.30
C ARG A 64 0.34 -3.03 7.83
N VAL A 65 0.91 -3.87 6.96
CA VAL A 65 0.64 -3.85 5.51
C VAL A 65 -0.86 -4.11 5.25
N LYS A 66 -1.40 -5.07 6.00
CA LYS A 66 -2.81 -5.48 5.92
C LYS A 66 -3.71 -4.34 6.46
N ALA A 67 -3.25 -3.68 7.54
CA ALA A 67 -3.95 -2.52 8.17
C ALA A 67 -4.08 -1.33 7.19
N VAL A 68 -2.96 -0.98 6.54
CA VAL A 68 -2.88 0.11 5.54
C VAL A 68 -3.78 -0.21 4.34
N TYR A 69 -3.78 -1.49 3.92
CA TYR A 69 -4.66 -2.00 2.85
C TYR A 69 -6.13 -1.73 3.18
N LEU A 70 -6.58 -2.13 4.39
CA LEU A 70 -7.98 -1.96 4.84
C LEU A 70 -8.39 -0.49 4.78
N PHE A 71 -7.47 0.38 5.23
CA PHE A 71 -7.64 1.84 5.17
C PHE A 71 -7.80 2.32 3.70
N LEU A 72 -6.90 1.89 2.80
CA LEU A 72 -6.88 2.37 1.40
C LEU A 72 -8.10 1.87 0.58
N VAL A 73 -8.57 0.65 0.88
CA VAL A 73 -9.76 0.08 0.22
C VAL A 73 -11.03 0.80 0.73
N ASP A 74 -11.02 1.12 2.03
CA ASP A 74 -12.10 1.88 2.68
C ASP A 74 -12.17 3.30 2.12
N ALA A 75 -10.98 3.89 1.92
CA ALA A 75 -10.78 5.24 1.38
C ALA A 75 -10.89 5.25 -0.15
N LYS A 76 -11.06 4.03 -0.74
CA LYS A 76 -11.31 3.82 -2.20
C LYS A 76 -10.09 4.22 -3.06
N GLN A 77 -8.91 4.31 -2.41
CA GLN A 77 -7.60 4.56 -3.05
C GLN A 77 -7.22 3.37 -3.95
N ILE A 78 -7.51 2.15 -3.45
CA ILE A 78 -7.36 0.89 -4.21
C ILE A 78 -8.66 0.09 -4.17
N ALA A 79 -8.73 -0.90 -5.06
CA ALA A 79 -9.82 -1.86 -5.13
C ALA A 79 -9.55 -3.03 -4.16
N PRO A 80 -10.59 -3.71 -3.61
CA PRO A 80 -10.40 -4.89 -2.74
C PRO A 80 -9.91 -6.13 -3.53
N LEU A 81 -9.49 -7.15 -2.78
CA LEU A 81 -9.08 -8.45 -3.31
C LEU A 81 -10.20 -9.47 -3.02
N PRO A 82 -10.41 -10.51 -3.90
CA PRO A 82 -11.28 -11.67 -3.58
C PRO A 82 -10.66 -12.51 -2.44
N ASP A 83 -11.50 -13.33 -1.77
CA ASP A 83 -11.11 -14.13 -0.58
C ASP A 83 -9.93 -15.07 -0.88
N SER A 84 -9.89 -15.60 -2.11
CA SER A 84 -8.83 -16.50 -2.58
C SER A 84 -7.47 -15.74 -2.69
N LYS A 85 -7.52 -14.43 -3.03
CA LYS A 85 -6.33 -13.57 -3.21
C LYS A 85 -6.13 -12.64 -2.00
N LEU A 86 -6.93 -12.84 -0.94
CA LEU A 86 -6.77 -12.07 0.31
C LEU A 86 -5.66 -12.76 1.12
N ASP A 87 -4.42 -12.35 0.85
CA ASP A 87 -3.19 -12.97 1.37
C ASP A 87 -2.09 -11.91 1.46
N GLY A 88 -1.17 -12.08 2.43
CA GLY A 88 -0.14 -11.10 2.79
C GLY A 88 0.64 -10.51 1.61
N ALA A 89 1.08 -11.37 0.67
CA ALA A 89 1.89 -10.93 -0.49
C ALA A 89 1.03 -10.14 -1.50
N ASN A 90 -0.24 -10.57 -1.66
CA ASN A 90 -1.20 -9.92 -2.59
C ASN A 90 -1.62 -8.53 -2.05
N ILE A 91 -1.70 -8.43 -0.70
CA ILE A 91 -1.90 -7.16 0.02
C ILE A 91 -0.73 -6.19 -0.28
N LYS A 92 0.50 -6.70 -0.13
CA LYS A 92 1.75 -5.96 -0.41
C LYS A 92 1.77 -5.48 -1.87
N HIS A 93 1.30 -6.35 -2.76
CA HIS A 93 1.25 -6.08 -4.20
C HIS A 93 0.26 -4.95 -4.51
N ARG A 94 -0.89 -4.94 -3.79
CA ARG A 94 -1.89 -3.85 -3.86
C ARG A 94 -1.27 -2.49 -3.53
N LEU A 95 -0.58 -2.44 -2.38
CA LEU A 95 0.04 -1.21 -1.86
C LEU A 95 1.18 -0.74 -2.78
N ALA A 96 1.88 -1.73 -3.36
CA ALA A 96 3.00 -1.51 -4.26
C ALA A 96 2.55 -0.75 -5.52
N LEU A 97 1.52 -1.29 -6.23
CA LEU A 97 0.98 -0.66 -7.46
C LEU A 97 0.27 0.67 -7.16
N TRP A 98 -0.31 0.81 -5.95
CA TRP A 98 -0.96 2.05 -5.51
C TRP A 98 0.03 3.21 -5.49
N ILE A 99 1.08 3.05 -4.69
CA ILE A 99 2.11 4.08 -4.51
C ILE A 99 2.96 4.22 -5.78
N HIS A 100 2.97 3.17 -6.61
CA HIS A 100 3.64 3.17 -7.92
C HIS A 100 2.93 4.15 -8.89
N ALA A 101 1.60 4.21 -8.80
CA ALA A 101 0.78 5.20 -9.52
C ALA A 101 0.90 6.60 -8.86
N ALA A 102 1.03 6.60 -7.51
CA ALA A 102 1.12 7.83 -6.70
C ALA A 102 2.52 8.49 -6.79
N LEU A 103 3.52 7.73 -7.27
CA LEU A 103 4.85 8.24 -7.64
C LEU A 103 4.92 8.36 -9.17
N PRO A 104 4.62 9.57 -9.77
CA PRO A 104 4.65 9.78 -11.24
C PRO A 104 6.09 9.74 -11.78
N ASP A 105 7.05 10.09 -10.91
CA ASP A 105 8.50 10.08 -11.22
C ASP A 105 9.00 8.63 -11.42
N ASN A 106 8.46 7.71 -10.59
CA ASN A 106 8.85 6.29 -10.55
C ASN A 106 10.33 6.12 -10.18
N ASP A 107 10.66 6.71 -9.03
CA ASP A 107 11.98 6.57 -8.38
C ASP A 107 12.10 5.14 -7.81
N PRO A 108 13.31 4.48 -7.83
CA PRO A 108 13.51 3.12 -7.23
C PRO A 108 13.50 3.10 -5.69
N LEU A 109 13.24 4.29 -5.07
CA LEU A 109 13.06 4.48 -3.60
C LEU A 109 14.34 4.16 -2.80
N LYS A 110 15.50 4.16 -3.50
CA LYS A 110 16.80 3.80 -2.91
C LYS A 110 17.31 4.91 -1.96
N MET A 25 1.17 6.75 -22.68
CA MET A 25 1.82 5.97 -21.60
C MET A 25 1.68 4.45 -21.88
N SER A 26 2.80 3.72 -21.75
CA SER A 26 2.85 2.26 -21.97
C SER A 26 2.77 1.49 -20.63
N LYS A 27 2.55 2.25 -19.53
CA LYS A 27 2.67 1.81 -18.12
C LYS A 27 4.15 1.61 -17.76
N THR A 28 4.80 0.64 -18.45
CA THR A 28 6.19 0.21 -18.21
C THR A 28 6.29 -0.52 -16.85
N ALA A 29 6.70 -1.80 -16.89
CA ALA A 29 6.93 -2.61 -15.68
C ALA A 29 8.19 -2.08 -14.94
N LYS A 30 7.99 -0.97 -14.22
CA LYS A 30 9.06 -0.22 -13.52
C LYS A 30 8.90 -0.45 -12.01
N LEU A 31 8.79 -1.75 -11.66
CA LEU A 31 8.43 -2.21 -10.32
C LEU A 31 9.03 -3.61 -10.14
N ASN A 32 9.93 -3.78 -9.14
CA ASN A 32 10.64 -5.05 -8.88
C ASN A 32 10.69 -5.33 -7.38
N ASN A 33 11.47 -4.49 -6.64
CA ASN A 33 11.61 -4.59 -5.17
C ASN A 33 10.32 -4.10 -4.51
N GLU A 34 9.33 -5.00 -4.44
CA GLU A 34 7.97 -4.72 -4.00
C GLU A 34 7.95 -4.20 -2.55
N GLU A 35 8.82 -4.80 -1.71
CA GLU A 35 8.99 -4.44 -0.28
C GLU A 35 9.20 -2.92 -0.08
N LYS A 36 10.00 -2.33 -0.98
CA LYS A 36 10.24 -0.86 -1.02
C LYS A 36 8.92 -0.07 -1.11
N LEU A 37 8.08 -0.47 -2.06
CA LEU A 37 6.81 0.20 -2.36
C LEU A 37 5.80 0.00 -1.21
N VAL A 38 5.83 -1.19 -0.62
CA VAL A 38 4.99 -1.55 0.52
C VAL A 38 5.30 -0.64 1.72
N LYS A 39 6.61 -0.48 2.02
CA LYS A 39 7.11 0.37 3.12
C LYS A 39 6.70 1.85 2.95
N LYS A 40 6.83 2.36 1.72
CA LYS A 40 6.45 3.74 1.38
C LYS A 40 4.92 3.92 1.46
N ALA A 41 4.19 2.83 1.19
CA ALA A 41 2.72 2.80 1.34
C ALA A 41 2.32 2.72 2.81
N LEU A 42 3.21 2.13 3.66
CA LEU A 42 3.03 2.11 5.12
C LEU A 42 3.19 3.54 5.67
N GLU A 43 4.13 4.29 5.06
CA GLU A 43 4.38 5.70 5.42
C GLU A 43 3.18 6.58 5.02
N ILE A 44 2.88 6.62 3.71
CA ILE A 44 1.84 7.52 3.15
C ILE A 44 0.45 7.09 3.64
N GLY A 45 0.13 5.79 3.52
CA GLY A 45 -1.15 5.24 3.99
C GLY A 45 -1.30 5.33 5.51
N GLY A 46 -0.17 5.16 6.24
CA GLY A 46 -0.16 5.26 7.71
C GLY A 46 -0.45 6.67 8.21
N LYS A 47 0.23 7.67 7.62
CA LYS A 47 0.11 9.08 8.04
C LYS A 47 -1.22 9.68 7.55
N MET A 48 -1.73 9.20 6.39
CA MET A 48 -3.05 9.62 5.87
C MET A 48 -4.15 9.13 6.81
N ALA A 49 -4.11 7.83 7.17
CA ALA A 49 -5.05 7.21 8.13
C ALA A 49 -5.04 7.96 9.45
N LYS A 50 -3.82 8.25 9.93
CA LYS A 50 -3.56 8.98 11.17
C LYS A 50 -4.31 10.33 11.17
N MET A 51 -4.07 11.13 10.09
CA MET A 51 -4.72 12.46 9.89
C MET A 51 -6.25 12.36 9.73
N GLN A 52 -6.72 11.27 9.09
CA GLN A 52 -8.17 10.98 8.91
C GLN A 52 -8.84 10.73 10.28
N GLY A 53 -8.02 10.24 11.23
CA GLY A 53 -8.44 10.08 12.63
C GLY A 53 -8.27 8.65 13.08
N PHE A 54 -7.10 8.07 12.75
CA PHE A 54 -6.81 6.64 13.04
C PHE A 54 -5.38 6.48 13.58
N ASP A 55 -5.01 5.22 13.81
CA ASP A 55 -3.62 4.80 14.05
C ASP A 55 -3.53 3.31 13.68
N LEU A 56 -2.77 3.00 12.62
CA LEU A 56 -2.64 1.64 12.10
C LEU A 56 -1.64 0.85 13.00
N PRO A 57 -2.08 -0.35 13.56
CA PRO A 57 -1.34 -1.10 14.61
C PRO A 57 0.18 -1.22 14.38
N GLN A 58 0.96 -0.67 15.32
CA GLN A 58 2.44 -0.65 15.30
C GLN A 58 3.04 -2.08 15.35
N SER A 59 2.20 -3.04 15.81
CA SER A 59 2.45 -4.50 15.80
C SER A 59 3.21 -5.00 14.52
N PRO A 60 3.96 -6.18 14.58
CA PRO A 60 5.10 -6.55 13.70
C PRO A 60 5.19 -5.80 12.31
N GLN A 61 4.81 -6.47 11.19
CA GLN A 61 4.92 -5.89 9.82
C GLN A 61 3.69 -6.26 8.95
N PRO A 62 3.34 -7.60 8.70
CA PRO A 62 2.23 -7.98 7.75
C PRO A 62 0.86 -7.47 8.21
N VAL A 63 0.73 -7.26 9.53
CA VAL A 63 -0.47 -6.72 10.17
C VAL A 63 -0.65 -5.22 9.83
N ARG A 64 0.48 -4.50 9.68
CA ARG A 64 0.49 -3.08 9.28
C ARG A 64 0.19 -2.96 7.79
N VAL A 65 0.81 -3.87 7.00
CA VAL A 65 0.63 -3.98 5.54
C VAL A 65 -0.87 -4.15 5.19
N LYS A 66 -1.51 -5.06 5.94
CA LYS A 66 -2.93 -5.39 5.77
C LYS A 66 -3.82 -4.24 6.30
N ALA A 67 -3.40 -3.59 7.42
CA ALA A 67 -4.11 -2.41 7.99
C ALA A 67 -4.17 -1.22 6.99
N VAL A 68 -3.02 -0.94 6.35
CA VAL A 68 -2.88 0.11 5.32
C VAL A 68 -3.79 -0.19 4.12
N TYR A 69 -3.77 -1.47 3.70
CA TYR A 69 -4.64 -1.98 2.62
C TYR A 69 -6.13 -1.66 2.90
N LEU A 70 -6.62 -2.05 4.09
CA LEU A 70 -8.05 -1.86 4.49
C LEU A 70 -8.44 -0.38 4.44
N PHE A 71 -7.52 0.47 4.95
CA PHE A 71 -7.67 1.93 4.92
C PHE A 71 -7.82 2.43 3.46
N LEU A 72 -6.91 1.98 2.58
CA LEU A 72 -6.87 2.42 1.17
C LEU A 72 -8.10 1.97 0.36
N VAL A 73 -8.59 0.73 0.59
CA VAL A 73 -9.79 0.20 -0.10
C VAL A 73 -11.03 0.98 0.34
N ASP A 74 -11.12 1.23 1.66
CA ASP A 74 -12.21 2.01 2.28
C ASP A 74 -12.23 3.45 1.75
N ALA A 75 -11.02 4.00 1.54
CA ALA A 75 -10.81 5.38 1.02
C ALA A 75 -10.77 5.40 -0.53
N LYS A 76 -11.09 4.25 -1.16
CA LYS A 76 -11.23 4.11 -2.65
C LYS A 76 -9.91 4.40 -3.41
N GLN A 77 -8.79 4.36 -2.69
CA GLN A 77 -7.43 4.51 -3.24
C GLN A 77 -7.05 3.30 -4.10
N ILE A 78 -7.51 2.10 -3.68
CA ILE A 78 -7.32 0.83 -4.42
C ILE A 78 -8.62 0.01 -4.45
N ALA A 79 -8.60 -1.06 -5.27
CA ALA A 79 -9.66 -2.06 -5.34
C ALA A 79 -9.39 -3.18 -4.31
N PRO A 80 -10.44 -3.94 -3.86
CA PRO A 80 -10.23 -5.10 -2.98
C PRO A 80 -9.70 -6.33 -3.75
N LEU A 81 -9.21 -7.31 -2.98
CA LEU A 81 -8.76 -8.62 -3.47
C LEU A 81 -9.81 -9.67 -3.07
N PRO A 82 -9.96 -10.80 -3.85
CA PRO A 82 -10.83 -11.93 -3.44
C PRO A 82 -10.28 -12.61 -2.17
N ASP A 83 -11.18 -13.27 -1.41
CA ASP A 83 -10.82 -13.96 -0.15
C ASP A 83 -9.72 -15.02 -0.36
N SER A 84 -9.72 -15.61 -1.57
CA SER A 84 -8.73 -16.62 -2.00
C SER A 84 -7.30 -16.05 -2.00
N LYS A 85 -7.14 -14.78 -2.44
CA LYS A 85 -5.83 -14.10 -2.57
C LYS A 85 -5.59 -13.09 -1.46
N LEU A 86 -6.59 -12.90 -0.57
CA LEU A 86 -6.49 -11.96 0.55
C LEU A 86 -5.47 -12.51 1.58
N ASP A 87 -4.22 -12.13 1.37
CA ASP A 87 -3.05 -12.53 2.17
C ASP A 87 -1.92 -11.54 1.88
N GLY A 88 -1.01 -11.37 2.87
CA GLY A 88 0.07 -10.37 2.85
C GLY A 88 0.82 -10.25 1.53
N ALA A 89 1.05 -11.40 0.86
CA ALA A 89 1.72 -11.47 -0.45
C ALA A 89 1.01 -10.59 -1.51
N ASN A 90 -0.31 -10.79 -1.65
CA ASN A 90 -1.14 -10.07 -2.66
C ASN A 90 -1.49 -8.65 -2.18
N ILE A 91 -1.55 -8.47 -0.85
CA ILE A 91 -1.78 -7.16 -0.20
C ILE A 91 -0.67 -6.18 -0.60
N LYS A 92 0.58 -6.71 -0.60
CA LYS A 92 1.78 -6.00 -1.04
C LYS A 92 1.63 -5.45 -2.46
N HIS A 93 1.04 -6.26 -3.36
CA HIS A 93 0.87 -5.91 -4.79
C HIS A 93 -0.06 -4.69 -4.93
N ARG A 94 -1.12 -4.66 -4.11
CA ARG A 94 -2.05 -3.51 -4.04
C ARG A 94 -1.32 -2.23 -3.61
N LEU A 95 -0.58 -2.33 -2.50
CA LEU A 95 0.18 -1.21 -1.93
C LEU A 95 1.27 -0.73 -2.91
N ALA A 96 1.84 -1.69 -3.66
CA ALA A 96 2.95 -1.46 -4.60
C ALA A 96 2.50 -0.59 -5.78
N LEU A 97 1.49 -1.07 -6.53
CA LEU A 97 0.97 -0.33 -7.70
C LEU A 97 0.28 0.98 -7.30
N TRP A 98 -0.29 1.00 -6.07
CA TRP A 98 -0.92 2.22 -5.52
C TRP A 98 0.12 3.35 -5.42
N ILE A 99 1.17 3.13 -4.61
CA ILE A 99 2.18 4.15 -4.32
C ILE A 99 3.05 4.44 -5.57
N HIS A 100 3.16 3.44 -6.47
CA HIS A 100 3.88 3.60 -7.74
C HIS A 100 3.15 4.62 -8.63
N ALA A 101 1.80 4.53 -8.63
CA ALA A 101 0.93 5.46 -9.38
C ALA A 101 0.74 6.79 -8.62
N ALA A 102 0.80 6.73 -7.27
CA ALA A 102 0.59 7.89 -6.39
C ALA A 102 1.77 8.89 -6.52
N LEU A 103 3.00 8.33 -6.55
CA LEU A 103 4.20 9.09 -6.89
C LEU A 103 4.15 9.44 -8.39
N PRO A 104 4.00 10.76 -8.76
CA PRO A 104 3.75 11.19 -10.16
C PRO A 104 4.99 11.05 -11.08
N ASP A 105 6.14 10.78 -10.46
CA ASP A 105 7.42 10.53 -11.15
C ASP A 105 7.68 9.03 -11.31
N ASN A 106 6.84 8.19 -10.65
CA ASN A 106 6.99 6.71 -10.60
C ASN A 106 8.40 6.33 -10.11
N ASP A 107 8.86 7.13 -9.11
CA ASP A 107 10.21 7.06 -8.50
C ASP A 107 10.56 5.61 -8.07
N PRO A 108 11.86 5.13 -8.20
CA PRO A 108 12.27 3.74 -7.80
C PRO A 108 12.33 3.54 -6.26
N LEU A 109 11.98 4.61 -5.52
CA LEU A 109 11.80 4.62 -4.05
C LEU A 109 13.14 4.43 -3.27
N LYS A 110 14.25 4.37 -4.00
CA LYS A 110 15.60 4.20 -3.43
C LYS A 110 16.31 5.56 -3.52
N MET A 25 2.50 12.17 -17.29
CA MET A 25 3.30 10.92 -17.28
C MET A 25 2.36 9.72 -17.24
N SER A 26 2.47 8.82 -18.23
CA SER A 26 1.68 7.57 -18.27
C SER A 26 2.14 6.64 -17.13
N LYS A 27 3.18 5.81 -17.40
CA LYS A 27 3.88 4.96 -16.41
C LYS A 27 4.81 3.99 -17.16
N THR A 28 6.09 3.94 -16.76
CA THR A 28 7.07 2.98 -17.28
C THR A 28 6.84 1.57 -16.67
N ALA A 29 6.04 1.54 -15.57
CA ALA A 29 5.53 0.31 -14.92
C ALA A 29 6.65 -0.54 -14.27
N LYS A 30 7.84 0.07 -14.09
CA LYS A 30 9.00 -0.59 -13.48
C LYS A 30 8.76 -0.73 -11.96
N LEU A 31 8.71 -1.98 -11.50
CA LEU A 31 8.43 -2.33 -10.11
C LEU A 31 9.15 -3.67 -9.85
N ASN A 32 10.43 -3.56 -9.46
CA ASN A 32 11.30 -4.72 -9.28
C ASN A 32 11.32 -5.14 -7.80
N ASN A 33 11.88 -4.30 -6.93
CA ASN A 33 11.93 -4.57 -5.49
C ASN A 33 10.68 -3.98 -4.81
N GLU A 34 9.61 -4.78 -4.81
CA GLU A 34 8.28 -4.40 -4.26
C GLU A 34 8.37 -3.95 -2.79
N GLU A 35 9.28 -4.59 -2.05
CA GLU A 35 9.53 -4.36 -0.61
C GLU A 35 9.58 -2.86 -0.23
N LYS A 36 10.32 -2.07 -1.03
CA LYS A 36 10.53 -0.62 -0.76
C LYS A 36 9.23 0.18 -0.99
N LEU A 37 8.44 -0.24 -2.00
CA LEU A 37 7.13 0.37 -2.30
C LEU A 37 6.11 0.06 -1.19
N VAL A 38 6.18 -1.16 -0.64
CA VAL A 38 5.31 -1.60 0.47
C VAL A 38 5.60 -0.73 1.72
N LYS A 39 6.89 -0.56 2.04
CA LYS A 39 7.35 0.30 3.15
C LYS A 39 6.82 1.74 2.98
N LYS A 40 6.96 2.25 1.75
CA LYS A 40 6.54 3.62 1.40
C LYS A 40 5.02 3.77 1.56
N ALA A 41 4.27 2.71 1.23
CA ALA A 41 2.81 2.68 1.37
C ALA A 41 2.38 2.58 2.85
N LEU A 42 3.25 1.98 3.69
CA LEU A 42 3.04 1.94 5.16
C LEU A 42 3.20 3.36 5.75
N GLU A 43 4.20 4.10 5.21
CA GLU A 43 4.51 5.47 5.64
C GLU A 43 3.39 6.45 5.23
N ILE A 44 3.05 6.43 3.93
CA ILE A 44 2.05 7.35 3.35
C ILE A 44 0.66 6.96 3.84
N GLY A 45 0.27 5.68 3.67
CA GLY A 45 -1.03 5.17 4.11
C GLY A 45 -1.23 5.28 5.62
N GLY A 46 -0.14 5.08 6.39
CA GLY A 46 -0.16 5.21 7.85
C GLY A 46 -0.45 6.64 8.32
N LYS A 47 0.33 7.61 7.81
CA LYS A 47 0.18 9.04 8.17
C LYS A 47 -1.15 9.60 7.64
N MET A 48 -1.56 9.13 6.43
CA MET A 48 -2.82 9.56 5.78
C MET A 48 -3.99 9.19 6.69
N ALA A 49 -4.06 7.90 7.08
CA ALA A 49 -5.09 7.37 7.99
C ALA A 49 -5.15 8.20 9.27
N LYS A 50 -3.97 8.41 9.87
CA LYS A 50 -3.82 9.17 11.12
C LYS A 50 -4.51 10.55 11.01
N MET A 51 -4.09 11.33 9.99
CA MET A 51 -4.59 12.69 9.73
C MET A 51 -6.09 12.70 9.34
N GLN A 52 -6.55 11.65 8.64
CA GLN A 52 -7.97 11.50 8.23
C GLN A 52 -8.85 11.26 9.48
N GLY A 53 -8.24 10.75 10.56
CA GLY A 53 -8.89 10.64 11.87
C GLY A 53 -8.79 9.24 12.43
N PHE A 54 -7.64 8.59 12.18
CA PHE A 54 -7.40 7.19 12.56
C PHE A 54 -6.02 7.06 13.21
N ASP A 55 -5.55 5.82 13.39
CA ASP A 55 -4.14 5.51 13.73
C ASP A 55 -3.91 4.00 13.50
N LEU A 56 -3.24 3.69 12.37
CA LEU A 56 -2.86 2.31 12.04
C LEU A 56 -1.70 1.87 12.95
N PRO A 57 -1.87 0.76 13.76
CA PRO A 57 -0.90 0.37 14.81
C PRO A 57 0.48 0.02 14.24
N GLN A 58 1.53 0.36 15.01
CA GLN A 58 2.93 0.08 14.64
C GLN A 58 3.32 -1.33 15.17
N SER A 59 2.48 -2.31 14.79
CA SER A 59 2.67 -3.73 15.11
C SER A 59 3.79 -4.33 14.18
N PRO A 60 4.27 -5.62 14.37
CA PRO A 60 5.40 -6.25 13.59
C PRO A 60 5.63 -5.73 12.13
N GLN A 61 5.07 -6.42 11.09
CA GLN A 61 5.26 -6.03 9.66
C GLN A 61 3.96 -6.37 8.84
N PRO A 62 3.56 -7.70 8.65
CA PRO A 62 2.47 -8.08 7.69
C PRO A 62 1.08 -7.57 8.13
N VAL A 63 0.93 -7.41 9.45
CA VAL A 63 -0.29 -6.90 10.09
C VAL A 63 -0.52 -5.41 9.76
N ARG A 64 0.59 -4.63 9.66
CA ARG A 64 0.51 -3.20 9.27
C ARG A 64 0.19 -3.10 7.78
N VAL A 65 0.80 -3.99 6.99
CA VAL A 65 0.61 -4.10 5.54
C VAL A 65 -0.89 -4.27 5.20
N LYS A 66 -1.54 -5.19 5.92
CA LYS A 66 -2.95 -5.51 5.74
C LYS A 66 -3.85 -4.37 6.31
N ALA A 67 -3.43 -3.77 7.45
CA ALA A 67 -4.13 -2.61 8.06
C ALA A 67 -4.22 -1.41 7.08
N VAL A 68 -3.08 -1.07 6.46
CA VAL A 68 -2.96 0.00 5.45
C VAL A 68 -3.85 -0.30 4.25
N TYR A 69 -3.81 -1.56 3.80
CA TYR A 69 -4.67 -2.07 2.71
C TYR A 69 -6.16 -1.77 2.96
N LEU A 70 -6.67 -2.14 4.16
CA LEU A 70 -8.09 -1.93 4.54
C LEU A 70 -8.47 -0.45 4.51
N PHE A 71 -7.55 0.40 5.04
CA PHE A 71 -7.70 1.86 4.99
C PHE A 71 -7.86 2.34 3.53
N LEU A 72 -6.94 1.90 2.65
CA LEU A 72 -6.88 2.32 1.24
C LEU A 72 -8.16 1.91 0.48
N VAL A 73 -8.64 0.68 0.69
CA VAL A 73 -9.86 0.16 0.04
C VAL A 73 -11.09 0.99 0.46
N ASP A 74 -11.17 1.28 1.78
CA ASP A 74 -12.25 2.11 2.36
C ASP A 74 -12.18 3.56 1.86
N ALA A 75 -10.94 4.03 1.63
CA ALA A 75 -10.64 5.42 1.22
C ALA A 75 -10.62 5.57 -0.32
N LYS A 76 -11.11 4.52 -1.04
CA LYS A 76 -11.34 4.52 -2.51
C LYS A 76 -10.00 4.63 -3.30
N GLN A 77 -8.89 4.31 -2.62
CA GLN A 77 -7.53 4.35 -3.18
C GLN A 77 -7.29 3.13 -4.09
N ILE A 78 -7.67 1.93 -3.59
CA ILE A 78 -7.52 0.65 -4.33
C ILE A 78 -8.80 -0.20 -4.22
N ALA A 79 -8.83 -1.29 -4.99
CA ALA A 79 -9.96 -2.23 -5.06
C ALA A 79 -9.70 -3.42 -4.09
N PRO A 80 -10.77 -3.98 -3.44
CA PRO A 80 -10.64 -5.13 -2.52
C PRO A 80 -10.36 -6.46 -3.29
N LEU A 81 -9.25 -7.11 -2.93
CA LEU A 81 -8.91 -8.47 -3.38
C LEU A 81 -9.98 -9.49 -2.94
N PRO A 82 -10.24 -10.57 -3.74
CA PRO A 82 -11.12 -11.68 -3.32
C PRO A 82 -10.53 -12.44 -2.12
N ASP A 83 -11.37 -13.22 -1.43
CA ASP A 83 -11.00 -13.96 -0.21
C ASP A 83 -9.81 -14.91 -0.46
N SER A 84 -9.80 -15.54 -1.65
CA SER A 84 -8.74 -16.46 -2.08
C SER A 84 -7.38 -15.72 -2.24
N LYS A 85 -7.44 -14.47 -2.73
CA LYS A 85 -6.23 -13.63 -2.97
C LYS A 85 -6.03 -12.62 -1.83
N LEU A 86 -6.75 -12.80 -0.72
CA LEU A 86 -6.53 -12.00 0.51
C LEU A 86 -5.37 -12.67 1.28
N ASP A 87 -4.17 -12.43 0.74
CA ASP A 87 -2.91 -13.05 1.18
C ASP A 87 -1.83 -11.97 1.27
N GLY A 88 -0.91 -12.11 2.24
CA GLY A 88 0.13 -11.12 2.56
C GLY A 88 0.86 -10.55 1.34
N ALA A 89 1.26 -11.44 0.40
CA ALA A 89 2.02 -11.06 -0.81
C ALA A 89 1.14 -10.25 -1.79
N ASN A 90 -0.14 -10.65 -1.91
CA ASN A 90 -1.14 -9.98 -2.79
C ASN A 90 -1.53 -8.60 -2.23
N ILE A 91 -1.56 -8.50 -0.88
CA ILE A 91 -1.79 -7.23 -0.16
C ILE A 91 -0.64 -6.24 -0.47
N LYS A 92 0.60 -6.76 -0.38
CA LYS A 92 1.84 -6.00 -0.69
C LYS A 92 1.83 -5.51 -2.15
N HIS A 93 1.25 -6.34 -3.04
CA HIS A 93 1.11 -6.01 -4.48
C HIS A 93 0.15 -4.82 -4.66
N ARG A 94 -0.95 -4.81 -3.87
CA ARG A 94 -1.92 -3.69 -3.86
C ARG A 94 -1.24 -2.38 -3.41
N LEU A 95 -0.49 -2.46 -2.31
CA LEU A 95 0.21 -1.31 -1.72
C LEU A 95 1.30 -0.76 -2.68
N ALA A 96 1.96 -1.71 -3.39
CA ALA A 96 3.05 -1.42 -4.32
C ALA A 96 2.56 -0.59 -5.51
N LEU A 97 1.54 -1.10 -6.23
CA LEU A 97 0.99 -0.40 -7.42
C LEU A 97 0.18 0.85 -7.03
N TRP A 98 -0.36 0.87 -5.78
CA TRP A 98 -1.04 2.05 -5.23
C TRP A 98 -0.07 3.22 -5.18
N ILE A 99 1.03 3.03 -4.42
CA ILE A 99 2.02 4.08 -4.17
C ILE A 99 2.77 4.40 -5.48
N HIS A 100 2.95 3.40 -6.35
CA HIS A 100 3.62 3.55 -7.65
C HIS A 100 2.78 4.45 -8.60
N ALA A 101 1.44 4.39 -8.41
CA ALA A 101 0.47 5.27 -9.10
C ALA A 101 0.33 6.63 -8.39
N ALA A 102 0.47 6.61 -7.05
CA ALA A 102 0.30 7.82 -6.20
C ALA A 102 1.49 8.78 -6.35
N LEU A 103 2.68 8.19 -6.60
CA LEU A 103 3.91 8.94 -6.90
C LEU A 103 3.75 9.66 -8.24
N PRO A 104 3.73 11.03 -8.26
CA PRO A 104 3.57 11.83 -9.51
C PRO A 104 4.71 11.58 -10.52
N ASP A 105 5.90 11.24 -9.98
CA ASP A 105 7.10 10.93 -10.77
C ASP A 105 7.05 9.51 -11.34
N ASN A 106 6.19 8.64 -10.75
CA ASN A 106 6.00 7.23 -11.15
C ASN A 106 7.29 6.40 -10.97
N ASP A 107 8.15 6.84 -10.03
CA ASP A 107 9.48 6.24 -9.80
C ASP A 107 9.36 4.81 -9.18
N PRO A 108 10.35 3.90 -9.44
CA PRO A 108 10.31 2.50 -8.95
C PRO A 108 10.88 2.33 -7.52
N LEU A 109 11.34 3.45 -6.92
CA LEU A 109 12.09 3.45 -5.63
C LEU A 109 13.38 2.61 -5.77
N LYS A 110 13.97 2.64 -6.96
CA LYS A 110 15.27 1.98 -7.25
C LYS A 110 16.36 2.73 -6.45
N MET A 25 -6.43 7.69 -16.68
CA MET A 25 -5.23 7.38 -15.85
C MET A 25 -4.00 7.16 -16.74
N SER A 26 -2.81 7.49 -16.21
CA SER A 26 -1.53 7.42 -16.93
C SER A 26 -0.42 6.83 -16.02
N LYS A 27 -0.51 5.51 -15.80
CA LYS A 27 0.46 4.76 -15.00
C LYS A 27 1.57 4.21 -15.92
N THR A 28 2.84 4.42 -15.53
CA THR A 28 4.01 4.04 -16.35
C THR A 28 5.12 3.41 -15.49
N ALA A 29 6.17 2.91 -16.20
CA ALA A 29 7.40 2.36 -15.59
C ALA A 29 7.17 1.04 -14.82
N LYS A 30 8.28 0.43 -14.35
CA LYS A 30 8.29 -0.96 -13.87
C LYS A 30 8.42 -1.05 -12.33
N LEU A 31 7.65 -1.99 -11.75
CA LEU A 31 7.67 -2.32 -10.31
C LEU A 31 8.92 -3.15 -9.98
N ASN A 32 9.95 -2.50 -9.42
CA ASN A 32 11.21 -3.19 -9.04
C ASN A 32 11.41 -3.10 -7.51
N ASN A 33 11.72 -4.28 -6.91
CA ASN A 33 11.84 -4.48 -5.44
C ASN A 33 10.57 -3.99 -4.73
N GLU A 34 9.52 -4.83 -4.78
CA GLU A 34 8.18 -4.51 -4.23
C GLU A 34 8.25 -4.00 -2.79
N GLU A 35 9.19 -4.57 -2.02
CA GLU A 35 9.39 -4.31 -0.58
C GLU A 35 9.52 -2.80 -0.29
N LYS A 36 10.24 -2.09 -1.16
CA LYS A 36 10.48 -0.64 -1.02
C LYS A 36 9.18 0.15 -1.10
N LEU A 37 8.30 -0.29 -2.01
CA LEU A 37 7.01 0.35 -2.27
C LEU A 37 5.96 0.00 -1.20
N VAL A 38 6.08 -1.21 -0.63
CA VAL A 38 5.21 -1.67 0.46
C VAL A 38 5.47 -0.82 1.71
N LYS A 39 6.75 -0.74 2.11
CA LYS A 39 7.20 0.06 3.29
C LYS A 39 6.83 1.54 3.10
N LYS A 40 7.02 2.03 1.86
CA LYS A 40 6.65 3.41 1.48
C LYS A 40 5.13 3.63 1.64
N ALA A 41 4.34 2.63 1.24
CA ALA A 41 2.86 2.69 1.34
C ALA A 41 2.40 2.56 2.80
N LEU A 42 3.24 1.93 3.65
CA LEU A 42 3.00 1.88 5.10
C LEU A 42 3.21 3.26 5.71
N GLU A 43 4.23 3.96 5.20
CA GLU A 43 4.54 5.34 5.62
C GLU A 43 3.43 6.30 5.20
N ILE A 44 3.10 6.30 3.89
CA ILE A 44 2.13 7.23 3.31
C ILE A 44 0.72 6.88 3.78
N GLY A 45 0.29 5.63 3.54
CA GLY A 45 -1.05 5.17 3.93
C GLY A 45 -1.24 5.14 5.45
N GLY A 46 -0.12 4.93 6.18
CA GLY A 46 -0.12 4.99 7.64
C GLY A 46 -0.40 6.39 8.17
N LYS A 47 0.37 7.40 7.68
CA LYS A 47 0.19 8.81 8.11
C LYS A 47 -1.12 9.40 7.57
N MET A 48 -1.54 8.93 6.39
CA MET A 48 -2.81 9.34 5.76
C MET A 48 -3.99 8.95 6.67
N ALA A 49 -4.05 7.64 7.01
CA ALA A 49 -5.07 7.08 7.94
C ALA A 49 -5.04 7.82 9.28
N LYS A 50 -3.83 8.01 9.79
CA LYS A 50 -3.58 8.63 11.09
C LYS A 50 -4.17 10.06 11.15
N MET A 51 -3.89 10.85 10.09
CA MET A 51 -4.41 12.22 9.92
C MET A 51 -5.94 12.25 9.65
N GLN A 52 -6.46 11.19 9.02
CA GLN A 52 -7.91 11.03 8.80
C GLN A 52 -8.63 10.82 10.15
N GLY A 53 -7.91 10.21 11.11
CA GLY A 53 -8.40 10.03 12.48
C GLY A 53 -8.16 8.62 13.00
N PHE A 54 -6.98 8.06 12.67
CA PHE A 54 -6.61 6.69 13.06
C PHE A 54 -5.20 6.66 13.67
N ASP A 55 -4.69 5.44 13.87
CA ASP A 55 -3.31 5.16 14.30
C ASP A 55 -3.09 3.64 14.18
N LEU A 56 -2.32 3.23 13.16
CA LEU A 56 -2.17 1.80 12.80
C LEU A 56 -1.11 1.11 13.70
N PRO A 57 -1.35 -0.18 14.15
CA PRO A 57 -0.45 -0.88 15.10
C PRO A 57 0.95 -1.14 14.48
N GLN A 58 1.97 -0.43 14.99
CA GLN A 58 3.34 -0.49 14.44
C GLN A 58 4.19 -1.58 15.12
N SER A 59 3.82 -1.94 16.35
CA SER A 59 4.63 -2.86 17.19
C SER A 59 4.70 -4.32 16.64
N PRO A 60 3.58 -4.98 16.12
CA PRO A 60 3.70 -6.33 15.49
C PRO A 60 4.49 -6.29 14.16
N GLN A 61 4.12 -5.32 13.26
CA GLN A 61 4.71 -5.05 11.91
C GLN A 61 3.86 -5.57 10.68
N PRO A 62 3.57 -6.91 10.48
CA PRO A 62 2.80 -7.39 9.28
C PRO A 62 1.35 -6.86 9.27
N VAL A 63 0.87 -6.47 10.46
CA VAL A 63 -0.48 -5.93 10.66
C VAL A 63 -0.63 -4.54 10.00
N ARG A 64 0.49 -3.79 9.89
CA ARG A 64 0.53 -2.47 9.22
C ARG A 64 0.12 -2.62 7.76
N VAL A 65 0.66 -3.67 7.12
CA VAL A 65 0.44 -3.97 5.69
C VAL A 65 -1.06 -4.15 5.38
N LYS A 66 -1.72 -5.00 6.18
CA LYS A 66 -3.16 -5.33 6.01
C LYS A 66 -4.04 -4.10 6.39
N ALA A 67 -3.63 -3.37 7.44
CA ALA A 67 -4.35 -2.17 7.95
C ALA A 67 -4.38 -1.03 6.91
N VAL A 68 -3.22 -0.77 6.29
CA VAL A 68 -3.06 0.22 5.22
C VAL A 68 -3.96 -0.15 4.04
N TYR A 69 -3.92 -1.46 3.66
CA TYR A 69 -4.79 -2.02 2.62
C TYR A 69 -6.28 -1.67 2.84
N LEU A 70 -6.81 -2.01 4.05
CA LEU A 70 -8.25 -1.77 4.39
C LEU A 70 -8.61 -0.29 4.25
N PHE A 71 -7.72 0.57 4.79
CA PHE A 71 -7.87 2.02 4.70
C PHE A 71 -7.96 2.50 3.23
N LEU A 72 -7.06 1.98 2.38
CA LEU A 72 -6.99 2.37 0.96
C LEU A 72 -8.25 1.93 0.18
N VAL A 73 -8.72 0.70 0.45
CA VAL A 73 -9.93 0.14 -0.22
C VAL A 73 -11.18 0.95 0.20
N ASP A 74 -11.20 1.35 1.49
CA ASP A 74 -12.28 2.15 2.08
C ASP A 74 -12.27 3.58 1.52
N ALA A 75 -11.06 4.14 1.37
CA ALA A 75 -10.85 5.51 0.87
C ALA A 75 -10.86 5.54 -0.67
N LYS A 76 -11.12 4.35 -1.28
CA LYS A 76 -11.32 4.15 -2.73
C LYS A 76 -10.03 4.45 -3.53
N GLN A 77 -8.88 4.34 -2.82
CA GLN A 77 -7.54 4.47 -3.39
C GLN A 77 -7.19 3.25 -4.27
N ILE A 78 -7.61 2.05 -3.80
CA ILE A 78 -7.43 0.77 -4.54
C ILE A 78 -8.73 -0.07 -4.49
N ALA A 79 -8.77 -1.09 -5.36
CA ALA A 79 -9.83 -2.10 -5.39
C ALA A 79 -9.51 -3.23 -4.39
N PRO A 80 -10.54 -3.95 -3.84
CA PRO A 80 -10.30 -5.10 -2.95
C PRO A 80 -9.78 -6.34 -3.71
N LEU A 81 -9.19 -7.26 -2.96
CA LEU A 81 -8.76 -8.58 -3.44
C LEU A 81 -9.92 -9.58 -3.23
N PRO A 82 -9.92 -10.75 -3.97
CA PRO A 82 -10.82 -11.87 -3.63
C PRO A 82 -10.39 -12.53 -2.30
N ASP A 83 -11.32 -13.23 -1.66
CA ASP A 83 -11.07 -13.91 -0.36
C ASP A 83 -9.90 -14.92 -0.47
N SER A 84 -9.78 -15.53 -1.66
CA SER A 84 -8.70 -16.46 -2.01
C SER A 84 -7.32 -15.76 -1.96
N LYS A 85 -7.24 -14.57 -2.60
CA LYS A 85 -5.99 -13.76 -2.68
C LYS A 85 -5.98 -12.65 -1.62
N LEU A 86 -6.72 -12.86 -0.52
CA LEU A 86 -6.62 -11.99 0.67
C LEU A 86 -5.49 -12.59 1.55
N ASP A 87 -4.27 -12.48 1.00
CA ASP A 87 -3.02 -13.03 1.58
C ASP A 87 -1.97 -11.92 1.59
N GLY A 88 -1.05 -11.98 2.58
CA GLY A 88 -0.07 -10.92 2.83
C GLY A 88 0.72 -10.46 1.61
N ALA A 89 1.11 -11.41 0.74
CA ALA A 89 1.85 -11.10 -0.51
C ALA A 89 1.01 -10.24 -1.46
N ASN A 90 -0.26 -10.62 -1.64
CA ASN A 90 -1.21 -9.93 -2.54
C ASN A 90 -1.61 -8.55 -1.99
N ILE A 91 -1.66 -8.45 -0.64
CA ILE A 91 -1.88 -7.19 0.07
C ILE A 91 -0.72 -6.20 -0.26
N LYS A 92 0.52 -6.71 -0.10
CA LYS A 92 1.76 -5.95 -0.38
C LYS A 92 1.79 -5.47 -1.84
N HIS A 93 1.24 -6.30 -2.74
CA HIS A 93 1.17 -6.01 -4.18
C HIS A 93 0.19 -4.84 -4.45
N ARG A 94 -0.93 -4.82 -3.71
CA ARG A 94 -1.92 -3.71 -3.76
C ARG A 94 -1.26 -2.39 -3.35
N LEU A 95 -0.52 -2.44 -2.23
CA LEU A 95 0.19 -1.27 -1.66
C LEU A 95 1.27 -0.76 -2.64
N ALA A 96 1.93 -1.72 -3.30
CA ALA A 96 3.03 -1.46 -4.22
C ALA A 96 2.57 -0.67 -5.45
N LEU A 97 1.54 -1.17 -6.15
CA LEU A 97 1.00 -0.52 -7.36
C LEU A 97 0.25 0.78 -7.02
N TRP A 98 -0.33 0.84 -5.80
CA TRP A 98 -0.99 2.06 -5.31
C TRP A 98 0.01 3.22 -5.29
N ILE A 99 1.09 3.04 -4.51
CA ILE A 99 2.08 4.09 -4.28
C ILE A 99 2.89 4.35 -5.57
N HIS A 100 3.04 3.32 -6.43
CA HIS A 100 3.76 3.46 -7.72
C HIS A 100 2.97 4.36 -8.70
N ALA A 101 1.63 4.28 -8.61
CA ALA A 101 0.72 5.14 -9.38
C ALA A 101 0.47 6.48 -8.66
N ALA A 102 0.62 6.50 -7.32
CA ALA A 102 0.40 7.69 -6.48
C ALA A 102 1.60 8.65 -6.58
N LEU A 103 2.77 8.10 -6.93
CA LEU A 103 3.96 8.88 -7.28
C LEU A 103 3.89 9.16 -8.81
N PRO A 104 3.65 10.45 -9.25
CA PRO A 104 3.61 10.81 -10.70
C PRO A 104 4.98 10.67 -11.39
N ASP A 105 6.01 10.50 -10.55
CA ASP A 105 7.37 10.16 -10.98
C ASP A 105 7.40 8.77 -11.65
N ASN A 106 6.57 7.86 -11.07
CA ASN A 106 6.48 6.42 -11.47
C ASN A 106 7.84 5.72 -11.31
N ASP A 107 8.62 6.24 -10.36
CA ASP A 107 10.00 5.81 -10.06
C ASP A 107 10.03 4.39 -9.43
N PRO A 108 11.18 3.63 -9.56
CA PRO A 108 11.35 2.31 -8.91
C PRO A 108 11.67 2.42 -7.39
N LEU A 109 11.70 3.67 -6.87
CA LEU A 109 12.03 4.00 -5.46
C LEU A 109 13.50 3.70 -5.13
N LYS A 110 14.34 3.69 -6.17
CA LYS A 110 15.78 3.41 -6.06
C LYS A 110 16.46 4.64 -5.40
N MET A 25 -1.48 10.39 -11.74
CA MET A 25 -1.03 9.01 -11.43
C MET A 25 -0.88 8.23 -12.75
N SER A 26 0.34 8.27 -13.34
CA SER A 26 0.64 7.62 -14.64
C SER A 26 0.90 6.11 -14.45
N LYS A 27 1.73 5.77 -13.43
CA LYS A 27 2.14 4.38 -13.09
C LYS A 27 2.90 3.74 -14.28
N THR A 28 4.24 3.78 -14.21
CA THR A 28 5.13 3.48 -15.35
C THR A 28 5.39 1.96 -15.58
N ALA A 29 4.74 1.08 -14.78
CA ALA A 29 4.93 -0.40 -14.86
C ALA A 29 6.39 -0.81 -14.55
N LYS A 30 6.73 -2.11 -14.78
CA LYS A 30 8.08 -2.68 -14.54
C LYS A 30 8.47 -2.56 -13.05
N LEU A 31 7.47 -2.70 -12.17
CA LEU A 31 7.61 -2.52 -10.71
C LEU A 31 8.63 -3.52 -10.13
N ASN A 32 9.82 -3.00 -9.79
CA ASN A 32 10.91 -3.76 -9.15
C ASN A 32 11.10 -3.27 -7.71
N ASN A 33 11.59 -4.19 -6.84
CA ASN A 33 11.88 -3.91 -5.41
C ASN A 33 10.60 -3.54 -4.66
N GLU A 34 9.54 -4.37 -4.88
CA GLU A 34 8.17 -4.20 -4.31
C GLU A 34 8.19 -3.90 -2.82
N GLU A 35 9.08 -4.60 -2.11
CA GLU A 35 9.20 -4.57 -0.65
C GLU A 35 9.43 -3.12 -0.14
N LYS A 36 10.22 -2.33 -0.90
CA LYS A 36 10.46 -0.90 -0.62
C LYS A 36 9.18 -0.07 -0.84
N LEU A 37 8.42 -0.40 -1.90
CA LEU A 37 7.13 0.25 -2.22
C LEU A 37 6.06 -0.06 -1.15
N VAL A 38 6.15 -1.27 -0.58
CA VAL A 38 5.29 -1.71 0.53
C VAL A 38 5.56 -0.83 1.75
N LYS A 39 6.87 -0.64 2.08
CA LYS A 39 7.30 0.24 3.18
C LYS A 39 6.75 1.66 2.99
N LYS A 40 6.85 2.17 1.75
CA LYS A 40 6.44 3.55 1.43
C LYS A 40 4.91 3.70 1.43
N ALA A 41 4.21 2.61 1.14
CA ALA A 41 2.74 2.56 1.21
C ALA A 41 2.27 2.52 2.67
N LEU A 42 3.11 1.93 3.55
CA LEU A 42 2.88 1.95 5.01
C LEU A 42 3.11 3.37 5.54
N GLU A 43 4.10 4.06 4.96
CA GLU A 43 4.42 5.46 5.31
C GLU A 43 3.25 6.38 4.94
N ILE A 44 2.91 6.42 3.65
CA ILE A 44 1.90 7.33 3.08
C ILE A 44 0.49 6.94 3.53
N GLY A 45 0.15 5.65 3.39
CA GLY A 45 -1.16 5.14 3.80
C GLY A 45 -1.37 5.22 5.31
N GLY A 46 -0.26 5.00 6.07
CA GLY A 46 -0.28 5.07 7.53
C GLY A 46 -0.47 6.49 8.06
N LYS A 47 0.25 7.49 7.46
CA LYS A 47 0.18 8.91 7.90
C LYS A 47 -1.15 9.54 7.46
N MET A 48 -1.65 9.14 6.27
CA MET A 48 -2.96 9.58 5.77
C MET A 48 -4.05 9.10 6.71
N ALA A 49 -4.02 7.78 7.04
CA ALA A 49 -4.95 7.15 7.99
C ALA A 49 -4.94 7.88 9.32
N LYS A 50 -3.72 8.10 9.82
CA LYS A 50 -3.45 8.76 11.10
C LYS A 50 -4.20 10.10 11.19
N MET A 51 -3.94 10.97 10.19
CA MET A 51 -4.52 12.33 10.09
C MET A 51 -6.04 12.31 9.82
N GLN A 52 -6.51 11.28 9.09
CA GLN A 52 -7.97 11.06 8.84
C GLN A 52 -8.69 10.63 10.12
N GLY A 53 -7.91 10.12 11.08
CA GLY A 53 -8.42 9.75 12.40
C GLY A 53 -8.29 8.27 12.65
N PHE A 54 -7.05 7.76 12.49
CA PHE A 54 -6.71 6.34 12.76
C PHE A 54 -5.36 6.26 13.48
N ASP A 55 -5.01 5.05 13.90
CA ASP A 55 -3.71 4.73 14.47
C ASP A 55 -3.47 3.23 14.24
N LEU A 56 -2.88 2.91 13.09
CA LEU A 56 -2.61 1.52 12.69
C LEU A 56 -1.45 0.98 13.56
N PRO A 57 -1.60 -0.21 14.23
CA PRO A 57 -0.59 -0.77 15.16
C PRO A 57 0.80 -0.94 14.50
N GLN A 58 1.73 -0.03 14.83
CA GLN A 58 3.09 0.00 14.26
C GLN A 58 3.99 -1.05 14.93
N SER A 59 3.67 -1.43 16.19
CA SER A 59 4.52 -2.32 17.00
C SER A 59 4.65 -3.76 16.41
N PRO A 60 3.52 -4.52 16.08
CA PRO A 60 3.63 -5.92 15.58
C PRO A 60 4.44 -6.06 14.28
N GLN A 61 4.17 -5.11 13.32
CA GLN A 61 4.80 -4.98 11.96
C GLN A 61 3.91 -5.52 10.78
N PRO A 62 3.58 -6.87 10.64
CA PRO A 62 2.80 -7.38 9.45
C PRO A 62 1.36 -6.83 9.39
N VAL A 63 0.81 -6.48 10.58
CA VAL A 63 -0.56 -5.95 10.70
C VAL A 63 -0.71 -4.58 10.01
N ARG A 64 0.42 -3.84 9.90
CA ARG A 64 0.47 -2.51 9.23
C ARG A 64 0.06 -2.65 7.76
N VAL A 65 0.57 -3.70 7.10
CA VAL A 65 0.39 -3.94 5.67
C VAL A 65 -1.10 -4.10 5.30
N LYS A 66 -1.78 -5.00 6.03
CA LYS A 66 -3.20 -5.33 5.79
C LYS A 66 -4.10 -4.16 6.29
N ALA A 67 -3.65 -3.46 7.35
CA ALA A 67 -4.37 -2.28 7.92
C ALA A 67 -4.44 -1.13 6.91
N VAL A 68 -3.27 -0.83 6.29
CA VAL A 68 -3.14 0.18 5.24
C VAL A 68 -4.03 -0.18 4.03
N TYR A 69 -4.01 -1.47 3.66
CA TYR A 69 -4.87 -2.02 2.59
C TYR A 69 -6.36 -1.69 2.82
N LEU A 70 -6.90 -2.07 4.01
CA LEU A 70 -8.33 -1.83 4.38
C LEU A 70 -8.67 -0.34 4.28
N PHE A 71 -7.76 0.49 4.83
CA PHE A 71 -7.88 1.95 4.80
C PHE A 71 -7.97 2.48 3.35
N LEU A 72 -7.07 2.01 2.48
CA LEU A 72 -6.97 2.47 1.08
C LEU A 72 -8.19 2.04 0.25
N VAL A 73 -8.74 0.86 0.54
CA VAL A 73 -9.96 0.36 -0.15
C VAL A 73 -11.16 1.25 0.23
N ASP A 74 -11.27 1.59 1.53
CA ASP A 74 -12.29 2.53 2.05
C ASP A 74 -12.05 3.96 1.56
N ALA A 75 -10.77 4.31 1.36
CA ALA A 75 -10.34 5.66 0.91
C ALA A 75 -10.44 5.78 -0.62
N LYS A 76 -10.86 4.67 -1.29
CA LYS A 76 -11.10 4.61 -2.74
C LYS A 76 -9.81 4.86 -3.55
N GLN A 77 -8.69 4.50 -2.92
CA GLN A 77 -7.36 4.53 -3.52
C GLN A 77 -7.13 3.26 -4.36
N ILE A 78 -7.53 2.10 -3.79
CA ILE A 78 -7.43 0.78 -4.46
C ILE A 78 -8.76 0.01 -4.36
N ALA A 79 -8.86 -1.04 -5.19
CA ALA A 79 -9.95 -2.01 -5.17
C ALA A 79 -9.53 -3.21 -4.26
N PRO A 80 -10.50 -3.94 -3.62
CA PRO A 80 -10.17 -5.10 -2.77
C PRO A 80 -9.80 -6.38 -3.57
N LEU A 81 -9.21 -7.33 -2.86
CA LEU A 81 -8.86 -8.68 -3.34
C LEU A 81 -9.98 -9.66 -2.95
N PRO A 82 -10.13 -10.83 -3.67
CA PRO A 82 -10.99 -11.94 -3.21
C PRO A 82 -10.39 -12.61 -1.96
N ASP A 83 -11.22 -13.42 -1.27
CA ASP A 83 -10.83 -14.15 -0.04
C ASP A 83 -9.67 -15.13 -0.30
N SER A 84 -9.64 -15.66 -1.55
CA SER A 84 -8.60 -16.59 -2.02
C SER A 84 -7.24 -15.88 -2.20
N LYS A 85 -7.29 -14.58 -2.59
CA LYS A 85 -6.09 -13.75 -2.81
C LYS A 85 -5.93 -12.72 -1.68
N LEU A 86 -6.56 -12.98 -0.54
CA LEU A 86 -6.41 -12.15 0.67
C LEU A 86 -5.25 -12.74 1.48
N ASP A 87 -4.05 -12.55 0.92
CA ASP A 87 -2.78 -13.09 1.41
C ASP A 87 -1.79 -11.93 1.57
N GLY A 88 -0.87 -12.05 2.54
CA GLY A 88 0.08 -10.97 2.89
C GLY A 88 0.84 -10.38 1.70
N ALA A 89 1.37 -11.26 0.81
CA ALA A 89 2.13 -10.84 -0.38
C ALA A 89 1.24 -10.16 -1.44
N ASN A 90 -0.03 -10.63 -1.54
CA ASN A 90 -1.03 -10.05 -2.47
C ASN A 90 -1.49 -8.66 -2.00
N ILE A 91 -1.58 -8.50 -0.67
CA ILE A 91 -1.88 -7.22 -0.01
C ILE A 91 -0.75 -6.21 -0.37
N LYS A 92 0.50 -6.69 -0.26
CA LYS A 92 1.71 -5.92 -0.59
C LYS A 92 1.70 -5.45 -2.05
N HIS A 93 1.16 -6.31 -2.94
CA HIS A 93 1.08 -6.04 -4.38
C HIS A 93 0.08 -4.90 -4.67
N ARG A 94 -1.05 -4.90 -3.92
CA ARG A 94 -2.05 -3.79 -3.93
C ARG A 94 -1.38 -2.47 -3.54
N LEU A 95 -0.67 -2.50 -2.40
CA LEU A 95 -0.02 -1.32 -1.80
C LEU A 95 1.09 -0.76 -2.71
N ALA A 96 1.83 -1.68 -3.34
CA ALA A 96 2.98 -1.35 -4.19
C ALA A 96 2.55 -0.66 -5.48
N LEU A 97 1.57 -1.25 -6.19
CA LEU A 97 1.01 -0.69 -7.43
C LEU A 97 0.35 0.67 -7.16
N TRP A 98 -0.30 0.77 -5.98
CA TRP A 98 -0.92 2.01 -5.50
C TRP A 98 0.11 3.13 -5.43
N ILE A 99 1.16 2.93 -4.61
CA ILE A 99 2.19 3.94 -4.34
C ILE A 99 3.07 4.17 -5.60
N HIS A 100 3.11 3.15 -6.49
CA HIS A 100 3.80 3.25 -7.79
C HIS A 100 3.06 4.22 -8.72
N ALA A 101 1.74 4.35 -8.51
CA ALA A 101 0.91 5.37 -9.17
C ALA A 101 0.88 6.69 -8.35
N ALA A 102 0.84 6.56 -7.01
CA ALA A 102 0.53 7.67 -6.07
C ALA A 102 1.70 8.67 -5.96
N LEU A 103 2.94 8.16 -6.08
CA LEU A 103 4.13 9.01 -6.19
C LEU A 103 4.12 9.71 -7.56
N PRO A 104 4.12 11.09 -7.61
CA PRO A 104 4.09 11.85 -8.90
C PRO A 104 5.29 11.57 -9.84
N ASP A 105 6.34 10.91 -9.30
CA ASP A 105 7.50 10.45 -10.08
C ASP A 105 7.22 9.09 -10.74
N ASN A 106 6.50 8.21 -10.00
CA ASN A 106 6.21 6.80 -10.37
C ASN A 106 7.51 5.96 -10.40
N ASP A 107 8.46 6.37 -9.55
CA ASP A 107 9.80 5.78 -9.45
C ASP A 107 9.75 4.35 -8.83
N PRO A 108 10.80 3.49 -9.04
CA PRO A 108 10.87 2.12 -8.44
C PRO A 108 11.47 2.09 -7.03
N LEU A 109 11.68 3.31 -6.44
CA LEU A 109 12.25 3.49 -5.09
C LEU A 109 13.65 2.87 -5.00
N LYS A 110 14.44 3.03 -6.06
CA LYS A 110 15.75 2.39 -6.14
C LYS A 110 16.81 3.19 -5.35
N MET A 25 -1.43 8.21 -20.06
CA MET A 25 -0.71 8.13 -18.78
C MET A 25 0.06 6.80 -18.72
N SER A 26 -0.70 5.68 -18.64
CA SER A 26 -0.17 4.30 -18.54
C SER A 26 0.60 4.05 -17.21
N LYS A 27 0.92 2.77 -16.94
CA LYS A 27 1.65 2.34 -15.73
C LYS A 27 2.91 1.55 -16.12
N THR A 28 3.50 1.95 -17.26
CA THR A 28 4.64 1.25 -17.90
C THR A 28 5.95 1.31 -17.06
N ALA A 29 6.01 2.28 -16.11
CA ALA A 29 7.17 2.45 -15.21
C ALA A 29 7.50 1.15 -14.45
N LYS A 30 8.81 0.86 -14.27
CA LYS A 30 9.29 -0.40 -13.67
C LYS A 30 9.00 -0.48 -12.16
N LEU A 31 8.76 -1.72 -11.70
CA LEU A 31 8.51 -2.06 -10.29
C LEU A 31 9.21 -3.42 -10.05
N ASN A 32 10.29 -3.40 -9.25
CA ASN A 32 11.15 -4.58 -9.01
C ASN A 32 11.09 -4.97 -7.53
N ASN A 33 11.80 -4.19 -6.68
CA ASN A 33 11.89 -4.45 -5.23
C ASN A 33 10.62 -3.92 -4.54
N GLU A 34 9.58 -4.78 -4.55
CA GLU A 34 8.22 -4.51 -4.04
C GLU A 34 8.25 -3.97 -2.60
N GLU A 35 9.14 -4.56 -1.78
CA GLU A 35 9.32 -4.25 -0.35
C GLU A 35 9.39 -2.74 -0.07
N LYS A 36 10.20 -2.01 -0.86
CA LYS A 36 10.42 -0.56 -0.65
C LYS A 36 9.13 0.23 -0.88
N LEU A 37 8.36 -0.20 -1.90
CA LEU A 37 7.07 0.41 -2.24
C LEU A 37 6.01 0.10 -1.17
N VAL A 38 6.06 -1.11 -0.60
CA VAL A 38 5.18 -1.53 0.50
C VAL A 38 5.43 -0.64 1.73
N LYS A 39 6.72 -0.45 2.06
CA LYS A 39 7.16 0.35 3.22
C LYS A 39 6.80 1.83 3.03
N LYS A 40 6.85 2.31 1.76
CA LYS A 40 6.46 3.68 1.39
C LYS A 40 4.93 3.85 1.51
N ALA A 41 4.20 2.77 1.20
CA ALA A 41 2.73 2.74 1.34
C ALA A 41 2.34 2.66 2.82
N LEU A 42 3.23 2.09 3.66
CA LEU A 42 3.07 2.08 5.12
C LEU A 42 3.26 3.50 5.66
N GLU A 43 4.25 4.21 5.09
CA GLU A 43 4.55 5.61 5.43
C GLU A 43 3.36 6.52 5.09
N ILE A 44 3.03 6.58 3.79
CA ILE A 44 1.98 7.48 3.25
C ILE A 44 0.59 7.05 3.74
N GLY A 45 0.26 5.77 3.58
CA GLY A 45 -1.03 5.22 4.01
C GLY A 45 -1.24 5.31 5.52
N GLY A 46 -0.14 5.12 6.28
CA GLY A 46 -0.16 5.22 7.74
C GLY A 46 -0.45 6.64 8.23
N LYS A 47 0.34 7.62 7.72
CA LYS A 47 0.24 9.03 8.14
C LYS A 47 -1.08 9.67 7.63
N MET A 48 -1.54 9.24 6.43
CA MET A 48 -2.83 9.70 5.87
C MET A 48 -3.98 9.24 6.76
N ALA A 49 -4.01 7.92 7.07
CA ALA A 49 -5.06 7.31 7.94
C ALA A 49 -5.14 8.04 9.28
N LYS A 50 -3.96 8.27 9.85
CA LYS A 50 -3.78 8.98 11.12
C LYS A 50 -4.50 10.36 11.07
N MET A 51 -4.17 11.14 10.03
CA MET A 51 -4.75 12.49 9.78
C MET A 51 -6.26 12.42 9.45
N GLN A 52 -6.69 11.33 8.80
CA GLN A 52 -8.12 11.08 8.47
C GLN A 52 -8.92 10.91 9.77
N GLY A 53 -8.25 10.38 10.80
CA GLY A 53 -8.82 10.23 12.13
C GLY A 53 -8.69 8.80 12.61
N PHE A 54 -7.50 8.22 12.40
CA PHE A 54 -7.22 6.80 12.73
C PHE A 54 -5.87 6.63 13.42
N ASP A 55 -5.51 5.37 13.71
CA ASP A 55 -4.19 4.96 14.18
C ASP A 55 -3.98 3.49 13.80
N LEU A 56 -3.23 3.27 12.71
CA LEU A 56 -2.88 1.91 12.25
C LEU A 56 -1.81 1.31 13.18
N PRO A 57 -1.87 -0.04 13.47
CA PRO A 57 -0.95 -0.70 14.44
C PRO A 57 0.54 -0.54 14.03
N GLN A 58 1.37 -0.16 15.03
CA GLN A 58 2.85 -0.10 14.88
C GLN A 58 3.45 -1.52 15.00
N SER A 59 2.59 -2.48 15.41
CA SER A 59 2.87 -3.94 15.49
C SER A 59 3.70 -4.47 14.26
N PRO A 60 4.50 -5.59 14.41
CA PRO A 60 5.69 -5.94 13.57
C PRO A 60 5.80 -5.24 12.18
N GLN A 61 5.22 -5.86 11.12
CA GLN A 61 5.27 -5.36 9.73
C GLN A 61 4.07 -5.92 8.90
N PRO A 62 3.83 -7.29 8.80
CA PRO A 62 2.74 -7.86 7.93
C PRO A 62 1.34 -7.31 8.29
N VAL A 63 1.16 -7.06 9.59
CA VAL A 63 -0.06 -6.50 10.17
C VAL A 63 -0.26 -5.02 9.79
N ARG A 64 0.85 -4.27 9.64
CA ARG A 64 0.82 -2.86 9.17
C ARG A 64 0.42 -2.83 7.69
N VAL A 65 0.97 -3.79 6.92
CA VAL A 65 0.72 -3.97 5.49
C VAL A 65 -0.78 -4.16 5.21
N LYS A 66 -1.40 -5.07 5.97
CA LYS A 66 -2.83 -5.42 5.85
C LYS A 66 -3.72 -4.25 6.36
N ALA A 67 -3.25 -3.58 7.44
CA ALA A 67 -3.95 -2.38 8.02
C ALA A 67 -4.08 -1.24 6.98
N VAL A 68 -2.95 -0.94 6.31
CA VAL A 68 -2.88 0.10 5.27
C VAL A 68 -3.79 -0.26 4.09
N TYR A 69 -3.78 -1.55 3.71
CA TYR A 69 -4.68 -2.10 2.67
C TYR A 69 -6.17 -1.77 2.98
N LEU A 70 -6.63 -2.11 4.20
CA LEU A 70 -8.04 -1.90 4.64
C LEU A 70 -8.42 -0.41 4.52
N PHE A 71 -7.50 0.45 4.98
CA PHE A 71 -7.66 1.92 4.90
C PHE A 71 -7.80 2.38 3.42
N LEU A 72 -6.90 1.92 2.56
CA LEU A 72 -6.84 2.35 1.14
C LEU A 72 -8.08 1.89 0.35
N VAL A 73 -8.57 0.66 0.62
CA VAL A 73 -9.78 0.12 -0.05
C VAL A 73 -11.03 0.92 0.39
N ASP A 74 -11.06 1.24 1.70
CA ASP A 74 -12.15 2.05 2.31
C ASP A 74 -12.13 3.47 1.72
N ALA A 75 -10.92 4.01 1.54
CA ALA A 75 -10.68 5.38 1.03
C ALA A 75 -10.72 5.40 -0.52
N LYS A 76 -10.96 4.21 -1.14
CA LYS A 76 -11.13 4.02 -2.61
C LYS A 76 -9.83 4.34 -3.39
N GLN A 77 -8.70 4.32 -2.66
CA GLN A 77 -7.35 4.45 -3.22
C GLN A 77 -6.98 3.22 -4.07
N ILE A 78 -7.47 2.02 -3.64
CA ILE A 78 -7.30 0.74 -4.39
C ILE A 78 -8.60 -0.08 -4.36
N ALA A 79 -8.62 -1.14 -5.18
CA ALA A 79 -9.72 -2.11 -5.28
C ALA A 79 -9.51 -3.25 -4.24
N PRO A 80 -10.61 -3.89 -3.75
CA PRO A 80 -10.51 -5.04 -2.82
C PRO A 80 -10.04 -6.34 -3.51
N LEU A 81 -9.50 -7.24 -2.69
CA LEU A 81 -9.14 -8.61 -3.07
C LEU A 81 -10.23 -9.56 -2.53
N PRO A 82 -10.68 -10.59 -3.31
CA PRO A 82 -11.56 -11.66 -2.77
C PRO A 82 -10.85 -12.49 -1.68
N ASP A 83 -11.63 -13.26 -0.89
CA ASP A 83 -11.11 -14.08 0.22
C ASP A 83 -10.09 -15.14 -0.27
N SER A 84 -10.18 -15.51 -1.57
CA SER A 84 -9.22 -16.40 -2.23
C SER A 84 -7.85 -15.70 -2.39
N LYS A 85 -7.89 -14.41 -2.82
CA LYS A 85 -6.68 -13.61 -3.13
C LYS A 85 -6.26 -12.71 -1.96
N LEU A 86 -6.89 -12.93 -0.77
CA LEU A 86 -6.54 -12.17 0.45
C LEU A 86 -5.31 -12.84 1.11
N ASP A 87 -4.16 -12.64 0.46
CA ASP A 87 -2.86 -13.19 0.85
C ASP A 87 -1.90 -12.03 1.13
N GLY A 88 -0.95 -12.22 2.08
CA GLY A 88 -0.02 -11.17 2.49
C GLY A 88 0.78 -10.53 1.35
N ALA A 89 1.24 -11.36 0.40
CA ALA A 89 2.00 -10.89 -0.80
C ALA A 89 1.07 -10.15 -1.77
N ASN A 90 -0.19 -10.59 -1.84
CA ASN A 90 -1.22 -9.98 -2.72
C ASN A 90 -1.62 -8.58 -2.17
N ILE A 91 -1.64 -8.47 -0.83
CA ILE A 91 -1.82 -7.20 -0.10
C ILE A 91 -0.67 -6.23 -0.45
N LYS A 92 0.57 -6.76 -0.39
CA LYS A 92 1.81 -6.02 -0.71
C LYS A 92 1.80 -5.51 -2.16
N HIS A 93 1.22 -6.32 -3.07
CA HIS A 93 1.15 -5.98 -4.50
C HIS A 93 0.14 -4.83 -4.71
N ARG A 94 -0.96 -4.85 -3.94
CA ARG A 94 -1.95 -3.74 -3.91
C ARG A 94 -1.26 -2.42 -3.48
N LEU A 95 -0.50 -2.48 -2.38
CA LEU A 95 0.21 -1.33 -1.82
C LEU A 95 1.32 -0.83 -2.77
N ALA A 96 1.98 -1.80 -3.45
CA ALA A 96 3.11 -1.54 -4.36
C ALA A 96 2.66 -0.70 -5.55
N LEU A 97 1.64 -1.22 -6.29
CA LEU A 97 1.09 -0.53 -7.48
C LEU A 97 0.33 0.75 -7.10
N TRP A 98 -0.24 0.78 -5.87
CA TRP A 98 -0.90 1.98 -5.37
C TRP A 98 0.09 3.15 -5.33
N ILE A 99 1.14 3.02 -4.50
CA ILE A 99 2.11 4.10 -4.26
C ILE A 99 2.96 4.35 -5.52
N HIS A 100 3.07 3.32 -6.37
CA HIS A 100 3.76 3.43 -7.67
C HIS A 100 2.97 4.36 -8.61
N ALA A 101 1.63 4.30 -8.53
CA ALA A 101 0.74 5.19 -9.32
C ALA A 101 0.40 6.50 -8.55
N ALA A 102 0.59 6.49 -7.20
CA ALA A 102 0.27 7.64 -6.32
C ALA A 102 1.38 8.70 -6.38
N LEU A 103 2.63 8.22 -6.35
CA LEU A 103 3.81 9.06 -6.63
C LEU A 103 3.70 9.59 -8.08
N PRO A 104 3.65 10.94 -8.30
CA PRO A 104 3.40 11.54 -9.65
C PRO A 104 4.51 11.23 -10.68
N ASP A 105 5.73 10.99 -10.18
CA ASP A 105 6.88 10.57 -11.02
C ASP A 105 6.81 9.06 -11.34
N ASN A 106 6.00 8.34 -10.54
CA ASN A 106 5.78 6.88 -10.64
C ASN A 106 7.08 6.12 -10.31
N ASP A 107 7.75 6.61 -9.25
CA ASP A 107 9.06 6.14 -8.79
C ASP A 107 9.10 4.62 -8.59
N PRO A 108 10.19 3.92 -9.03
CA PRO A 108 10.42 2.51 -8.69
C PRO A 108 10.99 2.35 -7.26
N LEU A 109 11.37 3.51 -6.65
CA LEU A 109 12.06 3.58 -5.35
C LEU A 109 13.41 2.86 -5.45
N LYS A 110 14.16 3.23 -6.49
CA LYS A 110 15.48 2.65 -6.77
C LYS A 110 16.55 3.22 -5.79
N MET A 25 2.43 8.97 -14.20
CA MET A 25 1.24 8.74 -15.05
C MET A 25 0.82 7.26 -15.02
N SER A 26 1.73 6.36 -15.45
CA SER A 26 1.46 4.92 -15.58
C SER A 26 1.63 4.17 -14.23
N LYS A 27 0.60 3.39 -13.85
CA LYS A 27 0.70 2.50 -12.67
C LYS A 27 1.66 1.32 -12.95
N THR A 28 1.77 0.97 -14.24
CA THR A 28 2.68 -0.08 -14.73
C THR A 28 3.93 0.57 -15.33
N ALA A 29 5.08 0.35 -14.67
CA ALA A 29 6.40 0.83 -15.09
C ALA A 29 7.46 -0.04 -14.38
N LYS A 30 8.69 0.49 -14.22
CA LYS A 30 9.76 -0.21 -13.49
C LYS A 30 9.35 -0.45 -12.01
N LEU A 31 9.52 -1.68 -11.53
CA LEU A 31 9.16 -2.09 -10.17
C LEU A 31 10.15 -3.20 -9.74
N ASN A 32 11.29 -2.79 -9.14
CA ASN A 32 12.41 -3.71 -8.82
C ASN A 32 12.14 -4.51 -7.54
N ASN A 33 12.04 -3.81 -6.40
CA ASN A 33 11.76 -4.42 -5.09
C ASN A 33 10.43 -3.91 -4.57
N GLU A 34 9.36 -4.71 -4.79
CA GLU A 34 7.99 -4.43 -4.31
C GLU A 34 7.98 -4.06 -2.82
N GLU A 35 8.87 -4.74 -2.07
CA GLU A 35 9.10 -4.57 -0.63
C GLU A 35 9.21 -3.07 -0.22
N LYS A 36 9.98 -2.31 -1.00
CA LYS A 36 10.24 -0.88 -0.75
C LYS A 36 8.98 -0.05 -0.97
N LEU A 37 8.23 -0.41 -2.03
CA LEU A 37 6.95 0.24 -2.38
C LEU A 37 5.90 0.00 -1.28
N VAL A 38 5.93 -1.22 -0.72
CA VAL A 38 5.04 -1.63 0.39
C VAL A 38 5.32 -0.76 1.62
N LYS A 39 6.61 -0.66 2.01
CA LYS A 39 7.05 0.13 3.18
C LYS A 39 6.71 1.63 3.01
N LYS A 40 6.84 2.14 1.78
CA LYS A 40 6.51 3.53 1.45
C LYS A 40 4.99 3.74 1.53
N ALA A 41 4.23 2.70 1.18
CA ALA A 41 2.76 2.70 1.29
C ALA A 41 2.34 2.59 2.77
N LEU A 42 3.21 2.00 3.62
CA LEU A 42 2.98 1.96 5.09
C LEU A 42 3.18 3.36 5.67
N GLU A 43 4.14 4.11 5.11
CA GLU A 43 4.43 5.49 5.52
C GLU A 43 3.27 6.44 5.12
N ILE A 44 2.95 6.46 3.81
CA ILE A 44 1.93 7.37 3.26
C ILE A 44 0.52 6.94 3.69
N GLY A 45 0.22 5.64 3.52
CA GLY A 45 -1.07 5.08 3.94
C GLY A 45 -1.27 5.14 5.45
N GLY A 46 -0.16 4.99 6.21
CA GLY A 46 -0.20 5.06 7.68
C GLY A 46 -0.49 6.47 8.21
N LYS A 47 0.24 7.48 7.67
CA LYS A 47 0.07 8.90 8.10
C LYS A 47 -1.31 9.42 7.66
N MET A 48 -1.76 9.02 6.46
CA MET A 48 -3.08 9.40 5.94
C MET A 48 -4.18 8.79 6.80
N ALA A 49 -4.03 7.49 7.13
CA ALA A 49 -4.97 6.76 8.01
C ALA A 49 -5.15 7.51 9.32
N LYS A 50 -3.99 7.91 9.90
CA LYS A 50 -3.93 8.66 11.15
C LYS A 50 -4.79 9.93 11.07
N MET A 51 -4.50 10.77 10.06
CA MET A 51 -5.16 12.07 9.84
C MET A 51 -6.67 11.90 9.53
N GLN A 52 -7.02 10.82 8.80
CA GLN A 52 -8.42 10.49 8.47
C GLN A 52 -9.19 10.09 9.74
N GLY A 53 -8.49 9.50 10.71
CA GLY A 53 -9.05 9.18 12.02
C GLY A 53 -8.72 7.76 12.47
N PHE A 54 -7.42 7.40 12.40
CA PHE A 54 -6.93 6.04 12.77
C PHE A 54 -5.55 6.14 13.46
N ASP A 55 -4.99 4.95 13.78
CA ASP A 55 -3.57 4.75 14.09
C ASP A 55 -3.30 3.26 13.96
N LEU A 56 -2.66 2.86 12.86
CA LEU A 56 -2.44 1.44 12.52
C LEU A 56 -1.33 0.84 13.40
N PRO A 57 -1.43 -0.48 13.77
CA PRO A 57 -0.38 -1.18 14.59
C PRO A 57 1.01 -1.15 13.89
N GLN A 58 2.10 -1.27 14.68
CA GLN A 58 3.47 -1.06 14.19
C GLN A 58 4.44 -2.21 14.54
N SER A 59 4.32 -2.76 15.76
CA SER A 59 5.33 -3.68 16.33
C SER A 59 5.34 -5.12 15.72
N PRO A 60 4.18 -5.88 15.58
CA PRO A 60 4.23 -7.32 15.19
C PRO A 60 4.61 -7.57 13.70
N GLN A 61 4.62 -6.47 12.88
CA GLN A 61 5.19 -6.36 11.50
C GLN A 61 4.14 -6.52 10.32
N PRO A 62 3.63 -7.74 9.90
CA PRO A 62 2.83 -7.88 8.63
C PRO A 62 1.40 -7.28 8.73
N VAL A 63 1.00 -6.96 9.98
CA VAL A 63 -0.30 -6.38 10.29
C VAL A 63 -0.48 -5.01 9.62
N ARG A 64 0.65 -4.28 9.48
CA ARG A 64 0.68 -2.91 8.95
C ARG A 64 0.27 -2.91 7.48
N VAL A 65 0.79 -3.90 6.76
CA VAL A 65 0.59 -4.06 5.32
C VAL A 65 -0.91 -4.21 4.99
N LYS A 66 -1.57 -5.12 5.72
CA LYS A 66 -3.00 -5.43 5.53
C LYS A 66 -3.87 -4.27 6.11
N ALA A 67 -3.38 -3.60 7.15
CA ALA A 67 -4.07 -2.46 7.80
C ALA A 67 -4.17 -1.27 6.83
N VAL A 68 -3.04 -0.96 6.17
CA VAL A 68 -2.95 0.10 5.14
C VAL A 68 -3.87 -0.24 3.97
N TYR A 69 -3.83 -1.51 3.51
CA TYR A 69 -4.71 -2.03 2.46
C TYR A 69 -6.20 -1.74 2.76
N LEU A 70 -6.67 -2.12 3.96
CA LEU A 70 -8.09 -1.93 4.38
C LEU A 70 -8.47 -0.45 4.35
N PHE A 71 -7.54 0.40 4.84
CA PHE A 71 -7.70 1.86 4.84
C PHE A 71 -7.80 2.40 3.39
N LEU A 72 -6.92 1.91 2.49
CA LEU A 72 -6.86 2.39 1.11
C LEU A 72 -8.12 2.01 0.32
N VAL A 73 -8.65 0.79 0.53
CA VAL A 73 -9.90 0.33 -0.11
C VAL A 73 -11.10 1.15 0.44
N ASP A 74 -11.03 1.45 1.75
CA ASP A 74 -12.03 2.29 2.44
C ASP A 74 -12.05 3.71 1.84
N ALA A 75 -10.85 4.23 1.56
CA ALA A 75 -10.63 5.57 0.99
C ALA A 75 -10.73 5.55 -0.56
N LYS A 76 -11.03 4.35 -1.12
CA LYS A 76 -11.25 4.11 -2.58
C LYS A 76 -9.97 4.38 -3.42
N GLN A 77 -8.81 4.35 -2.73
CA GLN A 77 -7.47 4.44 -3.34
C GLN A 77 -7.17 3.23 -4.21
N ILE A 78 -7.47 2.03 -3.68
CA ILE A 78 -7.30 0.74 -4.40
C ILE A 78 -8.60 -0.07 -4.38
N ALA A 79 -8.67 -1.05 -5.29
CA ALA A 79 -9.76 -2.01 -5.37
C ALA A 79 -9.57 -3.11 -4.30
N PRO A 80 -10.66 -3.72 -3.77
CA PRO A 80 -10.54 -4.83 -2.82
C PRO A 80 -10.03 -6.12 -3.49
N LEU A 81 -9.41 -6.97 -2.70
CA LEU A 81 -9.04 -8.33 -3.07
C LEU A 81 -10.11 -9.30 -2.53
N PRO A 82 -10.28 -10.50 -3.17
CA PRO A 82 -11.21 -11.53 -2.66
C PRO A 82 -10.72 -12.10 -1.32
N ASP A 83 -11.67 -12.48 -0.46
CA ASP A 83 -11.41 -13.03 0.89
C ASP A 83 -10.50 -14.29 0.81
N SER A 84 -10.70 -15.09 -0.26
CA SER A 84 -9.89 -16.31 -0.55
C SER A 84 -8.39 -15.97 -0.68
N LYS A 85 -8.08 -14.78 -1.21
CA LYS A 85 -6.71 -14.25 -1.23
C LYS A 85 -6.40 -13.61 0.14
N LEU A 86 -6.49 -12.26 0.22
CA LEU A 86 -6.16 -11.47 1.44
C LEU A 86 -4.78 -11.85 2.04
N ASP A 87 -3.93 -12.45 1.19
CA ASP A 87 -2.61 -12.96 1.56
C ASP A 87 -1.56 -11.86 1.35
N GLY A 88 -0.47 -11.93 2.15
CA GLY A 88 0.60 -10.93 2.16
C GLY A 88 1.06 -10.49 0.78
N ALA A 89 1.38 -11.47 -0.09
CA ALA A 89 1.86 -11.21 -1.48
C ALA A 89 0.88 -10.33 -2.27
N ASN A 90 -0.42 -10.66 -2.16
CA ASN A 90 -1.52 -9.99 -2.90
C ASN A 90 -1.72 -8.56 -2.37
N ILE A 91 -1.68 -8.43 -1.02
CA ILE A 91 -1.87 -7.14 -0.32
C ILE A 91 -0.73 -6.16 -0.70
N LYS A 92 0.50 -6.67 -0.64
CA LYS A 92 1.73 -5.92 -0.96
C LYS A 92 1.71 -5.38 -2.39
N HIS A 93 1.13 -6.17 -3.30
CA HIS A 93 1.03 -5.84 -4.72
C HIS A 93 0.09 -4.63 -4.94
N ARG A 94 -1.05 -4.64 -4.21
CA ARG A 94 -2.00 -3.50 -4.20
C ARG A 94 -1.31 -2.21 -3.75
N LEU A 95 -0.60 -2.31 -2.61
CA LEU A 95 0.13 -1.18 -2.00
C LEU A 95 1.24 -0.67 -2.94
N ALA A 96 1.89 -1.63 -3.62
CA ALA A 96 3.02 -1.36 -4.52
C ALA A 96 2.60 -0.46 -5.68
N LEU A 97 1.64 -0.94 -6.50
CA LEU A 97 1.19 -0.20 -7.69
C LEU A 97 0.42 1.07 -7.31
N TRP A 98 -0.17 1.08 -6.10
CA TRP A 98 -0.82 2.28 -5.55
C TRP A 98 0.18 3.44 -5.42
N ILE A 99 1.22 3.23 -4.58
CA ILE A 99 2.23 4.26 -4.29
C ILE A 99 3.09 4.54 -5.55
N HIS A 100 3.20 3.52 -6.42
CA HIS A 100 3.91 3.63 -7.69
C HIS A 100 3.22 4.62 -8.63
N ALA A 101 1.87 4.59 -8.61
CA ALA A 101 1.02 5.53 -9.38
C ALA A 101 0.71 6.81 -8.58
N ALA A 102 1.00 6.80 -7.27
CA ALA A 102 0.89 8.01 -6.43
C ALA A 102 2.10 8.92 -6.68
N LEU A 103 3.26 8.29 -6.96
CA LEU A 103 4.48 8.98 -7.38
C LEU A 103 4.28 9.49 -8.84
N PRO A 104 4.38 10.84 -9.10
CA PRO A 104 4.19 11.42 -10.45
C PRO A 104 5.22 10.89 -11.49
N ASP A 105 6.44 10.63 -10.98
CA ASP A 105 7.57 10.09 -11.76
C ASP A 105 7.38 8.59 -12.04
N ASN A 106 6.56 7.93 -11.17
CA ASN A 106 6.34 6.46 -11.15
C ASN A 106 7.66 5.75 -10.81
N ASP A 107 8.37 6.34 -9.85
CA ASP A 107 9.71 5.90 -9.43
C ASP A 107 9.65 4.42 -8.94
N PRO A 108 10.61 3.54 -9.37
CA PRO A 108 10.65 2.11 -8.96
C PRO A 108 11.11 1.89 -7.50
N LEU A 109 11.45 3.02 -6.82
CA LEU A 109 12.09 3.04 -5.50
C LEU A 109 13.43 2.29 -5.58
N LYS A 110 14.27 2.78 -6.50
CA LYS A 110 15.65 2.30 -6.68
C LYS A 110 16.54 2.90 -5.54
N MET A 25 1.59 -2.20 -22.28
CA MET A 25 2.45 -1.01 -22.11
C MET A 25 2.88 -0.88 -20.64
N SER A 26 4.09 -0.32 -20.41
CA SER A 26 4.56 0.08 -19.08
C SER A 26 3.62 1.18 -18.52
N LYS A 27 2.68 0.76 -17.65
CA LYS A 27 1.63 1.64 -17.09
C LYS A 27 2.21 2.83 -16.32
N THR A 28 3.29 2.56 -15.59
CA THR A 28 4.02 3.56 -14.81
C THR A 28 5.47 3.66 -15.34
N ALA A 29 6.25 2.58 -15.12
CA ALA A 29 7.65 2.47 -15.58
C ALA A 29 8.15 1.03 -15.37
N LYS A 30 8.56 0.70 -14.13
CA LYS A 30 9.08 -0.62 -13.75
C LYS A 30 9.08 -0.76 -12.22
N LEU A 31 8.85 -2.00 -11.74
CA LEU A 31 8.69 -2.30 -10.31
C LEU A 31 9.53 -3.55 -9.99
N ASN A 32 10.65 -3.35 -9.26
CA ASN A 32 11.61 -4.42 -8.92
C ASN A 32 11.63 -4.65 -7.39
N ASN A 33 11.85 -3.56 -6.63
CA ASN A 33 11.93 -3.60 -5.15
C ASN A 33 10.54 -3.34 -4.54
N GLU A 34 9.61 -4.32 -4.72
CA GLU A 34 8.21 -4.22 -4.27
C GLU A 34 8.12 -3.87 -2.78
N GLU A 35 9.03 -4.45 -1.98
CA GLU A 35 9.08 -4.27 -0.52
C GLU A 35 9.17 -2.78 -0.13
N LYS A 36 9.94 -2.00 -0.89
CA LYS A 36 10.17 -0.57 -0.61
C LYS A 36 8.91 0.25 -0.92
N LEU A 37 8.15 -0.18 -1.94
CA LEU A 37 6.86 0.43 -2.29
C LEU A 37 5.79 0.12 -1.23
N VAL A 38 5.86 -1.09 -0.66
CA VAL A 38 5.00 -1.51 0.44
C VAL A 38 5.27 -0.65 1.69
N LYS A 39 6.57 -0.51 2.02
CA LYS A 39 7.04 0.29 3.16
C LYS A 39 6.66 1.77 2.99
N LYS A 40 6.70 2.25 1.73
CA LYS A 40 6.31 3.62 1.40
C LYS A 40 4.79 3.81 1.58
N ALA A 41 4.03 2.78 1.20
CA ALA A 41 2.57 2.77 1.37
C ALA A 41 2.21 2.71 2.87
N LEU A 42 3.11 2.12 3.68
CA LEU A 42 2.98 2.13 5.15
C LEU A 42 3.20 3.55 5.69
N GLU A 43 4.18 4.27 5.10
CA GLU A 43 4.47 5.67 5.48
C GLU A 43 3.30 6.59 5.11
N ILE A 44 3.00 6.66 3.80
CA ILE A 44 1.97 7.53 3.22
C ILE A 44 0.58 7.14 3.75
N GLY A 45 0.22 5.86 3.55
CA GLY A 45 -1.10 5.33 3.95
C GLY A 45 -1.30 5.35 5.46
N GLY A 46 -0.20 5.06 6.20
CA GLY A 46 -0.23 5.07 7.67
C GLY A 46 -0.47 6.46 8.25
N LYS A 47 0.28 7.46 7.74
CA LYS A 47 0.19 8.85 8.24
C LYS A 47 -1.10 9.51 7.76
N MET A 48 -1.57 9.14 6.55
CA MET A 48 -2.84 9.66 6.01
C MET A 48 -4.00 9.19 6.89
N ALA A 49 -4.05 7.88 7.18
CA ALA A 49 -5.05 7.28 8.09
C ALA A 49 -5.04 7.98 9.45
N LYS A 50 -3.82 8.15 9.98
CA LYS A 50 -3.57 8.82 11.26
C LYS A 50 -4.23 10.21 11.30
N MET A 51 -3.86 11.07 10.31
CA MET A 51 -4.37 12.45 10.15
C MET A 51 -5.90 12.49 9.88
N GLN A 52 -6.42 11.48 9.16
CA GLN A 52 -7.86 11.35 8.88
C GLN A 52 -8.63 11.01 10.16
N GLY A 53 -7.92 10.44 11.14
CA GLY A 53 -8.43 10.22 12.49
C GLY A 53 -8.47 8.75 12.84
N PHE A 54 -7.35 8.05 12.60
CA PHE A 54 -7.27 6.57 12.78
C PHE A 54 -5.97 6.16 13.46
N ASP A 55 -6.03 5.08 14.26
CA ASP A 55 -4.87 4.49 14.94
C ASP A 55 -4.57 3.13 14.29
N LEU A 56 -3.71 3.12 13.26
CA LEU A 56 -3.20 1.87 12.69
C LEU A 56 -2.14 1.30 13.66
N PRO A 57 -2.36 0.07 14.24
CA PRO A 57 -1.47 -0.49 15.28
C PRO A 57 -0.06 -0.79 14.73
N GLN A 58 0.96 -0.61 15.58
CA GLN A 58 2.37 -0.88 15.26
C GLN A 58 2.74 -2.34 15.59
N SER A 59 1.78 -3.22 15.30
CA SER A 59 1.89 -4.67 15.53
C SER A 59 2.79 -5.31 14.43
N PRO A 60 3.37 -6.56 14.64
CA PRO A 60 4.51 -7.16 13.88
C PRO A 60 4.93 -6.45 12.55
N GLN A 61 4.49 -6.97 11.37
CA GLN A 61 4.78 -6.38 10.04
C GLN A 61 3.56 -6.56 9.09
N PRO A 62 3.11 -7.85 8.76
CA PRO A 62 2.06 -8.09 7.71
C PRO A 62 0.67 -7.54 8.12
N VAL A 63 0.45 -7.43 9.43
CA VAL A 63 -0.77 -6.87 10.02
C VAL A 63 -0.87 -5.35 9.77
N ARG A 64 0.29 -4.65 9.74
CA ARG A 64 0.36 -3.21 9.41
C ARG A 64 0.13 -3.01 7.90
N VAL A 65 0.71 -3.91 7.11
CA VAL A 65 0.57 -3.96 5.65
C VAL A 65 -0.91 -4.12 5.26
N LYS A 66 -1.59 -5.03 5.98
CA LYS A 66 -3.00 -5.37 5.77
C LYS A 66 -3.90 -4.23 6.31
N ALA A 67 -3.47 -3.58 7.41
CA ALA A 67 -4.19 -2.42 8.01
C ALA A 67 -4.27 -1.22 7.03
N VAL A 68 -3.11 -0.90 6.42
CA VAL A 68 -2.99 0.16 5.42
C VAL A 68 -3.87 -0.17 4.19
N TYR A 69 -3.83 -1.44 3.78
CA TYR A 69 -4.68 -1.99 2.70
C TYR A 69 -6.17 -1.68 2.96
N LEU A 70 -6.66 -2.03 4.18
CA LEU A 70 -8.07 -1.81 4.59
C LEU A 70 -8.47 -0.33 4.45
N PHE A 71 -7.57 0.54 4.96
CA PHE A 71 -7.72 2.00 4.87
C PHE A 71 -7.82 2.46 3.39
N LEU A 72 -6.91 1.96 2.53
CA LEU A 72 -6.84 2.38 1.13
C LEU A 72 -8.06 1.93 0.30
N VAL A 73 -8.58 0.72 0.54
CA VAL A 73 -9.79 0.22 -0.15
C VAL A 73 -11.01 1.07 0.27
N ASP A 74 -11.06 1.35 1.59
CA ASP A 74 -12.10 2.20 2.20
C ASP A 74 -12.08 3.62 1.60
N ALA A 75 -10.87 4.13 1.34
CA ALA A 75 -10.63 5.48 0.81
C ALA A 75 -10.66 5.51 -0.74
N LYS A 76 -11.06 4.38 -1.36
CA LYS A 76 -11.18 4.21 -2.85
C LYS A 76 -9.82 4.38 -3.57
N GLN A 77 -8.72 4.26 -2.82
CA GLN A 77 -7.35 4.36 -3.34
C GLN A 77 -6.98 3.10 -4.15
N ILE A 78 -7.41 1.92 -3.65
CA ILE A 78 -7.23 0.61 -4.35
C ILE A 78 -8.52 -0.21 -4.34
N ALA A 79 -8.56 -1.23 -5.21
CA ALA A 79 -9.64 -2.21 -5.28
C ALA A 79 -9.46 -3.27 -4.17
N PRO A 80 -10.56 -3.94 -3.70
CA PRO A 80 -10.45 -5.06 -2.75
C PRO A 80 -9.90 -6.33 -3.42
N LEU A 81 -9.35 -7.22 -2.61
CA LEU A 81 -8.87 -8.53 -3.05
C LEU A 81 -9.93 -9.59 -2.71
N PRO A 82 -10.03 -10.70 -3.52
CA PRO A 82 -10.92 -11.83 -3.18
C PRO A 82 -10.47 -12.52 -1.88
N ASP A 83 -11.45 -13.06 -1.13
CA ASP A 83 -11.21 -13.78 0.14
C ASP A 83 -10.47 -15.11 -0.11
N SER A 84 -10.57 -15.61 -1.36
CA SER A 84 -9.85 -16.80 -1.82
C SER A 84 -8.33 -16.52 -1.94
N LYS A 85 -7.97 -15.22 -2.08
CA LYS A 85 -6.57 -14.77 -2.03
C LYS A 85 -6.32 -14.03 -0.69
N LEU A 86 -6.45 -12.67 -0.70
CA LEU A 86 -6.24 -11.79 0.50
C LEU A 86 -4.86 -12.06 1.17
N ASP A 87 -3.94 -12.66 0.40
CA ASP A 87 -2.64 -13.16 0.89
C ASP A 87 -1.68 -12.00 1.18
N GLY A 88 -0.69 -12.23 2.08
CA GLY A 88 0.31 -11.23 2.47
C GLY A 88 1.01 -10.56 1.29
N ALA A 89 1.42 -11.38 0.30
CA ALA A 89 2.06 -10.90 -0.94
C ALA A 89 1.08 -10.14 -1.83
N ASN A 90 -0.21 -10.56 -1.81
CA ASN A 90 -1.27 -9.93 -2.63
C ASN A 90 -1.62 -8.53 -2.09
N ILE A 91 -1.59 -8.40 -0.75
CA ILE A 91 -1.78 -7.13 -0.03
C ILE A 91 -0.64 -6.17 -0.42
N LYS A 92 0.60 -6.70 -0.37
CA LYS A 92 1.82 -5.96 -0.73
C LYS A 92 1.78 -5.49 -2.19
N HIS A 93 1.20 -6.33 -3.06
CA HIS A 93 1.06 -6.05 -4.50
C HIS A 93 0.10 -4.86 -4.72
N ARG A 94 -1.01 -4.83 -3.94
CA ARG A 94 -1.99 -3.72 -3.93
C ARG A 94 -1.30 -2.39 -3.54
N LEU A 95 -0.57 -2.44 -2.42
CA LEU A 95 0.12 -1.26 -1.84
C LEU A 95 1.20 -0.72 -2.80
N ALA A 96 1.90 -1.66 -3.45
CA ALA A 96 2.99 -1.37 -4.38
C ALA A 96 2.50 -0.60 -5.60
N LEU A 97 1.50 -1.16 -6.28
CA LEU A 97 0.92 -0.56 -7.51
C LEU A 97 0.23 0.78 -7.21
N TRP A 98 -0.37 0.88 -6.01
CA TRP A 98 -1.01 2.12 -5.51
C TRP A 98 -0.01 3.27 -5.50
N ILE A 99 1.04 3.10 -4.67
CA ILE A 99 2.04 4.15 -4.44
C ILE A 99 2.87 4.39 -5.72
N HIS A 100 2.99 3.35 -6.58
CA HIS A 100 3.73 3.45 -7.86
C HIS A 100 3.02 4.44 -8.79
N ALA A 101 1.68 4.39 -8.78
CA ALA A 101 0.83 5.31 -9.55
C ALA A 101 0.64 6.67 -8.82
N ALA A 102 0.76 6.64 -7.47
CA ALA A 102 0.61 7.84 -6.62
C ALA A 102 1.86 8.73 -6.72
N LEU A 103 3.00 8.12 -7.06
CA LEU A 103 4.26 8.83 -7.33
C LEU A 103 4.28 9.25 -8.81
N PRO A 104 4.29 10.60 -9.12
CA PRO A 104 4.31 11.11 -10.51
C PRO A 104 5.54 10.66 -11.31
N ASP A 105 6.66 10.48 -10.59
CA ASP A 105 7.95 10.03 -11.16
C ASP A 105 7.93 8.53 -11.52
N ASN A 106 7.02 7.77 -10.87
CA ASN A 106 6.84 6.31 -11.06
C ASN A 106 8.11 5.54 -10.69
N ASP A 107 8.87 6.05 -9.70
CA ASP A 107 10.17 5.51 -9.27
C ASP A 107 10.05 4.04 -8.80
N PRO A 108 11.15 3.24 -8.92
CA PRO A 108 11.22 1.89 -8.29
C PRO A 108 11.59 1.96 -6.79
N LEU A 109 11.80 3.23 -6.30
CA LEU A 109 12.17 3.55 -4.90
C LEU A 109 13.56 3.03 -4.53
N LYS A 110 14.31 2.61 -5.55
CA LYS A 110 15.63 2.02 -5.42
C LYS A 110 16.65 3.09 -4.90
N MET A 25 -1.92 7.00 -10.96
CA MET A 25 -1.85 7.17 -12.42
C MET A 25 -0.86 6.16 -13.04
N SER A 26 0.37 6.10 -12.49
CA SER A 26 1.47 5.28 -13.03
C SER A 26 1.26 3.77 -12.81
N LYS A 27 0.84 3.06 -13.87
CA LYS A 27 0.67 1.59 -13.88
C LYS A 27 1.47 0.99 -15.04
N THR A 28 2.02 -0.23 -14.82
CA THR A 28 2.84 -0.98 -15.80
C THR A 28 4.11 -0.19 -16.18
N ALA A 29 5.08 -0.17 -15.25
CA ALA A 29 6.36 0.57 -15.39
C ALA A 29 7.34 0.14 -14.27
N LYS A 30 8.37 0.99 -13.98
CA LYS A 30 9.45 0.70 -13.02
C LYS A 30 8.93 0.26 -11.63
N LEU A 31 8.95 -1.05 -11.39
CA LEU A 31 8.58 -1.68 -10.12
C LEU A 31 9.27 -3.05 -10.06
N ASN A 32 10.46 -3.11 -9.45
CA ASN A 32 11.21 -4.36 -9.28
C ASN A 32 10.98 -4.91 -7.85
N ASN A 33 11.59 -4.24 -6.86
CA ASN A 33 11.53 -4.68 -5.45
C ASN A 33 10.27 -4.12 -4.78
N GLU A 34 9.21 -4.94 -4.79
CA GLU A 34 7.87 -4.60 -4.28
C GLU A 34 7.91 -4.08 -2.83
N GLU A 35 8.74 -4.73 -1.98
CA GLU A 35 8.84 -4.45 -0.53
C GLU A 35 9.10 -2.97 -0.20
N LYS A 36 9.95 -2.32 -0.99
CA LYS A 36 10.29 -0.88 -0.81
C LYS A 36 9.05 -0.01 -0.98
N LEU A 37 8.28 -0.31 -2.03
CA LEU A 37 7.03 0.40 -2.36
C LEU A 37 5.94 0.13 -1.29
N VAL A 38 5.90 -1.11 -0.79
CA VAL A 38 4.95 -1.53 0.28
C VAL A 38 5.15 -0.68 1.53
N LYS A 39 6.41 -0.59 1.98
CA LYS A 39 6.78 0.15 3.20
C LYS A 39 6.57 1.66 3.02
N LYS A 40 6.77 2.14 1.78
CA LYS A 40 6.47 3.55 1.41
C LYS A 40 4.96 3.83 1.50
N ALA A 41 4.16 2.81 1.13
CA ALA A 41 2.69 2.87 1.22
C ALA A 41 2.22 2.75 2.68
N LEU A 42 3.06 2.13 3.54
CA LEU A 42 2.82 2.07 5.00
C LEU A 42 3.07 3.44 5.64
N GLU A 43 4.07 4.16 5.09
CA GLU A 43 4.38 5.53 5.52
C GLU A 43 3.26 6.50 5.12
N ILE A 44 2.94 6.54 3.82
CA ILE A 44 1.94 7.47 3.25
C ILE A 44 0.53 7.09 3.73
N GLY A 45 0.16 5.82 3.55
CA GLY A 45 -1.13 5.30 3.99
C GLY A 45 -1.30 5.36 5.51
N GLY A 46 -0.19 5.19 6.24
CA GLY A 46 -0.17 5.27 7.70
C GLY A 46 -0.42 6.68 8.23
N LYS A 47 0.29 7.68 7.65
CA LYS A 47 0.20 9.09 8.09
C LYS A 47 -1.14 9.71 7.65
N MET A 48 -1.62 9.29 6.45
CA MET A 48 -2.94 9.70 5.93
C MET A 48 -4.03 9.21 6.89
N ALA A 49 -4.06 7.88 7.13
CA ALA A 49 -5.01 7.23 8.05
C ALA A 49 -5.01 7.88 9.41
N LYS A 50 -3.80 8.14 9.93
CA LYS A 50 -3.56 8.77 11.23
C LYS A 50 -4.35 10.09 11.33
N MET A 51 -4.11 10.99 10.33
CA MET A 51 -4.77 12.31 10.21
C MET A 51 -6.30 12.19 10.05
N GLN A 52 -6.74 11.20 9.26
CA GLN A 52 -8.17 10.89 9.06
C GLN A 52 -8.82 10.50 10.41
N GLY A 53 -7.99 9.93 11.30
CA GLY A 53 -8.36 9.58 12.67
C GLY A 53 -8.26 8.10 12.89
N PHE A 54 -7.11 7.51 12.52
CA PHE A 54 -6.91 6.02 12.56
C PHE A 54 -5.54 5.65 13.14
N ASP A 55 -5.58 4.93 14.26
CA ASP A 55 -4.40 4.29 14.86
C ASP A 55 -4.22 2.92 14.21
N LEU A 56 -3.25 2.80 13.28
CA LEU A 56 -2.95 1.53 12.60
C LEU A 56 -1.98 0.67 13.44
N PRO A 57 -2.24 -0.68 13.60
CA PRO A 57 -1.39 -1.57 14.44
C PRO A 57 0.05 -1.73 13.88
N GLN A 58 1.03 -1.72 14.79
CA GLN A 58 2.47 -1.74 14.43
C GLN A 58 3.20 -2.91 15.16
N SER A 59 2.74 -3.23 16.39
CA SER A 59 3.43 -4.15 17.34
C SER A 59 3.81 -5.53 16.73
N PRO A 60 2.89 -6.31 16.04
CA PRO A 60 3.30 -7.50 15.24
C PRO A 60 4.23 -7.11 14.06
N GLN A 61 3.66 -6.89 12.84
CA GLN A 61 4.36 -6.37 11.63
C GLN A 61 3.40 -6.45 10.40
N PRO A 62 2.90 -7.68 9.95
CA PRO A 62 2.08 -7.81 8.70
C PRO A 62 0.71 -7.13 8.83
N VAL A 63 0.34 -6.84 10.08
CA VAL A 63 -0.88 -6.11 10.45
C VAL A 63 -0.88 -4.67 9.92
N ARG A 64 0.34 -4.07 9.79
CA ARG A 64 0.52 -2.72 9.21
C ARG A 64 0.07 -2.73 7.74
N VAL A 65 0.63 -3.70 7.00
CA VAL A 65 0.40 -3.88 5.56
C VAL A 65 -1.10 -4.10 5.26
N LYS A 66 -1.72 -4.97 6.08
CA LYS A 66 -3.14 -5.34 5.94
C LYS A 66 -4.06 -4.15 6.34
N ALA A 67 -3.66 -3.39 7.39
CA ALA A 67 -4.45 -2.25 7.92
C ALA A 67 -4.47 -1.07 6.93
N VAL A 68 -3.29 -0.80 6.34
CA VAL A 68 -3.13 0.22 5.29
C VAL A 68 -3.98 -0.15 4.07
N TYR A 69 -3.96 -1.45 3.70
CA TYR A 69 -4.83 -2.01 2.65
C TYR A 69 -6.32 -1.70 2.90
N LEU A 70 -6.84 -2.03 4.11
CA LEU A 70 -8.25 -1.82 4.49
C LEU A 70 -8.65 -0.34 4.35
N PHE A 71 -7.78 0.52 4.89
CA PHE A 71 -7.92 1.99 4.84
C PHE A 71 -7.98 2.49 3.37
N LEU A 72 -7.03 2.03 2.55
CA LEU A 72 -6.90 2.47 1.15
C LEU A 72 -8.09 1.99 0.28
N VAL A 73 -8.62 0.78 0.56
CA VAL A 73 -9.81 0.27 -0.15
C VAL A 73 -11.03 1.13 0.23
N ASP A 74 -11.14 1.42 1.54
CA ASP A 74 -12.22 2.24 2.09
C ASP A 74 -12.15 3.69 1.56
N ALA A 75 -10.92 4.15 1.28
CA ALA A 75 -10.64 5.51 0.78
C ALA A 75 -10.65 5.55 -0.77
N LYS A 76 -11.04 4.41 -1.40
CA LYS A 76 -11.17 4.26 -2.89
C LYS A 76 -9.82 4.48 -3.63
N GLN A 77 -8.72 4.29 -2.88
CA GLN A 77 -7.35 4.36 -3.38
C GLN A 77 -6.98 3.08 -4.17
N ILE A 78 -7.39 1.91 -3.62
CA ILE A 78 -7.21 0.59 -4.28
C ILE A 78 -8.52 -0.23 -4.24
N ALA A 79 -8.65 -1.14 -5.21
CA ALA A 79 -9.75 -2.12 -5.27
C ALA A 79 -9.45 -3.33 -4.34
N PRO A 80 -10.48 -3.95 -3.70
CA PRO A 80 -10.29 -5.06 -2.73
C PRO A 80 -9.90 -6.40 -3.40
N LEU A 81 -9.14 -7.20 -2.64
CA LEU A 81 -8.81 -8.58 -2.97
C LEU A 81 -9.92 -9.53 -2.46
N PRO A 82 -10.17 -10.69 -3.14
CA PRO A 82 -11.06 -11.73 -2.60
C PRO A 82 -10.38 -12.52 -1.47
N ASP A 83 -11.16 -13.36 -0.76
CA ASP A 83 -10.65 -14.20 0.34
C ASP A 83 -9.71 -15.30 -0.17
N SER A 84 -9.88 -15.67 -1.46
CA SER A 84 -9.01 -16.61 -2.18
C SER A 84 -7.60 -16.00 -2.35
N LYS A 85 -7.53 -14.66 -2.42
CA LYS A 85 -6.28 -13.91 -2.28
C LYS A 85 -6.16 -13.48 -0.80
N LEU A 86 -6.21 -12.15 -0.51
CA LEU A 86 -6.09 -11.60 0.88
C LEU A 86 -4.76 -12.03 1.59
N ASP A 87 -3.85 -12.64 0.84
CA ASP A 87 -2.56 -13.14 1.32
C ASP A 87 -1.56 -11.99 1.36
N GLY A 88 -0.54 -12.10 2.23
CA GLY A 88 0.47 -11.05 2.46
C GLY A 88 1.02 -10.42 1.18
N ALA A 89 1.45 -11.29 0.24
CA ALA A 89 2.04 -10.87 -1.05
C ALA A 89 1.04 -10.08 -1.91
N ASN A 90 -0.25 -10.50 -1.88
CA ASN A 90 -1.33 -9.86 -2.66
C ASN A 90 -1.67 -8.47 -2.12
N ILE A 91 -1.69 -8.37 -0.78
CA ILE A 91 -1.93 -7.10 -0.05
C ILE A 91 -0.82 -6.09 -0.45
N LYS A 92 0.43 -6.60 -0.37
CA LYS A 92 1.65 -5.86 -0.69
C LYS A 92 1.66 -5.39 -2.15
N HIS A 93 1.12 -6.23 -3.05
CA HIS A 93 1.05 -5.94 -4.50
C HIS A 93 0.10 -4.75 -4.77
N ARG A 94 -1.03 -4.71 -4.03
CA ARG A 94 -1.98 -3.59 -4.11
C ARG A 94 -1.34 -2.27 -3.62
N LEU A 95 -0.66 -2.35 -2.47
CA LEU A 95 0.04 -1.19 -1.87
C LEU A 95 1.18 -0.69 -2.78
N ALA A 96 1.86 -1.65 -3.44
CA ALA A 96 3.00 -1.38 -4.34
C ALA A 96 2.57 -0.60 -5.58
N LEU A 97 1.52 -1.09 -6.26
CA LEU A 97 0.97 -0.45 -7.48
C LEU A 97 0.25 0.87 -7.15
N TRP A 98 -0.27 0.98 -5.92
CA TRP A 98 -0.91 2.22 -5.43
C TRP A 98 0.11 3.36 -5.35
N ILE A 99 1.15 3.13 -4.55
CA ILE A 99 2.19 4.13 -4.29
C ILE A 99 3.05 4.34 -5.56
N HIS A 100 3.12 3.30 -6.42
CA HIS A 100 3.76 3.42 -7.75
C HIS A 100 2.98 4.40 -8.62
N ALA A 101 1.64 4.30 -8.53
CA ALA A 101 0.70 5.19 -9.22
C ALA A 101 0.73 6.61 -8.61
N ALA A 102 1.06 6.68 -7.31
CA ALA A 102 1.17 7.95 -6.57
C ALA A 102 2.53 8.63 -6.81
N LEU A 103 3.58 7.83 -7.09
CA LEU A 103 4.93 8.31 -7.46
C LEU A 103 4.98 8.47 -8.99
N PRO A 104 4.77 9.70 -9.55
CA PRO A 104 4.66 9.91 -11.01
C PRO A 104 6.00 9.73 -11.72
N ASP A 105 7.10 9.85 -10.96
CA ASP A 105 8.48 9.66 -11.44
C ASP A 105 8.80 8.18 -11.63
N ASN A 106 8.08 7.31 -10.86
CA ASN A 106 8.28 5.84 -10.85
C ASN A 106 9.70 5.50 -10.36
N ASP A 107 10.19 6.31 -9.39
CA ASP A 107 11.52 6.16 -8.80
C ASP A 107 11.64 4.79 -8.08
N PRO A 108 12.79 4.05 -8.21
CA PRO A 108 13.01 2.74 -7.52
C PRO A 108 13.29 2.85 -6.00
N LEU A 109 13.02 4.03 -5.40
CA LEU A 109 13.07 4.29 -3.94
C LEU A 109 14.48 4.08 -3.35
N LYS A 110 15.52 4.45 -4.12
CA LYS A 110 16.94 4.27 -3.74
C LYS A 110 17.26 4.90 -2.37
N MET A 25 -4.56 -2.82 -22.62
CA MET A 25 -3.53 -1.78 -22.39
C MET A 25 -2.34 -2.38 -21.62
N SER A 26 -1.15 -1.79 -21.83
CA SER A 26 0.07 -2.17 -21.11
C SER A 26 0.10 -1.51 -19.73
N LYS A 27 0.87 -2.08 -18.77
CA LYS A 27 0.90 -1.60 -17.37
C LYS A 27 1.41 -0.14 -17.29
N THR A 28 2.28 0.24 -18.26
CA THR A 28 2.89 1.58 -18.40
C THR A 28 3.93 1.85 -17.29
N ALA A 29 3.45 1.87 -16.04
CA ALA A 29 4.32 1.90 -14.84
C ALA A 29 4.93 0.51 -14.61
N LYS A 30 6.27 0.45 -14.49
CA LYS A 30 7.02 -0.80 -14.17
C LYS A 30 6.77 -1.21 -12.70
N LEU A 31 7.68 -2.04 -12.13
CA LEU A 31 7.77 -2.30 -10.66
C LEU A 31 8.94 -3.26 -10.40
N ASN A 32 9.95 -2.79 -9.65
CA ASN A 32 11.18 -3.57 -9.37
C ASN A 32 11.13 -4.21 -7.96
N ASN A 33 11.46 -3.42 -6.93
CA ASN A 33 11.65 -3.92 -5.54
C ASN A 33 10.40 -3.63 -4.70
N GLU A 34 9.42 -4.55 -4.81
CA GLU A 34 8.07 -4.39 -4.23
C GLU A 34 8.10 -4.02 -2.74
N GLU A 35 8.98 -4.70 -1.97
CA GLU A 35 9.14 -4.50 -0.51
C GLU A 35 9.29 -3.02 -0.12
N LYS A 36 10.07 -2.27 -0.91
CA LYS A 36 10.34 -0.85 -0.66
C LYS A 36 9.09 0.01 -0.90
N LEU A 37 8.32 -0.37 -1.93
CA LEU A 37 7.05 0.30 -2.28
C LEU A 37 5.98 0.02 -1.20
N VAL A 38 6.00 -1.20 -0.65
CA VAL A 38 5.10 -1.62 0.45
C VAL A 38 5.35 -0.76 1.69
N LYS A 39 6.63 -0.64 2.08
CA LYS A 39 7.05 0.15 3.24
C LYS A 39 6.78 1.66 3.03
N LYS A 40 6.91 2.14 1.78
CA LYS A 40 6.59 3.53 1.43
C LYS A 40 5.06 3.76 1.46
N ALA A 41 4.29 2.70 1.21
CA ALA A 41 2.82 2.73 1.32
C ALA A 41 2.39 2.65 2.79
N LEU A 42 3.25 2.06 3.66
CA LEU A 42 3.03 2.08 5.12
C LEU A 42 3.26 3.50 5.65
N GLU A 43 4.23 4.21 5.04
CA GLU A 43 4.54 5.61 5.36
C GLU A 43 3.38 6.54 4.94
N ILE A 44 3.04 6.55 3.65
CA ILE A 44 2.02 7.46 3.09
C ILE A 44 0.61 7.03 3.51
N GLY A 45 0.31 5.74 3.40
CA GLY A 45 -0.97 5.19 3.83
C GLY A 45 -1.16 5.29 5.35
N GLY A 46 -0.05 5.15 6.10
CA GLY A 46 -0.08 5.25 7.56
C GLY A 46 -0.33 6.67 8.08
N LYS A 47 0.38 7.66 7.50
CA LYS A 47 0.24 9.09 7.92
C LYS A 47 -1.15 9.60 7.56
N MET A 48 -1.62 9.23 6.34
CA MET A 48 -2.94 9.62 5.85
C MET A 48 -4.04 9.01 6.73
N ALA A 49 -3.92 7.70 7.04
CA ALA A 49 -4.88 6.98 7.91
C ALA A 49 -5.02 7.68 9.26
N LYS A 50 -3.87 7.97 9.87
CA LYS A 50 -3.76 8.70 11.15
C LYS A 50 -4.62 9.99 11.11
N MET A 51 -4.34 10.83 10.10
CA MET A 51 -4.99 12.14 9.89
C MET A 51 -6.50 12.00 9.53
N GLN A 52 -6.85 10.90 8.84
CA GLN A 52 -8.24 10.58 8.46
C GLN A 52 -9.05 10.17 9.70
N GLY A 53 -8.34 9.72 10.74
CA GLY A 53 -8.94 9.40 12.05
C GLY A 53 -8.70 7.97 12.44
N PHE A 54 -7.42 7.54 12.32
CA PHE A 54 -7.01 6.14 12.64
C PHE A 54 -5.69 6.14 13.43
N ASP A 55 -5.25 4.93 13.81
CA ASP A 55 -3.94 4.67 14.41
C ASP A 55 -3.64 3.18 14.19
N LEU A 56 -2.77 2.91 13.22
CA LEU A 56 -2.52 1.53 12.73
C LEU A 56 -1.54 0.78 13.67
N PRO A 57 -1.81 -0.53 13.98
CA PRO A 57 -0.94 -1.36 14.86
C PRO A 57 0.48 -1.56 14.26
N GLN A 58 1.49 -1.65 15.13
CA GLN A 58 2.91 -1.65 14.73
C GLN A 58 3.58 -3.03 14.93
N SER A 59 3.75 -3.42 16.20
CA SER A 59 4.73 -4.45 16.64
C SER A 59 4.54 -5.89 16.06
N PRO A 60 3.30 -6.52 16.06
CA PRO A 60 3.14 -7.94 15.58
C PRO A 60 3.57 -8.18 14.10
N GLN A 61 3.69 -7.07 13.30
CA GLN A 61 4.31 -7.01 11.93
C GLN A 61 3.27 -6.98 10.73
N PRO A 62 2.56 -8.12 10.32
CA PRO A 62 1.73 -8.13 9.06
C PRO A 62 0.49 -7.22 9.15
N VAL A 63 0.19 -6.84 10.39
CA VAL A 63 -0.95 -5.99 10.75
C VAL A 63 -0.85 -4.61 10.10
N ARG A 64 0.39 -4.12 9.89
CA ARG A 64 0.66 -2.79 9.31
C ARG A 64 0.25 -2.79 7.84
N VAL A 65 0.80 -3.77 7.12
CA VAL A 65 0.63 -3.96 5.67
C VAL A 65 -0.87 -4.11 5.32
N LYS A 66 -1.57 -4.95 6.11
CA LYS A 66 -2.97 -5.28 5.88
C LYS A 66 -3.89 -4.11 6.34
N ALA A 67 -3.49 -3.38 7.40
CA ALA A 67 -4.26 -2.22 7.92
C ALA A 67 -4.26 -1.05 6.91
N VAL A 68 -3.09 -0.82 6.29
CA VAL A 68 -2.92 0.17 5.23
C VAL A 68 -3.80 -0.21 4.02
N TYR A 69 -3.77 -1.50 3.65
CA TYR A 69 -4.66 -2.07 2.61
C TYR A 69 -6.13 -1.72 2.87
N LEU A 70 -6.64 -2.04 4.09
CA LEU A 70 -8.04 -1.79 4.49
C LEU A 70 -8.39 -0.31 4.30
N PHE A 71 -7.53 0.55 4.86
CA PHE A 71 -7.66 2.02 4.77
C PHE A 71 -7.77 2.47 3.31
N LEU A 72 -6.86 1.99 2.45
CA LEU A 72 -6.79 2.38 1.04
C LEU A 72 -8.03 1.91 0.24
N VAL A 73 -8.59 0.74 0.60
CA VAL A 73 -9.82 0.23 -0.06
C VAL A 73 -11.02 1.12 0.33
N ASP A 74 -11.13 1.40 1.63
CA ASP A 74 -12.19 2.24 2.20
C ASP A 74 -12.06 3.72 1.76
N ALA A 75 -10.83 4.15 1.44
CA ALA A 75 -10.52 5.51 0.94
C ALA A 75 -10.51 5.54 -0.60
N LYS A 76 -10.89 4.38 -1.22
CA LYS A 76 -11.08 4.22 -2.70
C LYS A 76 -9.76 4.42 -3.49
N GLN A 77 -8.64 4.32 -2.78
CA GLN A 77 -7.29 4.41 -3.33
C GLN A 77 -6.96 3.16 -4.16
N ILE A 78 -7.38 1.98 -3.65
CA ILE A 78 -7.25 0.69 -4.35
C ILE A 78 -8.58 -0.08 -4.35
N ALA A 79 -8.62 -1.14 -5.16
CA ALA A 79 -9.72 -2.11 -5.20
C ALA A 79 -9.46 -3.21 -4.14
N PRO A 80 -10.51 -3.87 -3.60
CA PRO A 80 -10.34 -5.01 -2.67
C PRO A 80 -9.89 -6.29 -3.41
N LEU A 81 -9.17 -7.14 -2.69
CA LEU A 81 -8.82 -8.50 -3.12
C LEU A 81 -9.94 -9.47 -2.71
N PRO A 82 -10.08 -10.64 -3.40
CA PRO A 82 -11.01 -11.71 -2.95
C PRO A 82 -10.51 -12.40 -1.66
N ASP A 83 -11.44 -12.93 -0.85
CA ASP A 83 -11.12 -13.69 0.37
C ASP A 83 -10.42 -15.01 0.02
N SER A 84 -10.67 -15.48 -1.22
CA SER A 84 -9.97 -16.65 -1.80
C SER A 84 -8.45 -16.40 -1.82
N LYS A 85 -8.04 -15.16 -2.14
CA LYS A 85 -6.65 -14.73 -2.02
C LYS A 85 -6.44 -14.04 -0.65
N LEU A 86 -6.52 -12.68 -0.59
CA LEU A 86 -6.29 -11.86 0.63
C LEU A 86 -4.93 -12.21 1.30
N ASP A 87 -4.01 -12.77 0.50
CA ASP A 87 -2.70 -13.24 0.95
C ASP A 87 -1.80 -12.04 1.26
N GLY A 88 -0.91 -12.18 2.26
CA GLY A 88 -0.04 -11.10 2.72
C GLY A 88 0.79 -10.47 1.61
N ALA A 89 1.25 -11.30 0.65
CA ALA A 89 2.00 -10.83 -0.53
C ALA A 89 1.08 -10.14 -1.54
N ASN A 90 -0.17 -10.64 -1.68
CA ASN A 90 -1.19 -10.03 -2.58
C ASN A 90 -1.56 -8.61 -2.07
N ILE A 91 -1.59 -8.46 -0.74
CA ILE A 91 -1.79 -7.17 -0.06
C ILE A 91 -0.66 -6.19 -0.48
N LYS A 92 0.58 -6.73 -0.43
CA LYS A 92 1.80 -5.98 -0.77
C LYS A 92 1.78 -5.52 -2.24
N HIS A 93 1.19 -6.34 -3.14
CA HIS A 93 1.01 -5.98 -4.56
C HIS A 93 0.12 -4.72 -4.68
N ARG A 94 -1.03 -4.74 -3.97
CA ARG A 94 -1.97 -3.59 -3.93
C ARG A 94 -1.26 -2.29 -3.50
N LEU A 95 -0.53 -2.38 -2.37
CA LEU A 95 0.19 -1.25 -1.77
C LEU A 95 1.28 -0.69 -2.72
N ALA A 96 1.96 -1.61 -3.40
CA ALA A 96 3.11 -1.30 -4.25
C ALA A 96 2.71 -0.54 -5.52
N LEU A 97 1.73 -1.10 -6.28
CA LEU A 97 1.24 -0.45 -7.51
C LEU A 97 0.52 0.87 -7.18
N TRP A 98 -0.14 0.92 -6.00
CA TRP A 98 -0.79 2.14 -5.50
C TRP A 98 0.23 3.29 -5.39
N ILE A 99 1.27 3.07 -4.57
CA ILE A 99 2.27 4.10 -4.26
C ILE A 99 3.11 4.43 -5.51
N HIS A 100 3.23 3.46 -6.44
CA HIS A 100 3.97 3.67 -7.70
C HIS A 100 3.21 4.67 -8.59
N ALA A 101 1.87 4.58 -8.57
CA ALA A 101 0.98 5.55 -9.25
C ALA A 101 0.86 6.87 -8.46
N ALA A 102 0.97 6.79 -7.12
CA ALA A 102 0.82 7.95 -6.20
C ALA A 102 2.05 8.88 -6.26
N LEU A 103 3.22 8.29 -6.53
CA LEU A 103 4.46 9.04 -6.78
C LEU A 103 4.44 9.56 -8.24
N PRO A 104 4.39 10.93 -8.46
CA PRO A 104 4.31 11.52 -9.83
C PRO A 104 5.56 11.24 -10.70
N ASP A 105 6.70 11.01 -10.03
CA ASP A 105 7.98 10.69 -10.70
C ASP A 105 8.03 9.20 -11.11
N ASN A 106 7.09 8.40 -10.53
CA ASN A 106 6.98 6.94 -10.74
C ASN A 106 8.33 6.25 -10.44
N ASP A 107 8.85 6.58 -9.25
CA ASP A 107 10.19 6.16 -8.78
C ASP A 107 10.31 4.62 -8.71
N PRO A 108 11.49 4.02 -9.07
CA PRO A 108 11.73 2.58 -8.87
C PRO A 108 12.01 2.24 -7.38
N LEU A 109 12.22 3.31 -6.57
CA LEU A 109 12.66 3.24 -5.17
C LEU A 109 14.01 2.53 -5.07
N LYS A 110 14.83 2.68 -6.12
CA LYS A 110 16.19 2.15 -6.19
C LYS A 110 17.18 3.34 -6.20
N MET A 25 -1.62 3.05 -18.00
CA MET A 25 -1.67 4.47 -17.60
C MET A 25 -0.31 5.14 -17.88
N SER A 26 0.75 4.67 -17.17
CA SER A 26 2.11 5.23 -17.28
C SER A 26 3.16 4.16 -16.94
N LYS A 27 3.31 3.86 -15.61
CA LYS A 27 4.31 2.89 -15.08
C LYS A 27 5.71 3.17 -15.67
N THR A 28 6.21 4.39 -15.45
CA THR A 28 7.44 4.91 -16.06
C THR A 28 8.67 4.12 -15.57
N ALA A 29 8.80 3.97 -14.23
CA ALA A 29 9.85 3.12 -13.60
C ALA A 29 9.39 1.64 -13.47
N LYS A 30 8.29 1.31 -14.18
CA LYS A 30 7.67 -0.04 -14.26
C LYS A 30 7.20 -0.50 -12.86
N LEU A 31 8.17 -1.06 -12.08
CA LEU A 31 8.05 -1.53 -10.68
C LEU A 31 9.20 -2.53 -10.45
N ASN A 32 9.93 -2.40 -9.33
CA ASN A 32 11.01 -3.34 -8.96
C ASN A 32 11.26 -3.30 -7.44
N ASN A 33 11.54 -4.49 -6.88
CA ASN A 33 11.71 -4.72 -5.43
C ASN A 33 10.50 -4.20 -4.63
N GLU A 34 9.44 -5.02 -4.62
CA GLU A 34 8.14 -4.70 -4.01
C GLU A 34 8.30 -4.22 -2.55
N GLU A 35 9.31 -4.80 -1.85
CA GLU A 35 9.73 -4.42 -0.47
C GLU A 35 9.69 -2.89 -0.23
N LYS A 36 10.37 -2.14 -1.12
CA LYS A 36 10.49 -0.67 -1.04
C LYS A 36 9.11 0.00 -1.12
N LEU A 37 8.31 -0.49 -2.07
CA LEU A 37 6.97 0.05 -2.36
C LEU A 37 5.99 -0.21 -1.20
N VAL A 38 6.10 -1.39 -0.56
CA VAL A 38 5.30 -1.75 0.60
C VAL A 38 5.59 -0.78 1.76
N LYS A 39 6.90 -0.62 2.07
CA LYS A 39 7.38 0.27 3.14
C LYS A 39 6.85 1.71 2.98
N LYS A 40 6.97 2.26 1.75
CA LYS A 40 6.52 3.65 1.45
C LYS A 40 4.99 3.76 1.47
N ALA A 41 4.29 2.67 1.14
CA ALA A 41 2.82 2.61 1.24
C ALA A 41 2.37 2.57 2.71
N LEU A 42 3.23 2.02 3.58
CA LEU A 42 3.00 2.02 5.05
C LEU A 42 3.26 3.41 5.63
N GLU A 43 4.25 4.11 5.05
CA GLU A 43 4.61 5.49 5.43
C GLU A 43 3.47 6.46 5.06
N ILE A 44 3.12 6.47 3.77
CA ILE A 44 2.11 7.37 3.19
C ILE A 44 0.72 6.98 3.68
N GLY A 45 0.35 5.71 3.51
CA GLY A 45 -0.96 5.20 3.94
C GLY A 45 -1.15 5.25 5.45
N GLY A 46 -0.03 5.14 6.19
CA GLY A 46 -0.03 5.27 7.66
C GLY A 46 -0.30 6.70 8.12
N LYS A 47 0.39 7.69 7.50
CA LYS A 47 0.24 9.13 7.88
C LYS A 47 -1.10 9.69 7.36
N MET A 48 -1.57 9.14 6.23
CA MET A 48 -2.88 9.47 5.65
C MET A 48 -3.97 9.01 6.61
N ALA A 49 -3.88 7.72 7.03
CA ALA A 49 -4.79 7.13 8.04
C ALA A 49 -4.78 7.95 9.35
N LYS A 50 -3.56 8.34 9.77
CA LYS A 50 -3.33 9.20 10.96
C LYS A 50 -4.23 10.43 10.91
N MET A 51 -4.05 11.24 9.83
CA MET A 51 -4.74 12.52 9.61
C MET A 51 -6.26 12.34 9.41
N GLN A 52 -6.65 11.17 8.88
CA GLN A 52 -8.08 10.80 8.74
C GLN A 52 -8.69 10.48 10.12
N GLY A 53 -7.82 10.10 11.06
CA GLY A 53 -8.18 9.91 12.47
C GLY A 53 -7.98 8.50 12.92
N PHE A 54 -6.81 7.91 12.58
CA PHE A 54 -6.53 6.48 12.86
C PHE A 54 -5.11 6.26 13.41
N ASP A 55 -4.90 5.06 13.98
CA ASP A 55 -3.62 4.61 14.54
C ASP A 55 -3.45 3.10 14.26
N LEU A 56 -2.73 2.79 13.17
CA LEU A 56 -2.57 1.40 12.68
C LEU A 56 -1.48 0.67 13.50
N PRO A 57 -1.76 -0.60 14.01
CA PRO A 57 -0.85 -1.35 14.94
C PRO A 57 0.58 -1.52 14.37
N GLN A 58 1.54 -0.81 14.98
CA GLN A 58 2.92 -0.64 14.47
C GLN A 58 3.83 -1.85 14.76
N SER A 59 3.79 -2.33 16.01
CA SER A 59 4.78 -3.28 16.57
C SER A 59 4.85 -4.66 15.85
N PRO A 60 3.69 -5.39 15.55
CA PRO A 60 3.74 -6.75 14.93
C PRO A 60 4.44 -6.77 13.56
N GLN A 61 4.09 -5.77 12.69
CA GLN A 61 4.61 -5.52 11.29
C GLN A 61 3.65 -5.98 10.14
N PRO A 62 3.25 -7.31 9.96
CA PRO A 62 2.37 -7.72 8.81
C PRO A 62 0.95 -7.12 8.90
N VAL A 63 0.55 -6.77 10.13
CA VAL A 63 -0.75 -6.18 10.42
C VAL A 63 -0.83 -4.73 9.90
N ARG A 64 0.33 -4.03 9.84
CA ARG A 64 0.42 -2.67 9.27
C ARG A 64 0.03 -2.71 7.80
N VAL A 65 0.58 -3.71 7.11
CA VAL A 65 0.41 -3.92 5.68
C VAL A 65 -1.07 -4.09 5.31
N LYS A 66 -1.74 -4.99 6.04
CA LYS A 66 -3.16 -5.32 5.83
C LYS A 66 -4.06 -4.16 6.33
N ALA A 67 -3.60 -3.42 7.34
CA ALA A 67 -4.34 -2.25 7.91
C ALA A 67 -4.39 -1.07 6.90
N VAL A 68 -3.23 -0.79 6.30
CA VAL A 68 -3.08 0.25 5.26
C VAL A 68 -3.95 -0.12 4.05
N TYR A 69 -3.89 -1.41 3.67
CA TYR A 69 -4.76 -1.98 2.60
C TYR A 69 -6.24 -1.68 2.85
N LEU A 70 -6.75 -2.05 4.05
CA LEU A 70 -8.16 -1.84 4.44
C LEU A 70 -8.54 -0.36 4.34
N PHE A 71 -7.64 0.50 4.83
CA PHE A 71 -7.78 1.96 4.78
C PHE A 71 -7.92 2.45 3.31
N LEU A 72 -7.05 1.95 2.42
CA LEU A 72 -7.01 2.36 1.00
C LEU A 72 -8.23 1.86 0.21
N VAL A 73 -8.72 0.64 0.51
CA VAL A 73 -9.91 0.07 -0.14
C VAL A 73 -11.17 0.84 0.29
N ASP A 74 -11.22 1.19 1.58
CA ASP A 74 -12.30 2.00 2.18
C ASP A 74 -12.31 3.42 1.58
N ALA A 75 -11.10 3.96 1.35
CA ALA A 75 -10.90 5.30 0.77
C ALA A 75 -10.94 5.25 -0.78
N LYS A 76 -11.16 4.03 -1.33
CA LYS A 76 -11.36 3.74 -2.79
C LYS A 76 -10.10 4.07 -3.62
N GLN A 77 -8.94 4.15 -2.93
CA GLN A 77 -7.61 4.32 -3.54
C GLN A 77 -7.26 3.09 -4.39
N ILE A 78 -7.59 1.90 -3.85
CA ILE A 78 -7.42 0.61 -4.55
C ILE A 78 -8.72 -0.21 -4.49
N ALA A 79 -8.77 -1.24 -5.34
CA ALA A 79 -9.86 -2.23 -5.38
C ALA A 79 -9.57 -3.32 -4.32
N PRO A 80 -10.63 -3.97 -3.74
CA PRO A 80 -10.44 -5.10 -2.83
C PRO A 80 -9.90 -6.36 -3.55
N LEU A 81 -9.45 -7.31 -2.75
CA LEU A 81 -9.00 -8.62 -3.21
C LEU A 81 -10.08 -9.64 -2.81
N PRO A 82 -10.30 -10.72 -3.62
CA PRO A 82 -11.19 -11.82 -3.20
C PRO A 82 -10.62 -12.54 -1.95
N ASP A 83 -11.46 -13.34 -1.29
CA ASP A 83 -11.06 -14.18 -0.14
C ASP A 83 -9.87 -15.09 -0.50
N SER A 84 -9.91 -15.62 -1.73
CA SER A 84 -8.86 -16.49 -2.29
C SER A 84 -7.53 -15.75 -2.54
N LYS A 85 -7.57 -14.40 -2.58
CA LYS A 85 -6.37 -13.54 -2.77
C LYS A 85 -6.14 -12.61 -1.58
N LEU A 86 -6.73 -12.92 -0.42
CA LEU A 86 -6.54 -12.11 0.80
C LEU A 86 -5.37 -12.73 1.61
N ASP A 87 -4.16 -12.51 1.08
CA ASP A 87 -2.90 -12.98 1.65
C ASP A 87 -1.90 -11.84 1.66
N GLY A 88 -0.98 -11.84 2.65
CA GLY A 88 0.01 -10.78 2.88
C GLY A 88 0.77 -10.36 1.62
N ALA A 89 1.15 -11.33 0.75
CA ALA A 89 1.85 -11.05 -0.53
C ALA A 89 0.98 -10.20 -1.48
N ASN A 90 -0.28 -10.62 -1.63
CA ASN A 90 -1.25 -9.97 -2.55
C ASN A 90 -1.66 -8.58 -2.03
N ILE A 91 -1.70 -8.45 -0.68
CA ILE A 91 -1.91 -7.16 0.01
C ILE A 91 -0.78 -6.18 -0.35
N LYS A 92 0.48 -6.67 -0.19
CA LYS A 92 1.72 -5.93 -0.49
C LYS A 92 1.75 -5.47 -1.95
N HIS A 93 1.16 -6.29 -2.84
CA HIS A 93 1.10 -6.01 -4.29
C HIS A 93 0.13 -4.85 -4.58
N ARG A 94 -1.03 -4.85 -3.88
CA ARG A 94 -2.01 -3.74 -3.92
C ARG A 94 -1.34 -2.42 -3.51
N LEU A 95 -0.60 -2.49 -2.39
CA LEU A 95 0.13 -1.34 -1.82
C LEU A 95 1.25 -0.87 -2.76
N ALA A 96 1.87 -1.84 -3.45
CA ALA A 96 3.01 -1.60 -4.36
C ALA A 96 2.60 -0.72 -5.55
N LEU A 97 1.59 -1.19 -6.32
CA LEU A 97 1.11 -0.46 -7.50
C LEU A 97 0.37 0.82 -7.09
N TRP A 98 -0.26 0.84 -5.88
CA TRP A 98 -0.90 2.04 -5.34
C TRP A 98 0.12 3.18 -5.22
N ILE A 99 1.18 2.93 -4.42
CA ILE A 99 2.17 3.95 -4.08
C ILE A 99 2.99 4.33 -5.32
N HIS A 100 3.17 3.37 -6.25
CA HIS A 100 3.91 3.61 -7.50
C HIS A 100 3.10 4.57 -8.42
N ALA A 101 1.76 4.47 -8.33
CA ALA A 101 0.84 5.38 -9.04
C ALA A 101 0.60 6.68 -8.23
N ALA A 102 0.78 6.61 -6.90
CA ALA A 102 0.56 7.76 -5.99
C ALA A 102 1.74 8.74 -6.07
N LEU A 103 2.94 8.19 -6.32
CA LEU A 103 4.16 8.97 -6.60
C LEU A 103 4.01 9.65 -7.99
N PRO A 104 4.07 11.03 -8.05
CA PRO A 104 3.90 11.81 -9.32
C PRO A 104 4.75 11.28 -10.50
N ASP A 105 6.04 11.08 -10.24
CA ASP A 105 7.01 10.64 -11.27
C ASP A 105 6.99 9.12 -11.49
N ASN A 106 6.17 8.41 -10.68
CA ASN A 106 6.13 6.92 -10.61
C ASN A 106 7.53 6.42 -10.22
N ASP A 107 8.06 7.07 -9.17
CA ASP A 107 9.46 6.99 -8.71
C ASP A 107 9.91 5.53 -8.42
N PRO A 108 11.24 5.21 -8.60
CA PRO A 108 11.76 3.83 -8.37
C PRO A 108 12.06 3.52 -6.88
N LEU A 109 11.86 4.53 -6.00
CA LEU A 109 12.04 4.43 -4.53
C LEU A 109 13.49 4.11 -4.10
N LYS A 110 14.45 4.37 -5.01
CA LYS A 110 15.88 4.12 -4.77
C LYS A 110 16.42 5.23 -3.82
#